data_4CJL
# 
_entry.id   4CJL 
# 
_audit_conform.dict_name       mmcif_pdbx.dic 
_audit_conform.dict_version    5.383 
_audit_conform.dict_location   http://mmcif.pdb.org/dictionaries/ascii/mmcif_pdbx.dic 
# 
loop_
_database_2.database_id 
_database_2.database_code 
_database_2.pdbx_database_accession 
_database_2.pdbx_DOI 
PDB   4CJL         pdb_00004cjl 10.2210/pdb4cjl/pdb 
PDBE  EBI-59288    ?            ?                   
WWPDB D_1290059288 ?            ?                   
# 
loop_
_pdbx_database_related.db_name 
_pdbx_database_related.db_id 
_pdbx_database_related.content_type 
_pdbx_database_related.details 
PDB 4CJ3 unspecified 'INTERROGATING HIV INTEGRASE FOR COMPOUNDS THAT BIND- A SAMPL CHALLENGE' 
PDB 4CJ4 unspecified 'INTERROGATING HIV INTEGRASE FOR COMPOUNDS THAT BIND- A SAMPL CHALLENGE' 
PDB 4CJ5 unspecified 'INTERROGATING HIV INTEGRASE FOR COMPOUNDS THAT BIND- A SAMPL CHALLENGE' 
PDB 4CJE unspecified 'INTERROGATING HIV INTEGRASE FOR COMPOUNDS THAT BIND- A SAMPL CHALLENGE' 
PDB 4CJF unspecified 'INTERROGATING HIV INTEGRASE FOR COMPOUNDS THAT BIND- A SAMPL CHALLENGE' 
PDB 4CJK unspecified 'INTERROGATING HIV INTEGRASE FOR COMPOUNDS THAT BIND- A SAMPL CHALLENGE' 
PDB 4CJP unspecified 'INTERROGATING HIV INTEGRASE FOR COMPOUNDS THAT BIND- A SAMPL CHALLENGE' 
PDB 4CJQ unspecified 'INTERROGATING HIV INTEGRASE FOR COMPOUNDS THAT BIND- A SAMPL CHALLENGE' 
PDB 4CJR unspecified 'INTERROGATING HIV INTEGRASE FOR COMPOUNDS THAT BIND- A SAMPL CHALLENGE' 
PDB 4CJS unspecified 'INTERROGATING HIV INTEGRASE FOR COMPOUNDS THAT BIND- A SAMPL CHALLENGE' 
PDB 4CJT unspecified 'INTERROGATING HIV INTEGRASE FOR COMPOUNDS THAT BIND- A SAMPL CHALLENGE' 
PDB 4CJU unspecified 'INTERROGATING HIV INTEGRASE FOR COMPOUNDS THAT BIND- A SAMPL CHALLENGE' 
PDB 4CJV unspecified 'INTERROGATING HIV INTEGRASE FOR COMPOUNDS THAT BIND- A SAMPL CHALLENGE' 
PDB 4CJW unspecified 'INTERROGATING HIV INTEGRASE FOR COMPOUNDS THAT BIND- A SAMPL CHALLENGE' 
# 
_pdbx_database_status.status_code                     REL 
_pdbx_database_status.entry_id                        4CJL 
_pdbx_database_status.deposit_site                    PDBE 
_pdbx_database_status.process_site                    PDBE 
_pdbx_database_status.SG_entry                        . 
_pdbx_database_status.recvd_initial_deposition_date   2013-12-21 
_pdbx_database_status.pdb_format_compatible           Y 
_pdbx_database_status.status_code_sf                  REL 
_pdbx_database_status.status_code_mr                  ? 
_pdbx_database_status.status_code_cs                  ? 
_pdbx_database_status.methods_development_category    ? 
_pdbx_database_status.status_code_nmr_data            ? 
# 
_audit_author.name           'Peat, T.S.' 
_audit_author.pdbx_ordinal   1 
# 
_citation.id                        primary 
_citation.title                     'Interrogating HIV Integrase for Compounds that Bind- a Sampl Challenge.' 
_citation.journal_abbrev            'J.Comput.Aided Mol.Des.' 
_citation.journal_volume            28 
_citation.page_first                347 
_citation.page_last                 ? 
_citation.year                      2014 
_citation.journal_id_ASTM           ? 
_citation.country                   NE 
_citation.journal_id_ISSN           0920-654X 
_citation.journal_id_CSD            ? 
_citation.book_publisher            ? 
_citation.pdbx_database_id_PubMed   24532034 
_citation.pdbx_database_id_DOI      10.1007/S10822-014-9721-7 
# 
loop_
_citation_author.citation_id 
_citation_author.name 
_citation_author.ordinal 
_citation_author.identifier_ORCID 
primary 'Peat, T.S.'    1 ? 
primary 'Dolezal, O.'   2 ? 
primary 'Newman, J.'    3 ? 
primary 'Mobley, D.'    4 ? 
primary 'Deadman, J.J.' 5 ? 
# 
_cell.entry_id           4CJL 
_cell.length_a           72.028 
_cell.length_b           72.028 
_cell.length_c           66.460 
_cell.angle_alpha        90.00 
_cell.angle_beta         90.00 
_cell.angle_gamma        120.00 
_cell.Z_PDB              6 
_cell.pdbx_unique_axis   ? 
# 
_symmetry.entry_id                         4CJL 
_symmetry.space_group_name_H-M             'P 31 2 1' 
_symmetry.pdbx_full_space_group_name_H-M   ? 
_symmetry.cell_setting                     ? 
_symmetry.Int_Tables_number                152 
# 
loop_
_entity.id 
_entity.type 
_entity.src_method 
_entity.pdbx_description 
_entity.formula_weight 
_entity.pdbx_number_of_molecules 
_entity.pdbx_ec 
_entity.pdbx_mutation 
_entity.pdbx_fragment 
_entity.details 
1 polymer     man INTEGRASE                                                                                        20044.672 1  
2.7.7.7 YES 'CATALYTIC DOMAIN, RESIDUES 50-212' ? 
2 non-polymer syn 'SULFATE ION'                                                                                    96.063    3  ? 
?   ?                                   ? 
3 non-polymer syn 'CHLORIDE ION'                                                                                   35.453    1  ? 
?   ?                                   ? 
4 non-polymer syn 'ACETATE ION'                                                                                    59.044    1  ? 
?   ?                                   ? 
5 non-polymer syn '5-[(2S)-2-{[(5-aminopentanoyl)amino]methyl}-4-methylpentyl]-1,3-benzodioxole-4-carboxylic acid' 378.463   1  ? 
?   ?                                   ? 
6 water       nat water                                                                                            18.015    62 ? 
?   ?                                   ? 
# 
_entity_poly.entity_id                      1 
_entity_poly.type                           'polypeptide(L)' 
_entity_poly.nstd_linkage                   no 
_entity_poly.nstd_monomer                   no 
_entity_poly.pdbx_seq_one_letter_code       
;MGSSHHHHHHSSGLVPRGSHMHGQVDSSPGIWQLDCTHLEGKVILVAVHVASGYIEAEVIPAETGQETAYFLLKLAGRWP
VKTVHTDNGSNFTSTTVKAACWWAGIKQEDGIPYNPQSQGVIESMNKELKKIIGQVRDQAEHLKTAVQMAVFIHNHKRKG
GIGGYSAGERIVDIIATDIQTKE
;
_entity_poly.pdbx_seq_one_letter_code_can   
;MGSSHHHHHHSSGLVPRGSHMHGQVDSSPGIWQLDCTHLEGKVILVAVHVASGYIEAEVIPAETGQETAYFLLKLAGRWP
VKTVHTDNGSNFTSTTVKAACWWAGIKQEDGIPYNPQSQGVIESMNKELKKIIGQVRDQAEHLKTAVQMAVFIHNHKRKG
GIGGYSAGERIVDIIATDIQTKE
;
_entity_poly.pdbx_strand_id                 A 
_entity_poly.pdbx_target_identifier         ? 
# 
loop_
_entity_poly_seq.entity_id 
_entity_poly_seq.num 
_entity_poly_seq.mon_id 
_entity_poly_seq.hetero 
1 1   MET n 
1 2   GLY n 
1 3   SER n 
1 4   SER n 
1 5   HIS n 
1 6   HIS n 
1 7   HIS n 
1 8   HIS n 
1 9   HIS n 
1 10  HIS n 
1 11  SER n 
1 12  SER n 
1 13  GLY n 
1 14  LEU n 
1 15  VAL n 
1 16  PRO n 
1 17  ARG n 
1 18  GLY n 
1 19  SER n 
1 20  HIS n 
1 21  MET n 
1 22  HIS n 
1 23  GLY n 
1 24  GLN n 
1 25  VAL n 
1 26  ASP n 
1 27  SER n 
1 28  SER n 
1 29  PRO n 
1 30  GLY n 
1 31  ILE n 
1 32  TRP n 
1 33  GLN n 
1 34  LEU n 
1 35  ASP n 
1 36  CYS n 
1 37  THR n 
1 38  HIS n 
1 39  LEU n 
1 40  GLU n 
1 41  GLY n 
1 42  LYS n 
1 43  VAL n 
1 44  ILE n 
1 45  LEU n 
1 46  VAL n 
1 47  ALA n 
1 48  VAL n 
1 49  HIS n 
1 50  VAL n 
1 51  ALA n 
1 52  SER n 
1 53  GLY n 
1 54  TYR n 
1 55  ILE n 
1 56  GLU n 
1 57  ALA n 
1 58  GLU n 
1 59  VAL n 
1 60  ILE n 
1 61  PRO n 
1 62  ALA n 
1 63  GLU n 
1 64  THR n 
1 65  GLY n 
1 66  GLN n 
1 67  GLU n 
1 68  THR n 
1 69  ALA n 
1 70  TYR n 
1 71  PHE n 
1 72  LEU n 
1 73  LEU n 
1 74  LYS n 
1 75  LEU n 
1 76  ALA n 
1 77  GLY n 
1 78  ARG n 
1 79  TRP n 
1 80  PRO n 
1 81  VAL n 
1 82  LYS n 
1 83  THR n 
1 84  VAL n 
1 85  HIS n 
1 86  THR n 
1 87  ASP n 
1 88  ASN n 
1 89  GLY n 
1 90  SER n 
1 91  ASN n 
1 92  PHE n 
1 93  THR n 
1 94  SER n 
1 95  THR n 
1 96  THR n 
1 97  VAL n 
1 98  LYS n 
1 99  ALA n 
1 100 ALA n 
1 101 CYS n 
1 102 TRP n 
1 103 TRP n 
1 104 ALA n 
1 105 GLY n 
1 106 ILE n 
1 107 LYS n 
1 108 GLN n 
1 109 GLU n 
1 110 ASP n 
1 111 GLY n 
1 112 ILE n 
1 113 PRO n 
1 114 TYR n 
1 115 ASN n 
1 116 PRO n 
1 117 GLN n 
1 118 SER n 
1 119 GLN n 
1 120 GLY n 
1 121 VAL n 
1 122 ILE n 
1 123 GLU n 
1 124 SER n 
1 125 MET n 
1 126 ASN n 
1 127 LYS n 
1 128 GLU n 
1 129 LEU n 
1 130 LYS n 
1 131 LYS n 
1 132 ILE n 
1 133 ILE n 
1 134 GLY n 
1 135 GLN n 
1 136 VAL n 
1 137 ARG n 
1 138 ASP n 
1 139 GLN n 
1 140 ALA n 
1 141 GLU n 
1 142 HIS n 
1 143 LEU n 
1 144 LYS n 
1 145 THR n 
1 146 ALA n 
1 147 VAL n 
1 148 GLN n 
1 149 MET n 
1 150 ALA n 
1 151 VAL n 
1 152 PHE n 
1 153 ILE n 
1 154 HIS n 
1 155 ASN n 
1 156 HIS n 
1 157 LYS n 
1 158 ARG n 
1 159 LYS n 
1 160 GLY n 
1 161 GLY n 
1 162 ILE n 
1 163 GLY n 
1 164 GLY n 
1 165 TYR n 
1 166 SER n 
1 167 ALA n 
1 168 GLY n 
1 169 GLU n 
1 170 ARG n 
1 171 ILE n 
1 172 VAL n 
1 173 ASP n 
1 174 ILE n 
1 175 ILE n 
1 176 ALA n 
1 177 THR n 
1 178 ASP n 
1 179 ILE n 
1 180 GLN n 
1 181 THR n 
1 182 LYS n 
1 183 GLU n 
# 
_entity_src_gen.entity_id                          1 
_entity_src_gen.pdbx_src_id                        1 
_entity_src_gen.pdbx_alt_source_flag               sample 
_entity_src_gen.pdbx_seq_type                      ? 
_entity_src_gen.pdbx_beg_seq_num                   ? 
_entity_src_gen.pdbx_end_seq_num                   ? 
_entity_src_gen.gene_src_common_name               ? 
_entity_src_gen.gene_src_genus                     ? 
_entity_src_gen.pdbx_gene_src_gene                 ? 
_entity_src_gen.gene_src_species                   ? 
_entity_src_gen.gene_src_strain                    ? 
_entity_src_gen.gene_src_tissue                    ? 
_entity_src_gen.gene_src_tissue_fraction           ? 
_entity_src_gen.gene_src_details                   ? 
_entity_src_gen.pdbx_gene_src_fragment             ? 
_entity_src_gen.pdbx_gene_src_scientific_name      'HUMAN IMMUNODEFICIENCY VIRUS 1' 
_entity_src_gen.pdbx_gene_src_ncbi_taxonomy_id     11676 
_entity_src_gen.pdbx_gene_src_variant              ? 
_entity_src_gen.pdbx_gene_src_cell_line            ? 
_entity_src_gen.pdbx_gene_src_atcc                 ? 
_entity_src_gen.pdbx_gene_src_organ                ? 
_entity_src_gen.pdbx_gene_src_organelle            ? 
_entity_src_gen.pdbx_gene_src_cell                 ? 
_entity_src_gen.pdbx_gene_src_cellular_location    ? 
_entity_src_gen.host_org_common_name               ? 
_entity_src_gen.pdbx_host_org_scientific_name      'ESCHERICHIA COLI' 
_entity_src_gen.pdbx_host_org_ncbi_taxonomy_id     511693 
_entity_src_gen.host_org_genus                     ? 
_entity_src_gen.pdbx_host_org_gene                 ? 
_entity_src_gen.pdbx_host_org_organ                ? 
_entity_src_gen.host_org_species                   ? 
_entity_src_gen.pdbx_host_org_tissue               ? 
_entity_src_gen.pdbx_host_org_tissue_fraction      ? 
_entity_src_gen.pdbx_host_org_strain               BL21 
_entity_src_gen.pdbx_host_org_variant              ? 
_entity_src_gen.pdbx_host_org_cell_line            ? 
_entity_src_gen.pdbx_host_org_atcc                 ? 
_entity_src_gen.pdbx_host_org_culture_collection   ? 
_entity_src_gen.pdbx_host_org_cell                 ? 
_entity_src_gen.pdbx_host_org_organelle            ? 
_entity_src_gen.pdbx_host_org_cellular_location    ? 
_entity_src_gen.pdbx_host_org_vector_type          PLASMID 
_entity_src_gen.pdbx_host_org_vector               ? 
_entity_src_gen.host_org_details                   ? 
_entity_src_gen.expression_system_id               ? 
_entity_src_gen.plasmid_name                       PET 
_entity_src_gen.plasmid_details                    ? 
_entity_src_gen.pdbx_description                   ? 
# 
_struct_ref.id                         1 
_struct_ref.db_name                    UNP 
_struct_ref.db_code                    Q76353_9HIV1 
_struct_ref.entity_id                  1 
_struct_ref.pdbx_seq_one_letter_code   ? 
_struct_ref.pdbx_align_begin           ? 
_struct_ref.pdbx_db_accession          Q76353 
_struct_ref.pdbx_db_isoform            ? 
# 
_struct_ref_seq.align_id                      1 
_struct_ref_seq.ref_id                        1 
_struct_ref_seq.pdbx_PDB_id_code              4CJL 
_struct_ref_seq.pdbx_strand_id                A 
_struct_ref_seq.seq_align_beg                 21 
_struct_ref_seq.pdbx_seq_align_beg_ins_code   ? 
_struct_ref_seq.seq_align_end                 183 
_struct_ref_seq.pdbx_seq_align_end_ins_code   ? 
_struct_ref_seq.pdbx_db_accession             Q76353 
_struct_ref_seq.db_align_beg                  50 
_struct_ref_seq.pdbx_db_align_beg_ins_code    ? 
_struct_ref_seq.db_align_end                  212 
_struct_ref_seq.pdbx_db_align_end_ins_code    ? 
_struct_ref_seq.pdbx_auth_seq_align_beg       50 
_struct_ref_seq.pdbx_auth_seq_align_end       212 
# 
loop_
_struct_ref_seq_dif.align_id 
_struct_ref_seq_dif.pdbx_pdb_id_code 
_struct_ref_seq_dif.mon_id 
_struct_ref_seq_dif.pdbx_pdb_strand_id 
_struct_ref_seq_dif.seq_num 
_struct_ref_seq_dif.pdbx_pdb_ins_code 
_struct_ref_seq_dif.pdbx_seq_db_name 
_struct_ref_seq_dif.pdbx_seq_db_accession_code 
_struct_ref_seq_dif.db_mon_id 
_struct_ref_seq_dif.pdbx_seq_db_seq_num 
_struct_ref_seq_dif.details 
_struct_ref_seq_dif.pdbx_auth_seq_num 
_struct_ref_seq_dif.pdbx_ordinal 
1 4CJL MET A 1   ? UNP Q76353 ?   ?   'expression tag'      30  1  
1 4CJL GLY A 2   ? UNP Q76353 ?   ?   'expression tag'      31  2  
1 4CJL SER A 3   ? UNP Q76353 ?   ?   'expression tag'      32  3  
1 4CJL SER A 4   ? UNP Q76353 ?   ?   'expression tag'      33  4  
1 4CJL HIS A 5   ? UNP Q76353 ?   ?   'expression tag'      34  5  
1 4CJL HIS A 6   ? UNP Q76353 ?   ?   'expression tag'      35  6  
1 4CJL HIS A 7   ? UNP Q76353 ?   ?   'expression tag'      36  7  
1 4CJL HIS A 8   ? UNP Q76353 ?   ?   'expression tag'      37  8  
1 4CJL HIS A 9   ? UNP Q76353 ?   ?   'expression tag'      38  9  
1 4CJL HIS A 10  ? UNP Q76353 ?   ?   'expression tag'      39  10 
1 4CJL SER A 11  ? UNP Q76353 ?   ?   'expression tag'      40  11 
1 4CJL SER A 12  ? UNP Q76353 ?   ?   'expression tag'      41  12 
1 4CJL GLY A 13  ? UNP Q76353 ?   ?   'expression tag'      42  13 
1 4CJL LEU A 14  ? UNP Q76353 ?   ?   'expression tag'      43  14 
1 4CJL VAL A 15  ? UNP Q76353 ?   ?   'expression tag'      44  15 
1 4CJL PRO A 16  ? UNP Q76353 ?   ?   'expression tag'      45  16 
1 4CJL ARG A 17  ? UNP Q76353 ?   ?   'expression tag'      46  17 
1 4CJL GLY A 18  ? UNP Q76353 ?   ?   'expression tag'      47  18 
1 4CJL SER A 19  ? UNP Q76353 ?   ?   'expression tag'      48  19 
1 4CJL HIS A 20  ? UNP Q76353 ?   ?   'expression tag'      49  20 
1 4CJL SER A 27  ? UNP Q76353 CYS 56  'engineered mutation' 56  21 
1 4CJL ASP A 110 ? UNP Q76353 PHE 139 'engineered mutation' 139 22 
1 4CJL HIS A 156 ? UNP Q76353 PHE 185 'engineered mutation' 185 23 
# 
loop_
_chem_comp.id 
_chem_comp.type 
_chem_comp.mon_nstd_flag 
_chem_comp.name 
_chem_comp.pdbx_synonyms 
_chem_comp.formula 
_chem_comp.formula_weight 
9PA non-polymer         . '5-[(2S)-2-{[(5-aminopentanoyl)amino]methyl}-4-methylpentyl]-1,3-benzodioxole-4-carboxylic acid' ? 
'C20 H30 N2 O5'  378.463 
ACT non-polymer         . 'ACETATE ION'                                                                                    ? 
'C2 H3 O2 -1'    59.044  
ALA 'L-peptide linking' y ALANINE                                                                                          ? 
'C3 H7 N O2'     89.093  
ARG 'L-peptide linking' y ARGININE                                                                                         ? 
'C6 H15 N4 O2 1' 175.209 
ASN 'L-peptide linking' y ASPARAGINE                                                                                       ? 
'C4 H8 N2 O3'    132.118 
ASP 'L-peptide linking' y 'ASPARTIC ACID'                                                                                  ? 
'C4 H7 N O4'     133.103 
CL  non-polymer         . 'CHLORIDE ION'                                                                                   ? 
'Cl -1'          35.453  
CYS 'L-peptide linking' y CYSTEINE                                                                                         ? 
'C3 H7 N O2 S'   121.158 
GLN 'L-peptide linking' y GLUTAMINE                                                                                        ? 
'C5 H10 N2 O3'   146.144 
GLU 'L-peptide linking' y 'GLUTAMIC ACID'                                                                                  ? 
'C5 H9 N O4'     147.129 
GLY 'peptide linking'   y GLYCINE                                                                                          ? 
'C2 H5 N O2'     75.067  
HIS 'L-peptide linking' y HISTIDINE                                                                                        ? 
'C6 H10 N3 O2 1' 156.162 
HOH non-polymer         . WATER                                                                                            ? 
'H2 O'           18.015  
ILE 'L-peptide linking' y ISOLEUCINE                                                                                       ? 
'C6 H13 N O2'    131.173 
LEU 'L-peptide linking' y LEUCINE                                                                                          ? 
'C6 H13 N O2'    131.173 
LYS 'L-peptide linking' y LYSINE                                                                                           ? 
'C6 H15 N2 O2 1' 147.195 
MET 'L-peptide linking' y METHIONINE                                                                                       ? 
'C5 H11 N O2 S'  149.211 
PHE 'L-peptide linking' y PHENYLALANINE                                                                                    ? 
'C9 H11 N O2'    165.189 
PRO 'L-peptide linking' y PROLINE                                                                                          ? 
'C5 H9 N O2'     115.130 
SER 'L-peptide linking' y SERINE                                                                                           ? 
'C3 H7 N O3'     105.093 
SO4 non-polymer         . 'SULFATE ION'                                                                                    ? 
'O4 S -2'        96.063  
THR 'L-peptide linking' y THREONINE                                                                                        ? 
'C4 H9 N O3'     119.119 
TRP 'L-peptide linking' y TRYPTOPHAN                                                                                       ? 
'C11 H12 N2 O2'  204.225 
TYR 'L-peptide linking' y TYROSINE                                                                                         ? 
'C9 H11 N O3'    181.189 
VAL 'L-peptide linking' y VALINE                                                                                           ? 
'C5 H11 N O2'    117.146 
# 
_exptl.entry_id          4CJL 
_exptl.method            'X-RAY DIFFRACTION' 
_exptl.crystals_number   1 
# 
_exptl_crystal.id                    1 
_exptl_crystal.density_meas          ? 
_exptl_crystal.density_Matthews      2.95 
_exptl_crystal.density_percent_sol   58 
_exptl_crystal.description           NONE 
# 
_exptl_crystal_grow.crystal_id      1 
_exptl_crystal_grow.method          ? 
_exptl_crystal_grow.temp            ? 
_exptl_crystal_grow.temp_details    ? 
_exptl_crystal_grow.pH              5.5 
_exptl_crystal_grow.pdbx_pH_range   ? 
_exptl_crystal_grow.pdbx_details    
;THE PROTEIN WAS CONCENTRATED TO 5.5 MG/ML IN 40 MM TRIS PH 8.0, 250 MM NACL, 30 MM MGCL2, 5 MM DTT AND SET UP IN A 1:1 RATIO WITH 1.6 TO 2.0 M AMMONIUM SULFATE, 100 MM SODIUM ACETATE BUFFER PH 5.0 TO 5.5.
;
# 
_diffrn.id                     1 
_diffrn.ambient_temp           100 
_diffrn.ambient_temp_details   ? 
_diffrn.crystal_id             1 
# 
_diffrn_detector.diffrn_id              1 
_diffrn_detector.detector               CCD 
_diffrn_detector.type                   'ADSC CCD' 
_diffrn_detector.pdbx_collection_date   2009-03-31 
_diffrn_detector.details                ? 
# 
_diffrn_radiation.diffrn_id                        1 
_diffrn_radiation.wavelength_id                    1 
_diffrn_radiation.pdbx_monochromatic_or_laue_m_l   M 
_diffrn_radiation.monochromator                    ? 
_diffrn_radiation.pdbx_diffrn_protocol             'SINGLE WAVELENGTH' 
_diffrn_radiation.pdbx_scattering_type             x-ray 
# 
_diffrn_radiation_wavelength.id           1 
_diffrn_radiation_wavelength.wavelength   0.97946 
_diffrn_radiation_wavelength.wt           1.0 
# 
_diffrn_source.diffrn_id                   1 
_diffrn_source.source                      SYNCHROTRON 
_diffrn_source.type                        'AUSTRALIAN SYNCHROTRON BEAMLINE MX1' 
_diffrn_source.pdbx_synchrotron_site       'Australian Synchrotron' 
_diffrn_source.pdbx_synchrotron_beamline   MX1 
_diffrn_source.pdbx_wavelength             0.97946 
_diffrn_source.pdbx_wavelength_list        ? 
# 
_reflns.pdbx_diffrn_id               1 
_reflns.pdbx_ordinal                 1 
_reflns.entry_id                     4CJL 
_reflns.observed_criterion_sigma_I   0.0 
_reflns.observed_criterion_sigma_F   ? 
_reflns.d_resolution_low             45.50 
_reflns.d_resolution_high            1.77 
_reflns.number_obs                   19853 
_reflns.number_all                   ? 
_reflns.percent_possible_obs         100.0 
_reflns.pdbx_Rmerge_I_obs            0.06 
_reflns.pdbx_Rsym_value              ? 
_reflns.pdbx_netI_over_sigmaI        25.60 
_reflns.B_iso_Wilson_estimate        ? 
_reflns.pdbx_redundancy              10.7 
# 
_reflns_shell.pdbx_diffrn_id         1 
_reflns_shell.pdbx_ordinal           1 
_reflns_shell.d_res_high             1.77 
_reflns_shell.d_res_low              1.87 
_reflns_shell.percent_possible_all   100.0 
_reflns_shell.Rmerge_I_obs           0.85 
_reflns_shell.pdbx_Rsym_value        ? 
_reflns_shell.meanI_over_sigI_obs    2.80 
_reflns_shell.pdbx_redundancy        10.6 
# 
_refine.pdbx_refine_id                           'X-RAY DIFFRACTION' 
_refine.entry_id                                 4CJL 
_refine.pdbx_diffrn_id                           1 
_refine.pdbx_TLS_residual_ADP_flag               ? 
_refine.ls_number_reflns_obs                     18768 
_refine.ls_number_reflns_all                     ? 
_refine.pdbx_ls_sigma_I                          ? 
_refine.pdbx_ls_sigma_F                          . 
_refine.pdbx_data_cutoff_high_absF               ? 
_refine.pdbx_data_cutoff_low_absF                ? 
_refine.pdbx_data_cutoff_high_rms_absF           ? 
_refine.ls_d_res_low                             45.52 
_refine.ls_d_res_high                            1.77 
_refine.ls_percent_reflns_obs                    99.58 
_refine.ls_R_factor_obs                          0.20766 
_refine.ls_R_factor_all                          ? 
_refine.ls_R_factor_R_work                       0.20657 
_refine.ls_R_factor_R_free                       0.22897 
_refine.ls_R_factor_R_free_error                 ? 
_refine.ls_R_factor_R_free_error_details         ? 
_refine.ls_percent_reflns_R_free                 5.0 
_refine.ls_number_reflns_R_free                  985 
_refine.ls_number_parameters                     ? 
_refine.ls_number_restraints                     ? 
_refine.occupancy_min                            ? 
_refine.occupancy_max                            ? 
_refine.correlation_coeff_Fo_to_Fc               0.954 
_refine.correlation_coeff_Fo_to_Fc_free          0.941 
_refine.B_iso_mean                               33.624 
_refine.aniso_B[1][1]                            0.08 
_refine.aniso_B[2][2]                            0.08 
_refine.aniso_B[3][3]                            -0.25 
_refine.aniso_B[1][2]                            0.08 
_refine.aniso_B[1][3]                            0.00 
_refine.aniso_B[2][3]                            0.00 
_refine.solvent_model_details                    MASK 
_refine.solvent_model_param_ksol                 ? 
_refine.solvent_model_param_bsol                 ? 
_refine.pdbx_solvent_vdw_probe_radii             1.20 
_refine.pdbx_solvent_ion_probe_radii             0.80 
_refine.pdbx_solvent_shrinkage_radii             0.80 
_refine.pdbx_ls_cross_valid_method               THROUGHOUT 
_refine.details                                  'HYDROGENS HAVE BEEN ADDED IN THE RIDING POSITIONS. U VALUES REFINED INDIVIDUALLY' 
_refine.pdbx_starting_model                      'PDB ENTRY 3ZSQ' 
_refine.pdbx_method_to_determine_struct          'MOLECULAR REPLACEMENT' 
_refine.pdbx_isotropic_thermal_model             ? 
_refine.pdbx_stereochemistry_target_values       'MAXIMUM LIKELIHOOD' 
_refine.pdbx_stereochem_target_val_spec_case     ? 
_refine.pdbx_R_Free_selection_details            RANDOM 
_refine.pdbx_overall_ESU_R                       0.117 
_refine.pdbx_overall_ESU_R_Free                  0.110 
_refine.overall_SU_ML                            0.074 
_refine.pdbx_overall_phase_error                 ? 
_refine.overall_SU_B                             2.358 
_refine.overall_SU_R_Cruickshank_DPI             ? 
_refine.pdbx_overall_SU_R_free_Cruickshank_DPI   ? 
_refine.pdbx_overall_SU_R_Blow_DPI               ? 
_refine.pdbx_overall_SU_R_free_Blow_DPI          ? 
# 
_refine_hist.pdbx_refine_id                   'X-RAY DIFFRACTION' 
_refine_hist.cycle_id                         LAST 
_refine_hist.pdbx_number_atoms_protein        1156 
_refine_hist.pdbx_number_atoms_nucleic_acid   0 
_refine_hist.pdbx_number_atoms_ligand         47 
_refine_hist.number_atoms_solvent             62 
_refine_hist.number_atoms_total               1265 
_refine_hist.d_res_high                       1.77 
_refine_hist.d_res_low                        45.52 
# 
loop_
_refine_ls_restr.type 
_refine_ls_restr.dev_ideal 
_refine_ls_restr.dev_ideal_target 
_refine_ls_restr.weight 
_refine_ls_restr.number 
_refine_ls_restr.pdbx_refine_id 
_refine_ls_restr.pdbx_restraint_function 
r_bond_refined_d             0.006  0.019  ? 1300 'X-RAY DIFFRACTION' ? 
r_bond_other_d               0.001  0.020  ? 1243 'X-RAY DIFFRACTION' ? 
r_angle_refined_deg          1.130  1.958  ? 1776 'X-RAY DIFFRACTION' ? 
r_angle_other_deg            0.687  3.000  ? 2866 'X-RAY DIFFRACTION' ? 
r_dihedral_angle_1_deg       5.128  5.000  ? 163  'X-RAY DIFFRACTION' ? 
r_dihedral_angle_2_deg       31.672 25.185 ? 54   'X-RAY DIFFRACTION' ? 
r_dihedral_angle_3_deg       12.417 15.000 ? 217  'X-RAY DIFFRACTION' ? 
r_dihedral_angle_4_deg       11.967 15.000 ? 4    'X-RAY DIFFRACTION' ? 
r_chiral_restr               0.054  0.200  ? 197  'X-RAY DIFFRACTION' ? 
r_gen_planes_refined         0.004  0.020  ? 1497 'X-RAY DIFFRACTION' ? 
r_gen_planes_other           0.001  0.020  ? 291  'X-RAY DIFFRACTION' ? 
r_nbd_refined                ?      ?      ? ?    'X-RAY DIFFRACTION' ? 
r_nbd_other                  ?      ?      ? ?    'X-RAY DIFFRACTION' ? 
r_nbtor_refined              ?      ?      ? ?    'X-RAY DIFFRACTION' ? 
r_nbtor_other                ?      ?      ? ?    'X-RAY DIFFRACTION' ? 
r_xyhbond_nbd_refined        ?      ?      ? ?    'X-RAY DIFFRACTION' ? 
r_xyhbond_nbd_other          ?      ?      ? ?    'X-RAY DIFFRACTION' ? 
r_metal_ion_refined          ?      ?      ? ?    'X-RAY DIFFRACTION' ? 
r_metal_ion_other            ?      ?      ? ?    'X-RAY DIFFRACTION' ? 
r_symmetry_vdw_refined       ?      ?      ? ?    'X-RAY DIFFRACTION' ? 
r_symmetry_vdw_other         ?      ?      ? ?    'X-RAY DIFFRACTION' ? 
r_symmetry_hbond_refined     ?      ?      ? ?    'X-RAY DIFFRACTION' ? 
r_symmetry_hbond_other       ?      ?      ? ?    'X-RAY DIFFRACTION' ? 
r_symmetry_metal_ion_refined ?      ?      ? ?    'X-RAY DIFFRACTION' ? 
r_symmetry_metal_ion_other   ?      ?      ? ?    'X-RAY DIFFRACTION' ? 
r_mcbond_it                  2.054  4.264  ? 635  'X-RAY DIFFRACTION' ? 
r_mcbond_other               2.057  4.258  ? 633  'X-RAY DIFFRACTION' ? 
r_mcangle_it                 3.441  7.139  ? 803  'X-RAY DIFFRACTION' ? 
r_mcangle_other              ?      ?      ? ?    'X-RAY DIFFRACTION' ? 
r_scbond_it                  2.321  4.704  ? 665  'X-RAY DIFFRACTION' ? 
r_scbond_other               ?      ?      ? ?    'X-RAY DIFFRACTION' ? 
r_scangle_it                 ?      ?      ? ?    'X-RAY DIFFRACTION' ? 
r_scangle_other              ?      ?      ? ?    'X-RAY DIFFRACTION' ? 
r_long_range_B_refined       ?      ?      ? ?    'X-RAY DIFFRACTION' ? 
r_long_range_B_other         ?      ?      ? ?    'X-RAY DIFFRACTION' ? 
r_rigid_bond_restr           ?      ?      ? ?    'X-RAY DIFFRACTION' ? 
r_sphericity_free            ?      ?      ? ?    'X-RAY DIFFRACTION' ? 
r_sphericity_bonded          ?      ?      ? ?    'X-RAY DIFFRACTION' ? 
# 
_refine_ls_shell.pdbx_refine_id                   'X-RAY DIFFRACTION' 
_refine_ls_shell.pdbx_total_number_of_bins_used   20 
_refine_ls_shell.d_res_high                       1.770 
_refine_ls_shell.d_res_low                        1.816 
_refine_ls_shell.number_reflns_R_work             1383 
_refine_ls_shell.R_factor_R_work                  0.377 
_refine_ls_shell.percent_reflns_obs               100.00 
_refine_ls_shell.R_factor_R_free                  0.378 
_refine_ls_shell.R_factor_R_free_error            ? 
_refine_ls_shell.percent_reflns_R_free            ? 
_refine_ls_shell.number_reflns_R_free             70 
_refine_ls_shell.number_reflns_all                ? 
_refine_ls_shell.R_factor_all                     ? 
# 
_struct.entry_id                  4CJL 
_struct.title                     'Interrogating HIV integrase for compounds that bind- a SAMPL challenge' 
_struct.pdbx_model_details        ? 
_struct.pdbx_CASP_flag            ? 
_struct.pdbx_model_type_details   ? 
# 
_struct_keywords.entry_id        4CJL 
_struct_keywords.pdbx_keywords   TRANSFERASE 
_struct_keywords.text            'TRANSFERASE, STRUCTURE BASED DRUG DESIGN' 
# 
loop_
_struct_asym.id 
_struct_asym.pdbx_blank_PDB_chainid_flag 
_struct_asym.pdbx_modified 
_struct_asym.entity_id 
_struct_asym.details 
A N N 1 ? 
B N N 2 ? 
C N N 2 ? 
D N N 2 ? 
E N N 3 ? 
F N N 4 ? 
G N N 5 ? 
H N N 6 ? 
# 
_struct_biol.id   1 
# 
loop_
_struct_conf.conf_type_id 
_struct_conf.id 
_struct_conf.pdbx_PDB_helix_id 
_struct_conf.beg_label_comp_id 
_struct_conf.beg_label_asym_id 
_struct_conf.beg_label_seq_id 
_struct_conf.pdbx_beg_PDB_ins_code 
_struct_conf.end_label_comp_id 
_struct_conf.end_label_asym_id 
_struct_conf.end_label_seq_id 
_struct_conf.pdbx_end_PDB_ins_code 
_struct_conf.beg_auth_comp_id 
_struct_conf.beg_auth_asym_id 
_struct_conf.beg_auth_seq_id 
_struct_conf.end_auth_comp_id 
_struct_conf.end_auth_asym_id 
_struct_conf.end_auth_seq_id 
_struct_conf.pdbx_PDB_helix_class 
_struct_conf.details 
_struct_conf.pdbx_PDB_helix_length 
HELX_P HELX_P1 1 THR A 64  ? TRP A 79  ? THR A 93  TRP A 108 1 ? 16 
HELX_P HELX_P2 2 ASN A 88  ? SER A 94  ? ASN A 117 SER A 123 1 ? 7  
HELX_P HELX_P3 3 SER A 94  ? GLY A 105 ? SER A 123 GLY A 134 1 ? 12 
HELX_P HELX_P4 4 ASN A 115 ? ARG A 137 ? ASN A 144 ARG A 166 1 ? 23 
HELX_P HELX_P5 5 ASP A 138 ? ALA A 140 ? ASP A 167 ALA A 169 5 ? 3  
HELX_P HELX_P6 6 HIS A 142 ? LYS A 157 ? HIS A 171 LYS A 186 1 ? 16 
HELX_P HELX_P7 7 SER A 166 ? GLN A 180 ? SER A 195 GLN A 209 1 ? 15 
# 
_struct_conf_type.id          HELX_P 
_struct_conf_type.criteria    ? 
_struct_conf_type.reference   ? 
# 
_struct_sheet.id               AA 
_struct_sheet.type             ? 
_struct_sheet.number_strands   5 
_struct_sheet.details          ? 
# 
loop_
_struct_sheet_order.sheet_id 
_struct_sheet_order.range_id_1 
_struct_sheet_order.range_id_2 
_struct_sheet_order.offset 
_struct_sheet_order.sense 
AA 1 2 ? anti-parallel 
AA 2 3 ? anti-parallel 
AA 3 4 ? parallel      
AA 4 5 ? parallel      
# 
loop_
_struct_sheet_range.sheet_id 
_struct_sheet_range.id 
_struct_sheet_range.beg_label_comp_id 
_struct_sheet_range.beg_label_asym_id 
_struct_sheet_range.beg_label_seq_id 
_struct_sheet_range.pdbx_beg_PDB_ins_code 
_struct_sheet_range.end_label_comp_id 
_struct_sheet_range.end_label_asym_id 
_struct_sheet_range.end_label_seq_id 
_struct_sheet_range.pdbx_end_PDB_ins_code 
_struct_sheet_range.beg_auth_comp_id 
_struct_sheet_range.beg_auth_asym_id 
_struct_sheet_range.beg_auth_seq_id 
_struct_sheet_range.end_auth_comp_id 
_struct_sheet_range.end_auth_asym_id 
_struct_sheet_range.end_auth_seq_id 
AA 1 ILE A 55  ? ILE A 60  ? ILE A 84  ILE A 89  
AA 2 LYS A 42  ? HIS A 49  ? LYS A 71  HIS A 78  
AA 3 ILE A 31  ? LEU A 39  ? ILE A 60  LEU A 68  
AA 4 THR A 83  ? THR A 86  ? THR A 112 THR A 115 
AA 5 LYS A 107 ? ASP A 110 ? LYS A 136 ASP A 139 
# 
loop_
_pdbx_struct_sheet_hbond.sheet_id 
_pdbx_struct_sheet_hbond.range_id_1 
_pdbx_struct_sheet_hbond.range_id_2 
_pdbx_struct_sheet_hbond.range_1_label_atom_id 
_pdbx_struct_sheet_hbond.range_1_label_comp_id 
_pdbx_struct_sheet_hbond.range_1_label_asym_id 
_pdbx_struct_sheet_hbond.range_1_label_seq_id 
_pdbx_struct_sheet_hbond.range_1_PDB_ins_code 
_pdbx_struct_sheet_hbond.range_1_auth_atom_id 
_pdbx_struct_sheet_hbond.range_1_auth_comp_id 
_pdbx_struct_sheet_hbond.range_1_auth_asym_id 
_pdbx_struct_sheet_hbond.range_1_auth_seq_id 
_pdbx_struct_sheet_hbond.range_2_label_atom_id 
_pdbx_struct_sheet_hbond.range_2_label_comp_id 
_pdbx_struct_sheet_hbond.range_2_label_asym_id 
_pdbx_struct_sheet_hbond.range_2_label_seq_id 
_pdbx_struct_sheet_hbond.range_2_PDB_ins_code 
_pdbx_struct_sheet_hbond.range_2_auth_atom_id 
_pdbx_struct_sheet_hbond.range_2_auth_comp_id 
_pdbx_struct_sheet_hbond.range_2_auth_asym_id 
_pdbx_struct_sheet_hbond.range_2_auth_seq_id 
AA 1 2 N ILE A 60 ? N ILE A 89  O VAL A 43  ? O VAL A 72  
AA 2 3 N VAL A 48 ? N VAL A 77  O GLN A 33  ? O GLN A 62  
AA 3 4 N TRP A 32 ? N TRP A 61  O THR A 83  ? O THR A 112 
AA 4 5 N VAL A 84 ? N VAL A 113 O LYS A 107 ? O LYS A 136 
# 
loop_
_struct_site.id 
_struct_site.pdbx_evidence_code 
_struct_site.pdbx_auth_asym_id 
_struct_site.pdbx_auth_comp_id 
_struct_site.pdbx_auth_seq_id 
_struct_site.pdbx_auth_ins_code 
_struct_site.pdbx_num_residues 
_struct_site.details 
AC1 Software A SO4 1211 ? 5  'BINDING SITE FOR RESIDUE SO4 A 1211' 
AC2 Software A SO4 1212 ? 6  'BINDING SITE FOR RESIDUE SO4 A 1212' 
AC3 Software A SO4 1213 ? 7  'BINDING SITE FOR RESIDUE SO4 A 1213' 
AC4 Software A CL  1214 ? 2  'BINDING SITE FOR RESIDUE CL A 1214'  
AC5 Software A ACT 1215 ? 5  'BINDING SITE FOR RESIDUE ACT A 1215' 
AC6 Software A 9PA 1216 ? 10 'BINDING SITE FOR RESIDUE 9PA A 1216' 
# 
loop_
_struct_site_gen.id 
_struct_site_gen.site_id 
_struct_site_gen.pdbx_num_res 
_struct_site_gen.label_comp_id 
_struct_site_gen.label_asym_id 
_struct_site_gen.label_seq_id 
_struct_site_gen.pdbx_auth_ins_code 
_struct_site_gen.auth_comp_id 
_struct_site_gen.auth_asym_id 
_struct_site_gen.auth_seq_id 
_struct_site_gen.label_atom_id 
_struct_site_gen.label_alt_id 
_struct_site_gen.symmetry 
_struct_site_gen.details 
1  AC1 5  LYS A 42  ? LYS A 71   . ? 1_555 ? 
2  AC1 5  HIS A 142 ? HIS A 171  . ? 1_555 ? 
3  AC1 5  LEU A 143 ? LEU A 172  . ? 1_555 ? 
4  AC1 5  HOH H .   ? HOH A 2008 . ? 1_555 ? 
5  AC1 5  HOH H .   ? HOH A 2053 . ? 1_555 ? 
6  AC2 6  GLY A 65  ? GLY A 94   . ? 1_555 ? 
7  AC2 6  SER A 94  ? SER A 123  . ? 1_555 ? 
8  AC2 6  THR A 95  ? THR A 124  . ? 1_555 ? 
9  AC2 6  THR A 96  ? THR A 125  . ? 1_555 ? 
10 AC2 6  HOH H .   ? HOH A 2025 . ? 1_555 ? 
11 AC2 6  HOH H .   ? HOH A 2040 . ? 1_555 ? 
12 AC3 7  THR A 37  ? THR A 66   . ? 1_555 ? 
13 AC3 7  HIS A 38  ? HIS A 67   . ? 1_555 ? 
14 AC3 7  LYS A 82  ? LYS A 111  . ? 2_565 ? 
15 AC3 7  LYS A 107 ? LYS A 136  . ? 2_565 ? 
16 AC3 7  LYS A 130 ? LYS A 159  . ? 1_555 ? 
17 AC3 7  HOH H .   ? HOH A 2047 . ? 1_555 ? 
18 AC3 7  HOH H .   ? HOH A 2061 . ? 1_555 ? 
19 AC4 2  TRP A 79  ? TRP A 108  . ? 6_554 ? 
20 AC4 2  PRO A 80  ? PRO A 109  . ? 6_554 ? 
21 AC5 5  TYR A 70  ? TYR A 99   . ? 1_555 ? 
22 AC5 5  LYS A 74  ? LYS A 103  . ? 1_555 ? 
23 AC5 5  HOH H .   ? HOH A 2016 . ? 6_554 ? 
24 AC5 5  HOH H .   ? HOH A 2017 . ? 6_554 ? 
25 AC5 5  HOH H .   ? HOH A 2062 . ? 1_555 ? 
26 AC6 10 GLN A 66  ? GLN A 95   . ? 6_554 ? 
27 AC6 10 TYR A 70  ? TYR A 99   . ? 6_554 ? 
28 AC6 10 ALA A 100 ? ALA A 129  . ? 6_554 ? 
29 AC6 10 ASP A 138 ? ASP A 167  . ? 1_555 ? 
30 AC6 10 GLN A 139 ? GLN A 168  . ? 1_555 ? 
31 AC6 10 ALA A 140 ? ALA A 169  . ? 1_555 ? 
32 AC6 10 GLU A 141 ? GLU A 170  . ? 1_555 ? 
33 AC6 10 HIS A 142 ? HIS A 171  . ? 1_555 ? 
34 AC6 10 THR A 145 ? THR A 174  . ? 1_555 ? 
35 AC6 10 MET A 149 ? MET A 178  . ? 1_555 ? 
# 
_atom_sites.entry_id                    4CJL 
_atom_sites.fract_transf_matrix[1][1]   -0.00542283 
_atom_sites.fract_transf_matrix[1][2]   -0.01390676 
_atom_sites.fract_transf_matrix[1][3]   -0.00584713 
_atom_sites.fract_transf_matrix[2][1]   0.00557445 
_atom_sites.fract_transf_matrix[2][2]   -0.01385962 
_atom_sites.fract_transf_matrix[2][3]   0.00581630 
_atom_sites.fract_transf_matrix[3][1]   -0.01094762 
_atom_sites.fract_transf_matrix[3][2]   -0.00007124 
_atom_sites.fract_transf_matrix[3][3]   0.01032264 
_atom_sites.fract_transf_vector[1]      -0.107966 
_atom_sites.fract_transf_vector[2]      0.416985 
_atom_sites.fract_transf_vector[3]      -0.211886 
# 
loop_
_atom_type.symbol 
C  
CL 
N  
O  
S  
# 
loop_
_atom_site.group_PDB 
_atom_site.id 
_atom_site.type_symbol 
_atom_site.label_atom_id 
_atom_site.label_alt_id 
_atom_site.label_comp_id 
_atom_site.label_asym_id 
_atom_site.label_entity_id 
_atom_site.label_seq_id 
_atom_site.pdbx_PDB_ins_code 
_atom_site.Cartn_x 
_atom_site.Cartn_y 
_atom_site.Cartn_z 
_atom_site.occupancy 
_atom_site.B_iso_or_equiv 
_atom_site.pdbx_formal_charge 
_atom_site.auth_seq_id 
_atom_site.auth_comp_id 
_atom_site.auth_asym_id 
_atom_site.auth_atom_id 
_atom_site.pdbx_PDB_model_num 
ATOM   1    N  N   . SER A 1 28  ? -3.527  13.268  -7.959  1.00 48.53  ? 57   SER A N   1 
ATOM   2    C  CA  . SER A 1 28  ? -4.565  12.270  -7.536  1.00 46.51  ? 57   SER A CA  1 
ATOM   3    C  C   . SER A 1 28  ? -4.272  10.860  -8.051  1.00 43.14  ? 57   SER A C   1 
ATOM   4    O  O   . SER A 1 28  ? -4.187  9.928   -7.254  1.00 44.54  ? 57   SER A O   1 
ATOM   5    C  CB  . SER A 1 28  ? -5.971  12.715  -7.962  1.00 49.46  ? 57   SER A CB  1 
ATOM   6    O  OG  . SER A 1 28  ? -6.950  11.777  -7.536  1.00 51.22  ? 57   SER A OG  1 
ATOM   7    N  N   . PRO A 1 29  ? -4.102  10.688  -9.377  1.00 39.91  ? 58   PRO A N   1 
ATOM   8    C  CA  . PRO A 1 29  ? -3.731  9.351   -9.854  1.00 36.33  ? 58   PRO A CA  1 
ATOM   9    C  C   . PRO A 1 29  ? -2.411  8.819   -9.285  1.00 31.64  ? 58   PRO A C   1 
ATOM   10   O  O   . PRO A 1 29  ? -2.212  7.605   -9.270  1.00 30.83  ? 58   PRO A O   1 
ATOM   11   C  CB  . PRO A 1 29  ? -3.604  9.535   -11.379 1.00 38.56  ? 58   PRO A CB  1 
ATOM   12   C  CG  . PRO A 1 29  ? -3.488  11.005  -11.590 1.00 41.21  ? 58   PRO A CG  1 
ATOM   13   C  CD  . PRO A 1 29  ? -4.304  11.620  -10.501 1.00 40.98  ? 58   PRO A CD  1 
ATOM   14   N  N   . GLY A 1 30  ? -1.531  9.708   -8.831  1.00 27.22  ? 59   GLY A N   1 
ATOM   15   C  CA  . GLY A 1 30  ? -0.217  9.313   -8.325  1.00 27.11  ? 59   GLY A CA  1 
ATOM   16   C  C   . GLY A 1 30  ? -0.069  9.232   -6.813  1.00 25.41  ? 59   GLY A C   1 
ATOM   17   O  O   . GLY A 1 30  ? 1.045   9.055   -6.319  1.00 23.70  ? 59   GLY A O   1 
ATOM   18   N  N   . ILE A 1 31  ? -1.174  9.347   -6.074  1.00 24.94  ? 60   ILE A N   1 
ATOM   19   C  CA  . ILE A 1 31  ? -1.114  9.403   -4.611  1.00 24.24  ? 60   ILE A CA  1 
ATOM   20   C  C   . ILE A 1 31  ? -1.371  8.046   -3.963  1.00 21.51  ? 60   ILE A C   1 
ATOM   21   O  O   . ILE A 1 31  ? -2.411  7.424   -4.183  1.00 20.05  ? 60   ILE A O   1 
ATOM   22   C  CB  . ILE A 1 31  ? -2.114  10.424  -4.022  1.00 26.46  ? 60   ILE A CB  1 
ATOM   23   C  CG1 . ILE A 1 31  ? -1.857  11.820  -4.600  1.00 29.98  ? 60   ILE A CG1 1 
ATOM   24   C  CG2 . ILE A 1 31  ? -1.991  10.466  -2.506  1.00 26.47  ? 60   ILE A CG2 1 
ATOM   25   C  CD1 . ILE A 1 31  ? -2.886  12.862  -4.196  1.00 31.67  ? 60   ILE A CD1 1 
ATOM   26   N  N   . TRP A 1 32  ? -0.421  7.617   -3.127  1.00 22.52  ? 61   TRP A N   1 
ATOM   27   C  CA  . TRP A 1 32  ? -0.509  6.355   -2.400  1.00 20.64  ? 61   TRP A CA  1 
ATOM   28   C  C   . TRP A 1 32  ? -0.310  6.606   -0.910  1.00 22.14  ? 61   TRP A C   1 
ATOM   29   O  O   . TRP A 1 32  ? 0.315   7.588   -0.525  1.00 23.76  ? 61   TRP A O   1 
ATOM   30   C  CB  . TRP A 1 32  ? 0.562   5.367   -2.869  1.00 20.69  ? 61   TRP A CB  1 
ATOM   31   C  CG  . TRP A 1 32  ? 0.397   4.899   -4.289  1.00 19.88  ? 61   TRP A CG  1 
ATOM   32   C  CD1 . TRP A 1 32  ? 0.628   5.622   -5.419  1.00 18.91  ? 61   TRP A CD1 1 
ATOM   33   C  CD2 . TRP A 1 32  ? -0.034  3.609   -4.717  1.00 18.21  ? 61   TRP A CD2 1 
ATOM   34   N  NE1 . TRP A 1 32  ? 0.354   4.866   -6.531  1.00 18.71  ? 61   TRP A NE1 1 
ATOM   35   C  CE2 . TRP A 1 32  ? -0.039  3.618   -6.129  1.00 18.68  ? 61   TRP A CE2 1 
ATOM   36   C  CE3 . TRP A 1 32  ? -0.410  2.440   -4.048  1.00 17.80  ? 61   TRP A CE3 1 
ATOM   37   C  CZ2 . TRP A 1 32  ? -0.396  2.505   -6.879  1.00 18.93  ? 61   TRP A CZ2 1 
ATOM   38   C  CZ3 . TRP A 1 32  ? -0.774  1.340   -4.791  1.00 18.49  ? 61   TRP A CZ3 1 
ATOM   39   C  CH2 . TRP A 1 32  ? -0.765  1.380   -6.197  1.00 18.80  ? 61   TRP A CH2 1 
ATOM   40   N  N   A GLN A 1 33  ? -0.840  5.706   -0.091  0.70 22.97  ? 62   GLN A N   1 
ATOM   41   N  N   B GLN A 1 33  ? -0.820  5.682   -0.097  0.30 21.56  ? 62   GLN A N   1 
ATOM   42   C  CA  A GLN A 1 33  ? -0.685  5.782   1.352   0.70 24.12  ? 62   GLN A CA  1 
ATOM   43   C  CA  B GLN A 1 33  ? -0.746  5.757   1.358   0.30 21.23  ? 62   GLN A CA  1 
ATOM   44   C  C   A GLN A 1 33  ? -0.119  4.479   1.888   0.70 22.91  ? 62   GLN A C   1 
ATOM   45   C  C   B GLN A 1 33  ? -0.145  4.469   1.917   0.30 21.53  ? 62   GLN A C   1 
ATOM   46   O  O   A GLN A 1 33  ? -0.604  3.407   1.547   0.70 21.53  ? 62   GLN A O   1 
ATOM   47   O  O   B GLN A 1 33  ? -0.642  3.385   1.624   0.30 21.20  ? 62   GLN A O   1 
ATOM   48   C  CB  A GLN A 1 33  ? -2.031  6.077   2.007   0.70 26.68  ? 62   GLN A CB  1 
ATOM   49   C  CB  B GLN A 1 33  ? -2.152  5.952   1.927   0.30 20.85  ? 62   GLN A CB  1 
ATOM   50   C  CG  A GLN A 1 33  ? -1.942  6.283   3.512   0.70 30.19  ? 62   GLN A CG  1 
ATOM   51   C  CG  B GLN A 1 33  ? -2.239  5.827   3.437   0.30 20.62  ? 62   GLN A CG  1 
ATOM   52   C  CD  A GLN A 1 33  ? -2.973  7.264   4.042   0.70 33.38  ? 62   GLN A CD  1 
ATOM   53   C  CD  B GLN A 1 33  ? -1.753  7.071   4.154   0.30 20.42  ? 62   GLN A CD  1 
ATOM   54   O  OE1 A GLN A 1 33  ? -3.830  7.750   3.306   0.70 38.85  ? 62   GLN A OE1 1 
ATOM   55   O  OE1 B GLN A 1 33  ? -2.247  8.177   3.913   0.30 19.34  ? 62   GLN A OE1 1 
ATOM   56   N  NE2 A GLN A 1 33  ? -2.888  7.563   5.331   0.70 37.11  ? 62   GLN A NE2 1 
ATOM   57   N  NE2 B GLN A 1 33  ? -0.783  6.896   5.045   0.30 20.05  ? 62   GLN A NE2 1 
ATOM   58   N  N   . LEU A 1 34  ? 0.916   4.591   2.719   1.00 21.60  ? 63   LEU A N   1 
ATOM   59   C  CA  . LEU A 1 34  ? 1.499   3.444   3.407   1.00 22.74  ? 63   LEU A CA  1 
ATOM   60   C  C   . LEU A 1 34  ? 0.723   3.135   4.675   1.00 23.35  ? 63   LEU A C   1 
ATOM   61   O  O   . LEU A 1 34  ? 0.198   4.040   5.339   1.00 24.47  ? 63   LEU A O   1 
ATOM   62   C  CB  . LEU A 1 34  ? 2.962   3.702   3.763   1.00 23.69  ? 63   LEU A CB  1 
ATOM   63   C  CG  . LEU A 1 34  ? 3.963   3.559   2.629   1.00 26.01  ? 63   LEU A CG  1 
ATOM   64   C  CD1 . LEU A 1 34  ? 5.353   3.955   3.108   1.00 26.63  ? 63   LEU A CD1 1 
ATOM   65   C  CD2 . LEU A 1 34  ? 3.962   2.132   2.090   1.00 27.48  ? 63   LEU A CD2 1 
ATOM   66   N  N   . ASP A 1 35  ? 0.687   1.858   5.018   1.00 23.57  ? 64   ASP A N   1 
ATOM   67   C  CA  . ASP A 1 35  ? -0.089  1.355   6.139   1.00 25.17  ? 64   ASP A CA  1 
ATOM   68   C  C   . ASP A 1 35  ? 0.624   0.106   6.646   1.00 26.34  ? 64   ASP A C   1 
ATOM   69   O  O   . ASP A 1 35  ? 1.044   -0.754  5.860   1.00 25.82  ? 64   ASP A O   1 
ATOM   70   C  CB  . ASP A 1 35  ? -1.509  1.045   5.664   1.00 26.17  ? 64   ASP A CB  1 
ATOM   71   C  CG  . ASP A 1 35  ? -2.293  0.172   6.623   1.00 28.56  ? 64   ASP A CG  1 
ATOM   72   O  OD1 . ASP A 1 35  ? -2.312  0.458   7.842   1.00 28.60  ? 64   ASP A OD1 1 
ATOM   73   O  OD2 . ASP A 1 35  ? -2.918  -0.797  6.139   1.00 30.47  ? 64   ASP A OD2 1 
ATOM   74   N  N   . CYS A 1 36  ? 0.792   0.021   7.956   1.00 25.99  ? 65   CYS A N   1 
ATOM   75   C  CA  . CYS A 1 36  ? 1.433   -1.120  8.555   1.00 28.18  ? 65   CYS A CA  1 
ATOM   76   C  C   . CYS A 1 36  ? 0.498   -1.725  9.598   1.00 29.06  ? 65   CYS A C   1 
ATOM   77   O  O   . CYS A 1 36  ? -0.005  -1.012  10.459  1.00 26.89  ? 65   CYS A O   1 
ATOM   78   C  CB  . CYS A 1 36  ? 2.737   -0.672  9.201   1.00 35.51  ? 65   CYS A CB  1 
ATOM   79   S  SG  . CYS A 1 36  ? 3.749   -2.045  9.737   1.00 44.86  ? 65   CYS A SG  1 
ATOM   80   N  N   . THR A 1 37  ? 0.237   -3.025  9.484   1.00 25.80  ? 66   THR A N   1 
ATOM   81   C  CA  . THR A 1 37  ? -0.631  -3.732  10.422  1.00 26.66  ? 66   THR A CA  1 
ATOM   82   C  C   . THR A 1 37  ? 0.033   -5.039  10.853  1.00 27.14  ? 66   THR A C   1 
ATOM   83   O  O   . THR A 1 37  ? 0.983   -5.504  10.213  1.00 26.31  ? 66   THR A O   1 
ATOM   84   C  CB  . THR A 1 37  ? -2.053  -3.939  9.840   1.00 27.21  ? 66   THR A CB  1 
ATOM   85   O  OG1 . THR A 1 37  ? -2.949  -4.355  10.879  1.00 29.14  ? 66   THR A OG1 1 
ATOM   86   C  CG2 . THR A 1 37  ? -2.068  -4.960  8.696   1.00 27.34  ? 66   THR A CG2 1 
ATOM   87   N  N   . HIS A 1 38  ? -0.444  -5.611  11.958  1.00 28.74  ? 67   HIS A N   1 
ATOM   88   C  CA  . HIS A 1 38  ? 0.186   -6.785  12.565  1.00 30.34  ? 67   HIS A CA  1 
ATOM   89   C  C   . HIS A 1 38  ? -0.740  -7.999  12.573  1.00 29.29  ? 67   HIS A C   1 
ATOM   90   O  O   . HIS A 1 38  ? -1.943  -7.866  12.776  1.00 30.90  ? 67   HIS A O   1 
ATOM   91   C  CB  . HIS A 1 38  ? 0.626   -6.464  13.999  1.00 33.38  ? 67   HIS A CB  1 
ATOM   92   C  CG  . HIS A 1 38  ? 1.621   -5.349  14.085  1.00 36.46  ? 67   HIS A CG  1 
ATOM   93   N  ND1 . HIS A 1 38  ? 1.272   -4.027  13.908  1.00 40.51  ? 67   HIS A ND1 1 
ATOM   94   C  CD2 . HIS A 1 38  ? 2.955   -5.359  14.315  1.00 38.63  ? 67   HIS A CD2 1 
ATOM   95   C  CE1 . HIS A 1 38  ? 2.350   -3.270  14.025  1.00 39.38  ? 67   HIS A CE1 1 
ATOM   96   N  NE2 . HIS A 1 38  ? 3.381   -4.052  14.279  1.00 39.17  ? 67   HIS A NE2 1 
ATOM   97   N  N   . LEU A 1 39  ? -0.158  -9.178  12.345  1.00 29.54  ? 68   LEU A N   1 
ATOM   98   C  CA  . LEU A 1 39  ? -0.890  -10.446 12.354  1.00 30.51  ? 68   LEU A CA  1 
ATOM   99   C  C   . LEU A 1 39  ? 0.089   -11.613 12.521  1.00 29.28  ? 68   LEU A C   1 
ATOM   100  O  O   . LEU A 1 39  ? 1.131   -11.651 11.873  1.00 28.48  ? 68   LEU A O   1 
ATOM   101  C  CB  . LEU A 1 39  ? -1.696  -10.600 11.054  1.00 31.37  ? 68   LEU A CB  1 
ATOM   102  C  CG  . LEU A 1 39  ? -2.877  -11.570 11.049  1.00 31.62  ? 68   LEU A CG  1 
ATOM   103  C  CD1 . LEU A 1 39  ? -4.001  -11.118 11.972  1.00 32.29  ? 68   LEU A CD1 1 
ATOM   104  C  CD2 . LEU A 1 39  ? -3.403  -11.722 9.629   1.00 31.18  ? 68   LEU A CD2 1 
ATOM   105  N  N   . GLU A 1 40  ? -0.240  -12.553 13.410  1.00 31.00  ? 69   GLU A N   1 
ATOM   106  C  CA  . GLU A 1 40  ? 0.594   -13.739 13.672  1.00 30.29  ? 69   GLU A CA  1 
ATOM   107  C  C   . GLU A 1 40  ? 2.038   -13.421 14.083  1.00 31.20  ? 69   GLU A C   1 
ATOM   108  O  O   . GLU A 1 40  ? 2.968   -14.162 13.756  1.00 30.87  ? 69   GLU A O   1 
ATOM   109  C  CB  . GLU A 1 40  ? 0.570   -14.696 12.469  1.00 32.56  ? 69   GLU A CB  1 
ATOM   110  C  CG  . GLU A 1 40  ? -0.825  -15.196 12.146  1.00 32.19  ? 69   GLU A CG  1 
ATOM   111  C  CD  . GLU A 1 40  ? -0.883  -16.154 10.970  1.00 31.92  ? 69   GLU A CD  1 
ATOM   112  O  OE1 . GLU A 1 40  ? 0.149   -16.730 10.569  1.00 32.21  ? 69   GLU A OE1 1 
ATOM   113  O  OE2 . GLU A 1 40  ? -1.993  -16.337 10.442  1.00 31.94  ? 69   GLU A OE2 1 
ATOM   114  N  N   . GLY A 1 41  ? 2.218   -12.314 14.801  1.00 33.13  ? 70   GLY A N   1 
ATOM   115  C  CA  . GLY A 1 41  ? 3.545   -11.897 15.258  1.00 32.63  ? 70   GLY A CA  1 
ATOM   116  C  C   . GLY A 1 41  ? 4.421   -11.316 14.164  1.00 33.65  ? 70   GLY A C   1 
ATOM   117  O  O   . GLY A 1 41  ? 5.610   -11.091 14.378  1.00 34.49  ? 70   GLY A O   1 
ATOM   118  N  N   . LYS A 1 42  ? 3.831   -11.069 12.993  1.00 31.54  ? 71   LYS A N   1 
ATOM   119  C  CA  . LYS A 1 42  ? 4.543   -10.506 11.850  1.00 29.75  ? 71   LYS A CA  1 
ATOM   120  C  C   . LYS A 1 42  ? 3.893   -9.194  11.452  1.00 26.44  ? 71   LYS A C   1 
ATOM   121  O  O   . LYS A 1 42  ? 2.855   -8.814  11.994  1.00 27.16  ? 71   LYS A O   1 
ATOM   122  C  CB  . LYS A 1 42  ? 4.518   -11.476 10.667  1.00 31.67  ? 71   LYS A CB  1 
ATOM   123  C  CG  . LYS A 1 42  ? 5.281   -12.767 10.916  1.00 35.82  ? 71   LYS A CG  1 
ATOM   124  C  CD  . LYS A 1 42  ? 5.164   -13.725 9.741   1.00 38.05  ? 71   LYS A CD  1 
ATOM   125  C  CE  . LYS A 1 42  ? 5.999   -14.977 9.967   1.00 42.04  ? 71   LYS A CE  1 
ATOM   126  N  NZ  . LYS A 1 42  ? 5.396   -15.856 11.011  1.00 43.99  ? 71   LYS A NZ  1 
ATOM   127  N  N   . VAL A 1 43  ? 4.511   -8.508  10.500  1.00 24.78  ? 72   VAL A N   1 
ATOM   128  C  CA  . VAL A 1 43  ? 4.037   -7.226  10.032  1.00 24.33  ? 72   VAL A CA  1 
ATOM   129  C  C   . VAL A 1 43  ? 3.584   -7.336  8.578   1.00 21.99  ? 72   VAL A C   1 
ATOM   130  O  O   . VAL A 1 43  ? 4.273   -7.930  7.757   1.00 21.50  ? 72   VAL A O   1 
ATOM   131  C  CB  . VAL A 1 43  ? 5.149   -6.171  10.141  1.00 28.72  ? 72   VAL A CB  1 
ATOM   132  C  CG1 . VAL A 1 43  ? 4.767   -4.918  9.383   1.00 30.18  ? 72   VAL A CG1 1 
ATOM   133  C  CG2 . VAL A 1 43  ? 5.429   -5.859  11.606  1.00 32.53  ? 72   VAL A CG2 1 
ATOM   134  N  N   . ILE A 1 44  ? 2.431   -6.749  8.280   1.00 22.24  ? 73   ILE A N   1 
ATOM   135  C  CA  . ILE A 1 44  ? 1.942   -6.644  6.919   1.00 21.63  ? 73   ILE A CA  1 
ATOM   136  C  C   . ILE A 1 44  ? 2.053   -5.185  6.504   1.00 21.01  ? 73   ILE A C   1 
ATOM   137  O  O   . ILE A 1 44  ? 1.408   -4.289  7.091   1.00 22.36  ? 73   ILE A O   1 
ATOM   138  C  CB  . ILE A 1 44  ? 0.489   -7.136  6.788   1.00 22.25  ? 73   ILE A CB  1 
ATOM   139  C  CG1 . ILE A 1 44  ? 0.367   -8.577  7.296   1.00 22.80  ? 73   ILE A CG1 1 
ATOM   140  C  CG2 . ILE A 1 44  ? 0.030   -7.075  5.337   1.00 22.60  ? 73   ILE A CG2 1 
ATOM   141  C  CD1 . ILE A 1 44  ? -1.058  -9.038  7.513   1.00 23.85  ? 73   ILE A CD1 1 
ATOM   142  N  N   . LEU A 1 45  ? 2.889   -4.947  5.503   1.00 19.57  ? 74   LEU A N   1 
ATOM   143  C  CA  . LEU A 1 45  ? 3.083   -3.626  4.948   1.00 20.37  ? 74   LEU A CA  1 
ATOM   144  C  C   . LEU A 1 45  ? 2.192   -3.468  3.727   1.00 21.13  ? 74   LEU A C   1 
ATOM   145  O  O   . LEU A 1 45  ? 2.247   -4.292  2.809   1.00 19.84  ? 74   LEU A O   1 
ATOM   146  C  CB  . LEU A 1 45  ? 4.549   -3.432  4.580   1.00 21.53  ? 74   LEU A CB  1 
ATOM   147  C  CG  . LEU A 1 45  ? 4.962   -2.047  4.094   1.00 24.40  ? 74   LEU A CG  1 
ATOM   148  C  CD1 . LEU A 1 45  ? 4.590   -0.961  5.096   1.00 25.12  ? 74   LEU A CD1 1 
ATOM   149  C  CD2 . LEU A 1 45  ? 6.454   -2.042  3.823   1.00 26.27  ? 74   LEU A CD2 1 
ATOM   150  N  N   . VAL A 1 46  ? 1.385   -2.411  3.726   1.00 20.91  ? 75   VAL A N   1 
ATOM   151  C  CA  . VAL A 1 46  ? 0.379   -2.198  2.698   1.00 21.50  ? 75   VAL A CA  1 
ATOM   152  C  C   . VAL A 1 46  ? 0.565   -0.826  2.056   1.00 21.64  ? 75   VAL A C   1 
ATOM   153  O  O   . VAL A 1 46  ? 0.860   0.151   2.745   1.00 20.48  ? 75   VAL A O   1 
ATOM   154  C  CB  . VAL A 1 46  ? -1.042  -2.302  3.282   1.00 22.36  ? 75   VAL A CB  1 
ATOM   155  C  CG1 . VAL A 1 46  ? -2.089  -2.215  2.178   1.00 23.64  ? 75   VAL A CG1 1 
ATOM   156  C  CG2 . VAL A 1 46  ? -1.204  -3.595  4.077   1.00 23.03  ? 75   VAL A CG2 1 
ATOM   157  N  N   . ALA A 1 47  ? 0.427   -0.770  0.730   1.00 20.80  ? 76   ALA A N   1 
ATOM   158  C  CA  . ALA A 1 47  ? 0.338   0.495   0.007   1.00 20.59  ? 76   ALA A CA  1 
ATOM   159  C  C   . ALA A 1 47  ? -1.034  0.563   -0.633  1.00 21.95  ? 76   ALA A C   1 
ATOM   160  O  O   . ALA A 1 47  ? -1.433  -0.359  -1.339  1.00 20.13  ? 76   ALA A O   1 
ATOM   161  C  CB  . ALA A 1 47  ? 1.425   0.601   -1.052  1.00 20.44  ? 76   ALA A CB  1 
ATOM   162  N  N   . VAL A 1 48  ? -1.761  1.644   -0.362  1.00 22.35  ? 77   VAL A N   1 
ATOM   163  C  CA  . VAL A 1 48  ? -3.097  1.833   -0.918  1.00 22.23  ? 77   VAL A CA  1 
ATOM   164  C  C   . VAL A 1 48  ? -3.092  2.987   -1.895  1.00 20.54  ? 77   VAL A C   1 
ATOM   165  O  O   . VAL A 1 48  ? -2.631  4.086   -1.568  1.00 20.94  ? 77   VAL A O   1 
ATOM   166  C  CB  . VAL A 1 48  ? -4.146  2.158   0.166   1.00 25.34  ? 77   VAL A CB  1 
ATOM   167  C  CG1 . VAL A 1 48  ? -5.561  1.954   -0.382  1.00 25.99  ? 77   VAL A CG1 1 
ATOM   168  C  CG2 . VAL A 1 48  ? -3.924  1.320   1.407   1.00 28.94  ? 77   VAL A CG2 1 
ATOM   169  N  N   . HIS A 1 49  ? -3.629  2.742   -3.087  1.00 20.21  ? 78   HIS A N   1 
ATOM   170  C  CA  . HIS A 1 49  ? -3.866  3.792   -4.045  1.00 20.58  ? 78   HIS A CA  1 
ATOM   171  C  C   . HIS A 1 49  ? -5.156  4.482   -3.623  1.00 21.82  ? 78   HIS A C   1 
ATOM   172  O  O   . HIS A 1 49  ? -6.250  3.901   -3.697  1.00 21.92  ? 78   HIS A O   1 
ATOM   173  C  CB  . HIS A 1 49  ? -3.966  3.236   -5.467  1.00 20.24  ? 78   HIS A CB  1 
ATOM   174  C  CG  . HIS A 1 49  ? -4.130  4.292   -6.506  1.00 21.67  ? 78   HIS A CG  1 
ATOM   175  N  ND1 . HIS A 1 49  ? -5.350  4.592   -7.071  1.00 24.03  ? 78   HIS A ND1 1 
ATOM   176  C  CD2 . HIS A 1 49  ? -3.237  5.138   -7.071  1.00 22.90  ? 78   HIS A CD2 1 
ATOM   177  C  CE1 . HIS A 1 49  ? -5.198  5.559   -7.954  1.00 21.97  ? 78   HIS A CE1 1 
ATOM   178  N  NE2 . HIS A 1 49  ? -3.927  5.911   -7.971  1.00 24.22  ? 78   HIS A NE2 1 
ATOM   179  N  N   . VAL A 1 50  ? -5.009  5.712   -3.141  1.00 23.95  ? 79   VAL A N   1 
ATOM   180  C  CA  . VAL A 1 50  ? -6.059  6.361   -2.366  1.00 24.95  ? 79   VAL A CA  1 
ATOM   181  C  C   . VAL A 1 50  ? -7.340  6.505   -3.193  1.00 24.85  ? 79   VAL A C   1 
ATOM   182  O  O   . VAL A 1 50  ? -8.422  6.172   -2.727  1.00 27.66  ? 79   VAL A O   1 
ATOM   183  C  CB  . VAL A 1 50  ? -5.582  7.733   -1.832  1.00 27.61  ? 79   VAL A CB  1 
ATOM   184  C  CG1 . VAL A 1 50  ? -6.719  8.478   -1.135  1.00 30.33  ? 79   VAL A CG1 1 
ATOM   185  C  CG2 . VAL A 1 50  ? -4.410  7.546   -0.876  1.00 28.87  ? 79   VAL A CG2 1 
ATOM   186  N  N   . ALA A 1 51  ? -7.200  6.965   -4.430  1.00 26.28  ? 80   ALA A N   1 
ATOM   187  C  CA  . ALA A 1 51  ? -8.355  7.249   -5.284  1.00 27.33  ? 80   ALA A CA  1 
ATOM   188  C  C   . ALA A 1 51  ? -9.171  6.019   -5.701  1.00 28.67  ? 80   ALA A C   1 
ATOM   189  O  O   . ALA A 1 51  ? -10.352 6.150   -6.042  1.00 27.75  ? 80   ALA A O   1 
ATOM   190  C  CB  . ALA A 1 51  ? -7.908  8.025   -6.511  1.00 27.84  ? 80   ALA A CB  1 
ATOM   191  N  N   . SER A 1 52  ? -8.552  4.835   -5.693  1.00 25.81  ? 81   SER A N   1 
ATOM   192  C  CA  . SER A 1 52  ? -9.195  3.613   -6.171  1.00 24.27  ? 81   SER A CA  1 
ATOM   193  C  C   . SER A 1 52  ? -9.467  2.570   -5.096  1.00 24.20  ? 81   SER A C   1 
ATOM   194  O  O   . SER A 1 52  ? -10.356 1.740   -5.258  1.00 26.29  ? 81   SER A O   1 
ATOM   195  C  CB  . SER A 1 52  ? -8.328  2.956   -7.246  1.00 25.32  ? 81   SER A CB  1 
ATOM   196  O  OG  . SER A 1 52  ? -7.154  2.416   -6.659  1.00 23.51  ? 81   SER A OG  1 
ATOM   197  N  N   . GLY A 1 53  ? -8.683  2.583   -4.021  1.00 23.85  ? 82   GLY A N   1 
ATOM   198  C  CA  . GLY A 1 53  ? -8.719  1.524   -3.020  1.00 22.64  ? 82   GLY A CA  1 
ATOM   199  C  C   . GLY A 1 53  ? -7.885  0.293   -3.386  1.00 22.58  ? 82   GLY A C   1 
ATOM   200  O  O   . GLY A 1 53  ? -7.906  -0.703  -2.662  1.00 24.51  ? 82   GLY A O   1 
ATOM   201  N  N   . TYR A 1 54  ? -7.155  0.361   -4.496  1.00 21.28  ? 83   TYR A N   1 
ATOM   202  C  CA  . TYR A 1 54  ? -6.291  -0.752  -4.932  1.00 19.65  ? 83   TYR A CA  1 
ATOM   203  C  C   . TYR A 1 54  ? -5.127  -0.872  -3.967  1.00 19.13  ? 83   TYR A C   1 
ATOM   204  O  O   . TYR A 1 54  ? -4.580  0.137   -3.544  1.00 19.70  ? 83   TYR A O   1 
ATOM   205  C  CB  . TYR A 1 54  ? -5.769  -0.480  -6.332  1.00 20.01  ? 83   TYR A CB  1 
ATOM   206  C  CG  . TYR A 1 54  ? -4.726  -1.445  -6.856  1.00 20.09  ? 83   TYR A CG  1 
ATOM   207  C  CD1 . TYR A 1 54  ? -3.373  -1.237  -6.606  1.00 20.16  ? 83   TYR A CD1 1 
ATOM   208  C  CD2 . TYR A 1 54  ? -5.087  -2.542  -7.629  1.00 21.72  ? 83   TYR A CD2 1 
ATOM   209  C  CE1 . TYR A 1 54  ? -2.407  -2.085  -7.104  1.00 21.78  ? 83   TYR A CE1 1 
ATOM   210  C  CE2 . TYR A 1 54  ? -4.126  -3.408  -8.136  1.00 22.72  ? 83   TYR A CE2 1 
ATOM   211  C  CZ  . TYR A 1 54  ? -2.790  -3.178  -7.865  1.00 23.54  ? 83   TYR A CZ  1 
ATOM   212  O  OH  . TYR A 1 54  ? -1.824  -4.016  -8.365  1.00 26.96  ? 83   TYR A OH  1 
ATOM   213  N  N   . ILE A 1 55  ? -4.743  -2.099  -3.636  1.00 19.31  ? 84   ILE A N   1 
ATOM   214  C  CA  . ILE A 1 55  ? -3.634  -2.317  -2.712  1.00 20.77  ? 84   ILE A CA  1 
ATOM   215  C  C   . ILE A 1 55  ? -2.542  -3.223  -3.252  1.00 19.54  ? 84   ILE A C   1 
ATOM   216  O  O   . ILE A 1 55  ? -2.775  -4.088  -4.107  1.00 19.24  ? 84   ILE A O   1 
ATOM   217  C  CB  . ILE A 1 55  ? -4.112  -2.894  -1.357  1.00 21.74  ? 84   ILE A CB  1 
ATOM   218  C  CG1 . ILE A 1 55  ? -4.663  -4.313  -1.503  1.00 22.86  ? 84   ILE A CG1 1 
ATOM   219  C  CG2 . ILE A 1 55  ? -5.158  -1.983  -0.728  1.00 22.76  ? 84   ILE A CG2 1 
ATOM   220  C  CD1 . ILE A 1 55  ? -5.072  -4.947  -0.189  1.00 24.57  ? 84   ILE A CD1 1 
ATOM   221  N  N   . GLU A 1 56  ? -1.337  -2.994  -2.738  1.00 19.84  ? 85   GLU A N   1 
ATOM   222  C  CA  . GLU A 1 56  ? -0.257  -3.952  -2.795  1.00 21.49  ? 85   GLU A CA  1 
ATOM   223  C  C   . GLU A 1 56  ? 0.182   -4.174  -1.351  1.00 20.28  ? 85   GLU A C   1 
ATOM   224  O  O   . GLU A 1 56  ? 0.063   -3.269  -0.522  1.00 20.87  ? 85   GLU A O   1 
ATOM   225  C  CB  . GLU A 1 56  ? 0.886   -3.427  -3.644  1.00 25.17  ? 85   GLU A CB  1 
ATOM   226  C  CG  . GLU A 1 56  ? 0.461   -3.061  -5.061  1.00 28.67  ? 85   GLU A CG  1 
ATOM   227  C  CD  . GLU A 1 56  ? 1.372   -3.620  -6.138  1.00 31.95  ? 85   GLU A CD  1 
ATOM   228  O  OE1 . GLU A 1 56  ? 2.339   -4.359  -5.825  1.00 33.44  ? 85   GLU A OE1 1 
ATOM   229  O  OE2 . GLU A 1 56  ? 1.104   -3.319  -7.312  1.00 33.22  ? 85   GLU A OE2 1 
ATOM   230  N  N   . ALA A 1 57  ? 0.650   -5.376  -1.049  1.00 19.62  ? 86   ALA A N   1 
ATOM   231  C  CA  . ALA A 1 57  ? 1.025   -5.739  0.314   1.00 19.69  ? 86   ALA A CA  1 
ATOM   232  C  C   . ALA A 1 57  ? 2.108   -6.788  0.343   1.00 20.39  ? 86   ALA A C   1 
ATOM   233  O  O   . ALA A 1 57  ? 2.256   -7.570  -0.610  1.00 20.71  ? 86   ALA A O   1 
ATOM   234  C  CB  . ALA A 1 57  ? -0.177  -6.241  1.090   1.00 19.80  ? 86   ALA A CB  1 
ATOM   235  N  N   A GLU A 1 58  ? 2.875   -6.797  1.433   0.50 19.07  ? 87   GLU A N   1 
ATOM   236  N  N   B GLU A 1 58  ? 2.834   -6.822  1.457   0.50 19.67  ? 87   GLU A N   1 
ATOM   237  C  CA  A GLU A 1 58  ? 3.909   -7.804  1.669   0.50 19.10  ? 87   GLU A CA  1 
ATOM   238  C  CA  B GLU A 1 58  ? 3.896   -7.791  1.677   0.50 20.21  ? 87   GLU A CA  1 
ATOM   239  C  C   A GLU A 1 58  ? 4.002   -8.077  3.164   0.50 19.53  ? 87   GLU A C   1 
ATOM   240  C  C   B GLU A 1 58  ? 3.994   -8.078  3.169   0.50 20.14  ? 87   GLU A C   1 
ATOM   241  O  O   A GLU A 1 58  ? 3.669   -7.212  3.979   0.50 18.55  ? 87   GLU A O   1 
ATOM   242  O  O   B GLU A 1 58  ? 3.654   -7.222  3.991   0.50 19.10  ? 87   GLU A O   1 
ATOM   243  C  CB  A GLU A 1 58  ? 5.279   -7.346  1.139   0.50 19.49  ? 87   GLU A CB  1 
ATOM   244  C  CB  B GLU A 1 58  ? 5.233   -7.247  1.164   0.50 21.50  ? 87   GLU A CB  1 
ATOM   245  C  CG  A GLU A 1 58  ? 5.927   -6.231  1.953   0.50 19.08  ? 87   GLU A CG  1 
ATOM   246  C  CG  B GLU A 1 58  ? 5.318   -7.077  -0.349  0.50 22.04  ? 87   GLU A CG  1 
ATOM   247  C  CD  A GLU A 1 58  ? 7.381   -5.944  1.589   0.50 19.22  ? 87   GLU A CD  1 
ATOM   248  C  CD  B GLU A 1 58  ? 5.072   -8.375  -1.087  0.50 23.05  ? 87   GLU A CD  1 
ATOM   249  O  OE1 A GLU A 1 58  ? 7.841   -6.291  0.480   0.50 17.16  ? 87   GLU A OE1 1 
ATOM   250  O  OE1 B GLU A 1 58  ? 5.088   -9.422  -0.420  0.50 25.64  ? 87   GLU A OE1 1 
ATOM   251  O  OE2 A GLU A 1 58  ? 8.074   -5.331  2.431   0.50 20.05  ? 87   GLU A OE2 1 
ATOM   252  O  OE2 B GLU A 1 58  ? 4.842   -8.360  -2.312  0.50 21.26  ? 87   GLU A OE2 1 
ATOM   253  N  N   . VAL A 1 59  ? 4.457   -9.279  3.512   1.00 20.08  ? 88   VAL A N   1 
ATOM   254  C  CA  . VAL A 1 59  ? 4.754   -9.640  4.905   1.00 21.19  ? 88   VAL A CA  1 
ATOM   255  C  C   . VAL A 1 59  ? 6.258   -9.481  5.172   1.00 23.48  ? 88   VAL A C   1 
ATOM   256  O  O   . VAL A 1 59  ? 7.096   -9.957  4.395   1.00 23.12  ? 88   VAL A O   1 
ATOM   257  C  CB  . VAL A 1 59  ? 4.334   -11.089 5.206   1.00 22.53  ? 88   VAL A CB  1 
ATOM   258  C  CG1 . VAL A 1 59  ? 4.785   -11.511 6.601   1.00 23.42  ? 88   VAL A CG1 1 
ATOM   259  C  CG2 . VAL A 1 59  ? 2.828   -11.235 5.071   1.00 23.13  ? 88   VAL A CG2 1 
ATOM   260  N  N   . ILE A 1 60  ? 6.590   -8.828  6.282   1.00 23.62  ? 89   ILE A N   1 
ATOM   261  C  CA  . ILE A 1 60  ? 7.983   -8.666  6.734   1.00 26.14  ? 89   ILE A CA  1 
ATOM   262  C  C   . ILE A 1 60  ? 8.067   -8.942  8.239   1.00 27.44  ? 89   ILE A C   1 
ATOM   263  O  O   . ILE A 1 60  ? 7.058   -8.836  8.928   1.00 25.51  ? 89   ILE A O   1 
ATOM   264  C  CB  . ILE A 1 60  ? 8.517   -7.257  6.399   1.00 27.31  ? 89   ILE A CB  1 
ATOM   265  C  CG1 . ILE A 1 60  ? 7.540   -6.160  6.874   1.00 26.75  ? 89   ILE A CG1 1 
ATOM   266  C  CG2 . ILE A 1 60  ? 8.754   -7.152  4.904   1.00 28.90  ? 89   ILE A CG2 1 
ATOM   267  C  CD1 . ILE A 1 60  ? 8.030   -4.737  6.691   1.00 26.50  ? 89   ILE A CD1 1 
ATOM   268  N  N   . PRO A 1 61  ? 9.260   -9.307  8.759   1.00 31.87  ? 90   PRO A N   1 
ATOM   269  C  CA  . PRO A 1 61  ? 9.331   -9.638  10.195  1.00 33.73  ? 90   PRO A CA  1 
ATOM   270  C  C   . PRO A 1 61  ? 9.034   -8.437  11.080  1.00 32.69  ? 90   PRO A C   1 
ATOM   271  O  O   . PRO A 1 61  ? 8.426   -8.586  12.146  1.00 36.64  ? 90   PRO A O   1 
ATOM   272  C  CB  . PRO A 1 61  ? 10.788  -10.092 10.395  1.00 34.15  ? 90   PRO A CB  1 
ATOM   273  C  CG  . PRO A 1 61  ? 11.361  -10.251 9.023   1.00 33.75  ? 90   PRO A CG  1 
ATOM   274  C  CD  . PRO A 1 61  ? 10.593  -9.321  8.138   1.00 33.45  ? 90   PRO A CD  1 
ATOM   275  N  N   . ALA A 1 62  ? 9.455   -7.262  10.627  1.00 32.64  ? 91   ALA A N   1 
ATOM   276  C  CA  . ALA A 1 62  ? 9.206   -6.016  11.347  1.00 31.98  ? 91   ALA A CA  1 
ATOM   277  C  C   . ALA A 1 62  ? 9.396   -4.836  10.405  1.00 29.31  ? 91   ALA A C   1 
ATOM   278  O  O   . ALA A 1 62  ? 10.090  -4.952  9.398   1.00 28.25  ? 91   ALA A O   1 
ATOM   279  C  CB  . ALA A 1 62  ? 10.151  -5.901  12.539  1.00 34.46  ? 91   ALA A CB  1 
ATOM   280  N  N   . GLU A 1 63  ? 8.775   -3.705  10.723  1.00 27.76  ? 92   GLU A N   1 
ATOM   281  C  CA  . GLU A 1 63  ? 8.904   -2.527  9.877   1.00 29.99  ? 92   GLU A CA  1 
ATOM   282  C  C   . GLU A 1 63  ? 10.244  -1.860  10.158  1.00 30.82  ? 92   GLU A C   1 
ATOM   283  O  O   . GLU A 1 63  ? 10.503  -1.429  11.282  1.00 35.95  ? 92   GLU A O   1 
ATOM   284  C  CB  . GLU A 1 63  ? 7.763   -1.530  10.098  1.00 29.71  ? 92   GLU A CB  1 
ATOM   285  C  CG  . GLU A 1 63  ? 7.657   -0.506  8.977   1.00 30.46  ? 92   GLU A CG  1 
ATOM   286  C  CD  . GLU A 1 63  ? 6.428   0.375   9.085   1.00 32.65  ? 92   GLU A CD  1 
ATOM   287  O  OE1 . GLU A 1 63  ? 6.014   0.706   10.215  1.00 33.70  ? 92   GLU A OE1 1 
ATOM   288  O  OE2 . GLU A 1 63  ? 5.877   0.740   8.024   1.00 31.50  ? 92   GLU A OE2 1 
ATOM   289  N  N   . THR A 1 64  ? 11.098  -1.832  9.139   1.00 27.52  ? 93   THR A N   1 
ATOM   290  C  CA  . THR A 1 64  ? 12.351  -1.097  9.165   1.00 25.00  ? 93   THR A CA  1 
ATOM   291  C  C   . THR A 1 64  ? 12.346  -0.128  7.993   1.00 24.91  ? 93   THR A C   1 
ATOM   292  O  O   . THR A 1 64  ? 11.562  -0.283  7.053   1.00 22.71  ? 93   THR A O   1 
ATOM   293  C  CB  . THR A 1 64  ? 13.559  -2.035  9.014   1.00 24.79  ? 93   THR A CB  1 
ATOM   294  O  OG1 . THR A 1 64  ? 13.509  -2.686  7.741   1.00 23.81  ? 93   THR A OG1 1 
ATOM   295  C  CG2 . THR A 1 64  ? 13.580  -3.096  10.123  1.00 25.49  ? 93   THR A CG2 1 
ATOM   296  N  N   . GLY A 1 65  ? 13.231  0.866   8.039   1.00 24.95  ? 94   GLY A N   1 
ATOM   297  C  CA  . GLY A 1 65  ? 13.373  1.795   6.922   1.00 24.35  ? 94   GLY A CA  1 
ATOM   298  C  C   . GLY A 1 65  ? 13.797  1.060   5.672   1.00 23.17  ? 94   GLY A C   1 
ATOM   299  O  O   . GLY A 1 65  ? 13.321  1.349   4.580   1.00 21.58  ? 94   GLY A O   1 
ATOM   300  N  N   . GLN A 1 66  ? 14.696  0.097   5.841   1.00 22.89  ? 95   GLN A N   1 
ATOM   301  C  CA  . GLN A 1 66  ? 15.182  -0.688  4.724   1.00 25.72  ? 95   GLN A CA  1 
ATOM   302  C  C   . GLN A 1 66  ? 14.061  -1.474  4.028   1.00 21.97  ? 95   GLN A C   1 
ATOM   303  O  O   . GLN A 1 66  ? 13.939  -1.424  2.808   1.00 19.80  ? 95   GLN A O   1 
ATOM   304  C  CB  . GLN A 1 66  ? 16.295  -1.627  5.176   1.00 30.84  ? 95   GLN A CB  1 
ATOM   305  C  CG  . GLN A 1 66  ? 17.113  -2.176  4.023   1.00 38.87  ? 95   GLN A CG  1 
ATOM   306  C  CD  . GLN A 1 66  ? 18.561  -2.449  4.388   1.00 46.45  ? 95   GLN A CD  1 
ATOM   307  O  OE1 . GLN A 1 66  ? 19.080  -1.938  5.388   1.00 54.55  ? 95   GLN A OE1 1 
ATOM   308  N  NE2 . GLN A 1 66  ? 19.230  -3.250  3.570   1.00 49.17  ? 95   GLN A NE2 1 
ATOM   309  N  N   . GLU A 1 67  ? 13.238  -2.178  4.797   1.00 21.22  ? 96   GLU A N   1 
ATOM   310  C  CA  . GLU A 1 67  ? 12.103  -2.910  4.201   1.00 20.58  ? 96   GLU A CA  1 
ATOM   311  C  C   . GLU A 1 67  ? 11.123  -1.952  3.506   1.00 19.65  ? 96   GLU A C   1 
ATOM   312  O  O   . GLU A 1 67  ? 10.650  -2.242  2.410   1.00 18.94  ? 96   GLU A O   1 
ATOM   313  C  CB  . GLU A 1 67  ? 11.360  -3.761  5.237   1.00 21.90  ? 96   GLU A CB  1 
ATOM   314  C  CG  . GLU A 1 67  ? 12.163  -4.920  5.826   1.00 23.35  ? 96   GLU A CG  1 
ATOM   315  C  CD  . GLU A 1 67  ? 12.402  -6.087  4.872   1.00 27.16  ? 96   GLU A CD  1 
ATOM   316  O  OE1 . GLU A 1 67  ? 11.921  -6.097  3.719   1.00 27.47  ? 96   GLU A OE1 1 
ATOM   317  O  OE2 . GLU A 1 67  ? 13.097  -7.030  5.289   1.00 30.33  ? 96   GLU A OE2 1 
ATOM   318  N  N   . THR A 1 68  ? 10.820  -0.825  4.147   1.00 18.04  ? 97   THR A N   1 
ATOM   319  C  CA  . THR A 1 68  ? 9.902   0.155   3.575   1.00 18.37  ? 97   THR A CA  1 
ATOM   320  C  C   . THR A 1 68  ? 10.451  0.740   2.278   1.00 17.72  ? 97   THR A C   1 
ATOM   321  O  O   . THR A 1 68  ? 9.717   0.882   1.300   1.00 17.98  ? 97   THR A O   1 
ATOM   322  C  CB  . THR A 1 68  ? 9.580   1.285   4.574   1.00 19.48  ? 97   THR A CB  1 
ATOM   323  O  OG1 . THR A 1 68  ? 9.052   0.709   5.775   1.00 20.82  ? 97   THR A OG1 1 
ATOM   324  C  CG2 . THR A 1 68  ? 8.564   2.238   4.000   1.00 20.90  ? 97   THR A CG2 1 
ATOM   325  N  N   . ALA A 1 69  ? 11.740  1.067   2.271   1.00 16.71  ? 98   ALA A N   1 
ATOM   326  C  CA  . ALA A 1 69  ? 12.388  1.607   1.078   1.00 18.62  ? 98   ALA A CA  1 
ATOM   327  C  C   . ALA A 1 69  ? 12.316  0.624   -0.093  1.00 18.16  ? 98   ALA A C   1 
ATOM   328  O  O   . ALA A 1 69  ? 12.016  1.016   -1.223  1.00 19.01  ? 98   ALA A O   1 
ATOM   329  C  CB  . ALA A 1 69  ? 13.838  1.935   1.382   1.00 19.02  ? 98   ALA A CB  1 
ATOM   330  N  N   . TYR A 1 70  ? 12.595  -0.648  0.187   1.00 18.24  ? 99   TYR A N   1 
ATOM   331  C  CA  . TYR A 1 70  ? 12.577  -1.686  -0.841  1.00 18.27  ? 99   TYR A CA  1 
ATOM   332  C  C   . TYR A 1 70  ? 11.161  -1.866  -1.386  1.00 17.76  ? 99   TYR A C   1 
ATOM   333  O  O   . TYR A 1 70  ? 10.961  -1.961  -2.600  1.00 17.91  ? 99   TYR A O   1 
ATOM   334  C  CB  . TYR A 1 70  ? 13.144  -3.015  -0.305  1.00 18.04  ? 99   TYR A CB  1 
ATOM   335  C  CG  . TYR A 1 70  ? 13.184  -4.118  -1.342  1.00 18.63  ? 99   TYR A CG  1 
ATOM   336  C  CD1 . TYR A 1 70  ? 14.101  -4.089  -2.385  1.00 18.98  ? 99   TYR A CD1 1 
ATOM   337  C  CD2 . TYR A 1 70  ? 12.278  -5.178  -1.303  1.00 19.14  ? 99   TYR A CD2 1 
ATOM   338  C  CE1 . TYR A 1 70  ? 14.130  -5.085  -3.350  1.00 19.49  ? 99   TYR A CE1 1 
ATOM   339  C  CE2 . TYR A 1 70  ? 12.300  -6.179  -2.260  1.00 19.43  ? 99   TYR A CE2 1 
ATOM   340  C  CZ  . TYR A 1 70  ? 13.232  -6.137  -3.279  1.00 19.11  ? 99   TYR A CZ  1 
ATOM   341  O  OH  . TYR A 1 70  ? 13.246  -7.119  -4.249  1.00 18.94  ? 99   TYR A OH  1 
ATOM   342  N  N   . PHE A 1 71  ? 10.181  -1.891  -0.487  1.00 18.18  ? 100  PHE A N   1 
ATOM   343  C  CA  . PHE A 1 71  ? 8.761   -1.988  -0.869  1.00 17.70  ? 100  PHE A CA  1 
ATOM   344  C  C   . PHE A 1 71  ? 8.348   -0.834  -1.803  1.00 17.71  ? 100  PHE A C   1 
ATOM   345  O  O   . PHE A 1 71  ? 7.643   -1.041  -2.793  1.00 16.41  ? 100  PHE A O   1 
ATOM   346  C  CB  . PHE A 1 71  ? 7.919   -2.018  0.415   1.00 18.16  ? 100  PHE A CB  1 
ATOM   347  C  CG  . PHE A 1 71  ? 6.441   -2.167  0.197   1.00 19.60  ? 100  PHE A CG  1 
ATOM   348  C  CD1 . PHE A 1 71  ? 5.892   -3.383  -0.181  1.00 21.28  ? 100  PHE A CD1 1 
ATOM   349  C  CD2 . PHE A 1 71  ? 5.589   -1.107  0.443   1.00 20.09  ? 100  PHE A CD2 1 
ATOM   350  C  CE1 . PHE A 1 71  ? 4.519   -3.520  -0.340  1.00 21.95  ? 100  PHE A CE1 1 
ATOM   351  C  CE2 . PHE A 1 71  ? 4.220   -1.242  0.280   1.00 21.32  ? 100  PHE A CE2 1 
ATOM   352  C  CZ  . PHE A 1 71  ? 3.684   -2.451  -0.099  1.00 20.97  ? 100  PHE A CZ  1 
ATOM   353  N  N   . LEU A 1 72  ? 8.809   0.376   -1.503  1.00 17.18  ? 101  LEU A N   1 
ATOM   354  C  CA  . LEU A 1 72  ? 8.509   1.525   -2.349  1.00 17.81  ? 101  LEU A CA  1 
ATOM   355  C  C   . LEU A 1 72  ? 9.167   1.455   -3.725  1.00 17.67  ? 101  LEU A C   1 
ATOM   356  O  O   . LEU A 1 72  ? 8.552   1.842   -4.726  1.00 17.56  ? 101  LEU A O   1 
ATOM   357  C  CB  . LEU A 1 72  ? 8.880   2.833   -1.656  1.00 18.34  ? 101  LEU A CB  1 
ATOM   358  C  CG  . LEU A 1 72  ? 8.003   3.196   -0.459  1.00 19.61  ? 101  LEU A CG  1 
ATOM   359  C  CD1 . LEU A 1 72  ? 8.557   4.439   0.230   1.00 20.28  ? 101  LEU A CD1 1 
ATOM   360  C  CD2 . LEU A 1 72  ? 6.553   3.409   -0.866  1.00 20.88  ? 101  LEU A CD2 1 
ATOM   361  N  N   . LEU A 1 73  ? 10.399  0.952   -3.780  1.00 17.86  ? 102  LEU A N   1 
ATOM   362  C  CA  . LEU A 1 73  ? 11.068  0.731   -5.059  1.00 20.02  ? 102  LEU A CA  1 
ATOM   363  C  C   . LEU A 1 73  ? 10.290  -0.252  -5.937  1.00 19.46  ? 102  LEU A C   1 
ATOM   364  O  O   . LEU A 1 73  ? 10.141  -0.012  -7.128  1.00 19.04  ? 102  LEU A O   1 
ATOM   365  C  CB  . LEU A 1 73  ? 12.514  0.259   -4.867  1.00 21.19  ? 102  LEU A CB  1 
ATOM   366  C  CG  . LEU A 1 73  ? 13.496  1.315   -4.357  1.00 23.03  ? 102  LEU A CG  1 
ATOM   367  C  CD1 . LEU A 1 73  ? 14.819  0.671   -3.965  1.00 25.25  ? 102  LEU A CD1 1 
ATOM   368  C  CD2 . LEU A 1 73  ? 13.730  2.388   -5.407  1.00 24.92  ? 102  LEU A CD2 1 
ATOM   369  N  N   A LYS A 1 74  ? 9.805   -1.348  -5.355  0.70 18.31  ? 103  LYS A N   1 
ATOM   370  N  N   B LYS A 1 74  ? 9.809   -1.345  -5.346  0.30 19.08  ? 103  LYS A N   1 
ATOM   371  C  CA  A LYS A 1 74  ? 8.969   -2.292  -6.091  0.70 18.28  ? 103  LYS A CA  1 
ATOM   372  C  CA  B LYS A 1 74  ? 8.969   -2.302  -6.061  0.30 19.13  ? 103  LYS A CA  1 
ATOM   373  C  C   A LYS A 1 74  ? 7.698   -1.623  -6.588  0.70 17.85  ? 103  LYS A C   1 
ATOM   374  C  C   B LYS A 1 74  ? 7.707   -1.628  -6.580  0.30 18.46  ? 103  LYS A C   1 
ATOM   375  O  O   A LYS A 1 74  ? 7.341   -1.741  -7.765  0.70 18.30  ? 103  LYS A O   1 
ATOM   376  O  O   B LYS A 1 74  ? 7.372   -1.745  -7.761  0.30 18.79  ? 103  LYS A O   1 
ATOM   377  C  CB  A LYS A 1 74  ? 8.610   -3.497  -5.220  0.70 18.90  ? 103  LYS A CB  1 
ATOM   378  C  CB  B LYS A 1 74  ? 8.575   -3.468  -5.153  0.30 19.93  ? 103  LYS A CB  1 
ATOM   379  C  CG  A LYS A 1 74  ? 9.784   -4.420  -4.937  0.70 19.29  ? 103  LYS A CG  1 
ATOM   380  C  CG  B LYS A 1 74  ? 9.721   -4.386  -4.762  0.30 20.60  ? 103  LYS A CG  1 
ATOM   381  C  CD  A LYS A 1 74  ? 9.358   -5.711  -4.259  0.70 19.34  ? 103  LYS A CD  1 
ATOM   382  C  CD  B LYS A 1 74  ? 9.209   -5.626  -4.046  0.30 21.16  ? 103  LYS A CD  1 
ATOM   383  C  CE  A LYS A 1 74  ? 8.865   -5.480  -2.843  0.70 18.84  ? 103  LYS A CE  1 
ATOM   384  C  CE  B LYS A 1 74  ? 8.729   -6.676  -5.035  0.30 21.73  ? 103  LYS A CE  1 
ATOM   385  N  NZ  A LYS A 1 74  ? 8.446   -6.751  -2.201  0.70 20.34  ? 103  LYS A NZ  1 
ATOM   386  N  NZ  B LYS A 1 74  ? 8.062   -7.820  -4.355  0.30 22.42  ? 103  LYS A NZ  1 
ATOM   387  N  N   . LEU A 1 75  ? 7.013   -0.916  -5.692  1.00 17.55  ? 104  LEU A N   1 
ATOM   388  C  CA  . LEU A 1 75  ? 5.756   -0.260  -6.040  1.00 17.86  ? 104  LEU A CA  1 
ATOM   389  C  C   . LEU A 1 75  ? 5.920   0.701   -7.216  1.00 16.54  ? 104  LEU A C   1 
ATOM   390  O  O   . LEU A 1 75  ? 5.125   0.691   -8.164  1.00 16.62  ? 104  LEU A O   1 
ATOM   391  C  CB  . LEU A 1 75  ? 5.218   0.508   -4.833  1.00 18.03  ? 104  LEU A CB  1 
ATOM   392  C  CG  . LEU A 1 75  ? 3.840   1.148   -4.983  1.00 19.65  ? 104  LEU A CG  1 
ATOM   393  C  CD1 . LEU A 1 75  ? 2.794   0.064   -5.138  1.00 20.23  ? 104  LEU A CD1 1 
ATOM   394  C  CD2 . LEU A 1 75  ? 3.560   2.017   -3.772  1.00 20.50  ? 104  LEU A CD2 1 
ATOM   395  N  N   . ALA A 1 76  ? 6.961   1.523   -7.133  1.00 16.73  ? 105  ALA A N   1 
ATOM   396  C  CA  . ALA A 1 76  ? 7.163   2.606   -8.060  1.00 16.78  ? 105  ALA A CA  1 
ATOM   397  C  C   . ALA A 1 76  ? 7.577   2.111   -9.459  1.00 17.97  ? 105  ALA A C   1 
ATOM   398  O  O   . ALA A 1 76  ? 7.405   2.830   -10.432 1.00 17.31  ? 105  ALA A O   1 
ATOM   399  C  CB  . ALA A 1 76  ? 8.174   3.582   -7.512  1.00 18.42  ? 105  ALA A CB  1 
ATOM   400  N  N   . GLY A 1 77  ? 8.102   0.895   -9.557  1.00 19.17  ? 106  GLY A N   1 
ATOM   401  C  CA  . GLY A 1 77  ? 8.434   0.314   -10.861 1.00 19.63  ? 106  GLY A CA  1 
ATOM   402  C  C   . GLY A 1 77  ? 7.215   -0.274  -11.541 1.00 20.41  ? 106  GLY A C   1 
ATOM   403  O  O   . GLY A 1 77  ? 7.235   -0.551  -12.741 1.00 20.38  ? 106  GLY A O   1 
ATOM   404  N  N   . ARG A 1 78  ? 6.145   -0.460  -10.767 1.00 20.47  ? 107  ARG A N   1 
ATOM   405  C  CA  . ARG A 1 78  ? 4.942   -1.122  -11.226 1.00 21.01  ? 107  ARG A CA  1 
ATOM   406  C  C   . ARG A 1 78  ? 3.797   -0.142  -11.521 1.00 21.84  ? 107  ARG A C   1 
ATOM   407  O  O   . ARG A 1 78  ? 3.004   -0.377  -12.438 1.00 23.13  ? 107  ARG A O   1 
ATOM   408  C  CB  . ARG A 1 78  ? 4.539   -2.208  -10.203 1.00 22.91  ? 107  ARG A CB  1 
ATOM   409  C  CG  . ARG A 1 78  ? 5.461   -3.432  -10.267 1.00 24.72  ? 107  ARG A CG  1 
ATOM   410  C  CD  . ARG A 1 78  ? 5.602   -4.234  -8.965  1.00 26.35  ? 107  ARG A CD  1 
ATOM   411  N  NE  . ARG A 1 78  ? 6.554   -5.336  -9.143  1.00 26.22  ? 107  ARG A NE  1 
ATOM   412  C  CZ  . ARG A 1 78  ? 7.885   -5.220  -9.210  1.00 27.86  ? 107  ARG A CZ  1 
ATOM   413  N  NH1 . ARG A 1 78  ? 8.484   -4.025  -9.118  1.00 25.32  ? 107  ARG A NH1 1 
ATOM   414  N  NH2 . ARG A 1 78  ? 8.628   -6.315  -9.420  1.00 25.76  ? 107  ARG A NH2 1 
ATOM   415  N  N   . TRP A 1 79  ? 3.728   0.954   -10.761 1.00 20.65  ? 108  TRP A N   1 
ATOM   416  C  CA  . TRP A 1 79  ? 2.697   1.988   -10.922 1.00 21.66  ? 108  TRP A CA  1 
ATOM   417  C  C   . TRP A 1 79  ? 3.363   3.367   -10.892 1.00 22.65  ? 108  TRP A C   1 
ATOM   418  O  O   . TRP A 1 79  ? 4.411   3.517   -10.281 1.00 24.07  ? 108  TRP A O   1 
ATOM   419  C  CB  . TRP A 1 79  ? 1.676   1.909   -9.793  1.00 20.68  ? 108  TRP A CB  1 
ATOM   420  C  CG  . TRP A 1 79  ? 0.888   0.653   -9.782  1.00 22.27  ? 108  TRP A CG  1 
ATOM   421  C  CD1 . TRP A 1 79  ? 1.063   -0.426  -8.961  1.00 23.18  ? 108  TRP A CD1 1 
ATOM   422  C  CD2 . TRP A 1 79  ? -0.201  0.334   -10.641 1.00 21.84  ? 108  TRP A CD2 1 
ATOM   423  N  NE1 . TRP A 1 79  ? 0.142   -1.399  -9.259  1.00 23.18  ? 108  TRP A NE1 1 
ATOM   424  C  CE2 . TRP A 1 79  ? -0.650  -0.957  -10.285 1.00 23.04  ? 108  TRP A CE2 1 
ATOM   425  C  CE3 . TRP A 1 79  ? -0.853  1.019   -11.669 1.00 22.82  ? 108  TRP A CE3 1 
ATOM   426  C  CZ2 . TRP A 1 79  ? -1.725  -1.576  -10.925 1.00 23.69  ? 108  TRP A CZ2 1 
ATOM   427  C  CZ3 . TRP A 1 79  ? -1.919  0.396   -12.314 1.00 24.35  ? 108  TRP A CZ3 1 
ATOM   428  C  CH2 . TRP A 1 79  ? -2.336  -0.891  -11.937 1.00 24.13  ? 108  TRP A CH2 1 
ATOM   429  N  N   . PRO A 1 80  ? 2.742   4.382   -11.524 1.00 24.07  ? 109  PRO A N   1 
ATOM   430  C  CA  . PRO A 1 80  ? 3.354   5.713   -11.534 1.00 25.58  ? 109  PRO A CA  1 
ATOM   431  C  C   . PRO A 1 80  ? 3.124   6.446   -10.217 1.00 25.79  ? 109  PRO A C   1 
ATOM   432  O  O   . PRO A 1 80  ? 2.150   7.196   -10.080 1.00 28.43  ? 109  PRO A O   1 
ATOM   433  C  CB  . PRO A 1 80  ? 2.656   6.412   -12.708 1.00 27.26  ? 109  PRO A CB  1 
ATOM   434  C  CG  . PRO A 1 80  ? 1.325   5.752   -12.809 1.00 26.02  ? 109  PRO A CG  1 
ATOM   435  C  CD  . PRO A 1 80  ? 1.437   4.370   -12.217 1.00 25.46  ? 109  PRO A CD  1 
ATOM   436  N  N   . VAL A 1 81  ? 4.025   6.227   -9.264  1.00 24.11  ? 110  VAL A N   1 
ATOM   437  C  CA  . VAL A 1 81  ? 3.904   6.760   -7.911  1.00 24.88  ? 110  VAL A CA  1 
ATOM   438  C  C   . VAL A 1 81  ? 4.505   8.163   -7.836  1.00 26.46  ? 110  VAL A C   1 
ATOM   439  O  O   . VAL A 1 81  ? 5.715   8.347   -8.007  1.00 25.67  ? 110  VAL A O   1 
ATOM   440  C  CB  . VAL A 1 81  ? 4.601   5.839   -6.879  1.00 24.86  ? 110  VAL A CB  1 
ATOM   441  C  CG1 . VAL A 1 81  ? 4.464   6.399   -5.467  1.00 24.53  ? 110  VAL A CG1 1 
ATOM   442  C  CG2 . VAL A 1 81  ? 4.017   4.437   -6.932  1.00 24.87  ? 110  VAL A CG2 1 
ATOM   443  N  N   . LYS A 1 82  ? 3.662   9.155   -7.576  1.00 25.67  ? 111  LYS A N   1 
ATOM   444  C  CA  . LYS A 1 82  ? 4.116   10.539  -7.506  1.00 27.63  ? 111  LYS A CA  1 
ATOM   445  C  C   . LYS A 1 82  ? 4.320   10.972  -6.064  1.00 25.29  ? 111  LYS A C   1 
ATOM   446  O  O   . LYS A 1 82  ? 5.309   11.633  -5.741  1.00 27.57  ? 111  LYS A O   1 
ATOM   447  C  CB  . LYS A 1 82  ? 3.104   11.464  -8.185  1.00 32.45  ? 111  LYS A CB  1 
ATOM   448  C  CG  . LYS A 1 82  ? 3.512   12.931  -8.191  1.00 38.57  ? 111  LYS A CG  1 
ATOM   449  C  CD  . LYS A 1 82  ? 2.406   13.826  -8.738  1.00 43.54  ? 111  LYS A CD  1 
ATOM   450  C  CE  . LYS A 1 82  ? 2.737   15.295  -8.521  1.00 47.04  ? 111  LYS A CE  1 
ATOM   451  N  NZ  . LYS A 1 82  ? 1.557   16.170  -8.759  1.00 50.12  ? 111  LYS A NZ  1 
ATOM   452  N  N   . THR A 1 83  ? 3.368   10.607  -5.216  1.00 23.26  ? 112  THR A N   1 
ATOM   453  C  CA  . THR A 1 83  ? 3.348   11.035  -3.836  1.00 25.31  ? 112  THR A CA  1 
ATOM   454  C  C   . THR A 1 83  ? 2.994   9.880   -2.924  1.00 24.90  ? 112  THR A C   1 
ATOM   455  O  O   . THR A 1 83  ? 2.060   9.134   -3.202  1.00 26.15  ? 112  THR A O   1 
ATOM   456  C  CB  . THR A 1 83  ? 2.288   12.126  -3.624  1.00 25.89  ? 112  THR A CB  1 
ATOM   457  O  OG1 . THR A 1 83  ? 2.568   13.218  -4.502  1.00 30.21  ? 112  THR A OG1 1 
ATOM   458  C  CG2 . THR A 1 83  ? 2.304   12.618  -2.187  1.00 27.59  ? 112  THR A CG2 1 
ATOM   459  N  N   A VAL A 1 84  ? 3.740   9.748   -1.836  0.70 24.71  ? 113  VAL A N   1 
ATOM   460  N  N   B VAL A 1 84  ? 3.739   9.737   -1.834  0.30 24.50  ? 113  VAL A N   1 
ATOM   461  C  CA  A VAL A 1 84  ? 3.477   8.731   -0.836  0.70 23.84  ? 113  VAL A CA  1 
ATOM   462  C  CA  B VAL A 1 84  ? 3.454   8.709   -0.846  0.30 23.69  ? 113  VAL A CA  1 
ATOM   463  C  C   A VAL A 1 84  ? 3.269   9.389   0.524   0.70 25.25  ? 113  VAL A C   1 
ATOM   464  C  C   B VAL A 1 84  ? 3.294   9.326   0.538   0.30 24.86  ? 113  VAL A C   1 
ATOM   465  O  O   A VAL A 1 84  ? 4.100   10.190  0.975   0.70 25.19  ? 113  VAL A O   1 
ATOM   466  O  O   B VAL A 1 84  ? 4.185   10.029  1.025   0.30 25.25  ? 113  VAL A O   1 
ATOM   467  C  CB  A VAL A 1 84  ? 4.629   7.714   -0.755  0.70 24.74  ? 113  VAL A CB  1 
ATOM   468  C  CB  B VAL A 1 84  ? 4.556   7.640   -0.798  0.30 23.19  ? 113  VAL A CB  1 
ATOM   469  C  CG1 A VAL A 1 84  ? 4.460   6.791   0.444   0.70 26.46  ? 113  VAL A CG1 1 
ATOM   470  C  CG1 B VAL A 1 84  ? 5.836   8.215   -0.215  0.30 22.59  ? 113  VAL A CG1 1 
ATOM   471  C  CG2 A VAL A 1 84  ? 4.698   6.898   -2.038  0.70 25.13  ? 113  VAL A CG2 1 
ATOM   472  C  CG2 B VAL A 1 84  ? 4.085   6.441   0.009   0.30 23.40  ? 113  VAL A CG2 1 
ATOM   473  N  N   . HIS A 1 85  ? 2.147   9.064   1.159   1.00 24.88  ? 114  HIS A N   1 
ATOM   474  C  CA  . HIS A 1 85  ? 1.901   9.470   2.536   1.00 27.22  ? 114  HIS A CA  1 
ATOM   475  C  C   . HIS A 1 85  ? 2.450   8.364   3.415   1.00 24.49  ? 114  HIS A C   1 
ATOM   476  O  O   . HIS A 1 85  ? 1.891   7.261   3.484   1.00 24.32  ? 114  HIS A O   1 
ATOM   477  C  CB  . HIS A 1 85  ? 0.418   9.698   2.787   1.00 31.19  ? 114  HIS A CB  1 
ATOM   478  C  CG  . HIS A 1 85  ? -0.114  10.918  2.105   1.00 36.69  ? 114  HIS A CG  1 
ATOM   479  N  ND1 . HIS A 1 85  ? -1.175  10.874  1.229   1.00 40.88  ? 114  HIS A ND1 1 
ATOM   480  C  CD2 . HIS A 1 85  ? 0.282   12.211  2.151   1.00 40.98  ? 114  HIS A CD2 1 
ATOM   481  C  CE1 . HIS A 1 85  ? -1.421  12.090  0.776   1.00 41.92  ? 114  HIS A CE1 1 
ATOM   482  N  NE2 . HIS A 1 85  ? -0.546  12.920  1.314   1.00 43.07  ? 114  HIS A NE2 1 
ATOM   483  N  N   . THR A 1 86  ? 3.575   8.659   4.060   1.00 23.97  ? 115  THR A N   1 
ATOM   484  C  CA  . THR A 1 86  ? 4.282   7.680   4.870   1.00 25.47  ? 115  THR A CA  1 
ATOM   485  C  C   . THR A 1 86  ? 3.478   7.390   6.143   1.00 24.53  ? 115  THR A C   1 
ATOM   486  O  O   . THR A 1 86  ? 2.709   8.230   6.619   1.00 25.64  ? 115  THR A O   1 
ATOM   487  C  CB  . THR A 1 86  ? 5.719   8.169   5.175   1.00 29.34  ? 115  THR A CB  1 
ATOM   488  O  OG1 . THR A 1 86  ? 6.360   8.521   3.941   1.00 32.39  ? 115  THR A OG1 1 
ATOM   489  C  CG2 . THR A 1 86  ? 6.546   7.096   5.845   1.00 30.56  ? 115  THR A CG2 1 
ATOM   490  N  N   . ASP A 1 87  ? 3.640   6.185   6.666   1.00 23.50  ? 116  ASP A N   1 
ATOM   491  C  CA  . ASP A 1 87  ? 2.757   5.684   7.715   1.00 24.25  ? 116  ASP A CA  1 
ATOM   492  C  C   . ASP A 1 87  ? 3.132   6.137   9.118   1.00 24.09  ? 116  ASP A C   1 
ATOM   493  O  O   . ASP A 1 87  ? 2.303   6.078   10.023  1.00 23.14  ? 116  ASP A O   1 
ATOM   494  C  CB  . ASP A 1 87  ? 2.648   4.149   7.673   1.00 24.54  ? 116  ASP A CB  1 
ATOM   495  C  CG  . ASP A 1 87  ? 3.987   3.445   7.713   1.00 26.08  ? 116  ASP A CG  1 
ATOM   496  O  OD1 . ASP A 1 87  ? 4.997   3.985   7.212   1.00 26.65  ? 116  ASP A OD1 1 
ATOM   497  O  OD2 . ASP A 1 87  ? 4.013   2.312   8.238   1.00 26.57  ? 116  ASP A OD2 1 
ATOM   498  N  N   . ASN A 1 88  ? 4.380   6.550   9.298   1.00 24.52  ? 117  ASN A N   1 
ATOM   499  C  CA  . ASN A 1 88  ? 4.839   7.038   10.590  1.00 24.30  ? 117  ASN A CA  1 
ATOM   500  C  C   . ASN A 1 88  ? 6.116   7.869   10.456  1.00 25.18  ? 117  ASN A C   1 
ATOM   501  O  O   . ASN A 1 88  ? 6.703   7.984   9.369   1.00 24.02  ? 117  ASN A O   1 
ATOM   502  C  CB  . ASN A 1 88  ? 5.029   5.871   11.570  1.00 25.03  ? 117  ASN A CB  1 
ATOM   503  C  CG  . ASN A 1 88  ? 6.076   4.877   11.104  1.00 26.67  ? 117  ASN A CG  1 
ATOM   504  O  OD1 . ASN A 1 88  ? 7.174   5.258   10.717  1.00 26.79  ? 117  ASN A OD1 1 
ATOM   505  N  ND2 . ASN A 1 88  ? 5.746   3.600   11.155  1.00 30.22  ? 117  ASN A ND2 1 
ATOM   506  N  N   . GLY A 1 89  ? 6.542   8.450   11.571  1.00 23.11  ? 118  GLY A N   1 
ATOM   507  C  CA  . GLY A 1 89  ? 7.668   9.368   11.573  1.00 23.16  ? 118  GLY A CA  1 
ATOM   508  C  C   . GLY A 1 89  ? 9.023   8.727   11.369  1.00 22.38  ? 118  GLY A C   1 
ATOM   509  O  O   . GLY A 1 89  ? 9.920   9.361   10.826  1.00 23.39  ? 118  GLY A O   1 
ATOM   510  N  N   . SER A 1 90  ? 9.169   7.484   11.812  1.00 23.21  ? 119  SER A N   1 
ATOM   511  C  CA  . SER A 1 90  ? 10.424  6.766   11.668  1.00 25.65  ? 119  SER A CA  1 
ATOM   512  C  C   . SER A 1 90  ? 10.703  6.481   10.188  1.00 26.61  ? 119  SER A C   1 
ATOM   513  O  O   . SER A 1 90  ? 11.811  6.712   9.715   1.00 24.74  ? 119  SER A O   1 
ATOM   514  C  CB  . SER A 1 90  ? 10.413  5.482   12.483  1.00 27.98  ? 119  SER A CB  1 
ATOM   515  O  OG  . SER A 1 90  ? 10.267  5.769   13.865  1.00 29.95  ? 119  SER A OG  1 
ATOM   516  N  N   . ASN A 1 91  ? 9.691   6.021   9.454   1.00 26.07  ? 120  ASN A N   1 
ATOM   517  C  CA  . ASN A 1 91  ? 9.830   5.868   8.001   1.00 25.51  ? 120  ASN A CA  1 
ATOM   518  C  C   . ASN A 1 91  ? 10.003  7.187   7.257   1.00 27.56  ? 120  ASN A C   1 
ATOM   519  O  O   . ASN A 1 91  ? 10.769  7.255   6.300   1.00 28.41  ? 120  ASN A O   1 
ATOM   520  C  CB  . ASN A 1 91  ? 8.644   5.103   7.405   1.00 26.59  ? 120  ASN A CB  1 
ATOM   521  C  CG  . ASN A 1 91  ? 8.808   3.603   7.506   1.00 26.51  ? 120  ASN A CG  1 
ATOM   522  O  OD1 . ASN A 1 91  ? 9.916   3.091   7.655   1.00 26.84  ? 120  ASN A OD1 1 
ATOM   523  N  ND2 . ASN A 1 91  ? 7.704   2.890   7.412   1.00 26.73  ? 120  ASN A ND2 1 
ATOM   524  N  N   . PHE A 1 92  ? 9.304   8.231   7.693   1.00 25.20  ? 121  PHE A N   1 
ATOM   525  C  CA  . PHE A 1 92  ? 9.476   9.552   7.111   1.00 27.25  ? 121  PHE A CA  1 
ATOM   526  C  C   . PHE A 1 92  ? 10.933  10.008  7.261   1.00 27.15  ? 121  PHE A C   1 
ATOM   527  O  O   . PHE A 1 92  ? 11.512  10.572  6.342   1.00 27.82  ? 121  PHE A O   1 
ATOM   528  C  CB  . PHE A 1 92  ? 8.523   10.562  7.762   1.00 28.10  ? 121  PHE A CB  1 
ATOM   529  C  CG  . PHE A 1 92  ? 8.493   11.894  7.082   1.00 30.71  ? 121  PHE A CG  1 
ATOM   530  C  CD1 . PHE A 1 92  ? 7.757   12.079  5.918   1.00 30.29  ? 121  PHE A CD1 1 
ATOM   531  C  CD2 . PHE A 1 92  ? 9.223   12.966  7.588   1.00 33.46  ? 121  PHE A CD2 1 
ATOM   532  C  CE1 . PHE A 1 92  ? 7.734   13.308  5.281   1.00 32.57  ? 121  PHE A CE1 1 
ATOM   533  C  CE2 . PHE A 1 92  ? 9.203   14.198  6.952   1.00 34.12  ? 121  PHE A CE2 1 
ATOM   534  C  CZ  . PHE A 1 92  ? 8.451   14.370  5.801   1.00 35.08  ? 121  PHE A CZ  1 
ATOM   535  N  N   . THR A 1 93  ? 11.519  9.725   8.418   1.00 26.57  ? 122  THR A N   1 
ATOM   536  C  CA  . THR A 1 93  ? 12.866  10.194  8.746   1.00 27.95  ? 122  THR A CA  1 
ATOM   537  C  C   . THR A 1 93  ? 13.972  9.338   8.124   1.00 25.83  ? 122  THR A C   1 
ATOM   538  O  O   . THR A 1 93  ? 15.055  9.844   7.819   1.00 26.33  ? 122  THR A O   1 
ATOM   539  C  CB  . THR A 1 93  ? 13.036  10.232  10.273  1.00 28.14  ? 122  THR A CB  1 
ATOM   540  O  OG1 . THR A 1 93  ? 12.020  11.080  10.824  1.00 27.85  ? 122  THR A OG1 1 
ATOM   541  C  CG2 . THR A 1 93  ? 14.423  10.755  10.673  1.00 29.31  ? 122  THR A CG2 1 
ATOM   542  N  N   . SER A 1 94  ? 13.685  8.050   7.946   1.00 24.20  ? 123  SER A N   1 
ATOM   543  C  CA  . SER A 1 94  ? 14.642  7.057   7.478   1.00 23.91  ? 123  SER A CA  1 
ATOM   544  C  C   . SER A 1 94  ? 15.459  7.538   6.291   1.00 24.00  ? 123  SER A C   1 
ATOM   545  O  O   . SER A 1 94  ? 14.900  7.929   5.257   1.00 23.51  ? 123  SER A O   1 
ATOM   546  C  CB  . SER A 1 94  ? 13.906  5.762   7.081   1.00 23.88  ? 123  SER A CB  1 
ATOM   547  O  OG  . SER A 1 94  ? 14.759  4.867   6.383   1.00 24.00  ? 123  SER A OG  1 
ATOM   548  N  N   A THR A 1 95  ? 16.781  7.499   6.416   0.70 25.98  ? 124  THR A N   1 
ATOM   549  N  N   B THR A 1 95  ? 16.781  7.500   6.455   0.30 23.56  ? 124  THR A N   1 
ATOM   550  C  CA  A THR A 1 95  ? 17.636  7.911   5.306   0.70 25.76  ? 124  THR A CA  1 
ATOM   551  C  CA  B THR A 1 95  ? 17.727  7.818   5.391   0.30 22.55  ? 124  THR A CA  1 
ATOM   552  C  C   A THR A 1 95  ? 17.486  6.955   4.120   0.70 23.41  ? 124  THR A C   1 
ATOM   553  C  C   B THR A 1 95  ? 17.460  6.961   4.158   0.30 22.38  ? 124  THR A C   1 
ATOM   554  O  O   A THR A 1 95  ? 17.572  7.385   2.980   0.70 23.33  ? 124  THR A O   1 
ATOM   555  O  O   B THR A 1 95  ? 17.431  7.463   3.038   0.30 22.49  ? 124  THR A O   1 
ATOM   556  C  CB  A THR A 1 95  ? 19.118  8.019   5.710   0.70 27.87  ? 124  THR A CB  1 
ATOM   557  C  CB  B THR A 1 95  ? 19.175  7.543   5.844   0.30 21.90  ? 124  THR A CB  1 
ATOM   558  O  OG1 A THR A 1 95  ? 19.557  6.776   6.266   0.70 31.55  ? 124  THR A OG1 1 
ATOM   559  O  OG1 B THR A 1 95  ? 19.451  8.248   7.063   0.30 20.14  ? 124  THR A OG1 1 
ATOM   560  C  CG2 A THR A 1 95  ? 19.321  9.136   6.725   0.70 27.08  ? 124  THR A CG2 1 
ATOM   561  C  CG2 B THR A 1 95  ? 20.167  7.963   4.770   0.30 21.83  ? 124  THR A CG2 1 
ATOM   562  N  N   . THR A 1 96  ? 17.248  5.669   4.383   1.00 23.20  ? 125  THR A N   1 
ATOM   563  C  CA  . THR A 1 96  ? 17.041  4.702   3.299   1.00 23.35  ? 125  THR A CA  1 
ATOM   564  C  C   . THR A 1 96  ? 15.716  4.967   2.562   1.00 22.32  ? 125  THR A C   1 
ATOM   565  O  O   . THR A 1 96  ? 15.677  4.967   1.325   1.00 19.23  ? 125  THR A O   1 
ATOM   566  C  CB  . THR A 1 96  ? 17.140  3.254   3.813   1.00 25.65  ? 125  THR A CB  1 
ATOM   567  O  OG1 . THR A 1 96  ? 18.347  3.105   4.576   1.00 28.66  ? 125  THR A OG1 1 
ATOM   568  C  CG2 . THR A 1 96  ? 17.184  2.268   2.664   1.00 24.96  ? 125  THR A CG2 1 
ATOM   569  N  N   . VAL A 1 97  ? 14.647  5.247   3.315   1.00 20.97  ? 126  VAL A N   1 
ATOM   570  C  CA  . VAL A 1 97  ? 13.376  5.628   2.692   1.00 19.80  ? 126  VAL A CA  1 
ATOM   571  C  C   . VAL A 1 97  ? 13.538  6.899   1.862   1.00 19.51  ? 126  VAL A C   1 
ATOM   572  O  O   . VAL A 1 97  ? 13.085  6.969   0.717   1.00 19.20  ? 126  VAL A O   1 
ATOM   573  C  CB  . VAL A 1 97  ? 12.242  5.802   3.726   1.00 19.41  ? 126  VAL A CB  1 
ATOM   574  C  CG1 . VAL A 1 97  ? 11.006  6.397   3.073   1.00 20.47  ? 126  VAL A CG1 1 
ATOM   575  C  CG2 . VAL A 1 97  ? 11.921  4.457   4.352   1.00 19.38  ? 126  VAL A CG2 1 
ATOM   576  N  N   . LYS A 1 98  ? 14.203  7.902   2.425   1.00 21.20  ? 127  LYS A N   1 
ATOM   577  C  CA  . LYS A 1 98  ? 14.462  9.124   1.676   1.00 23.19  ? 127  LYS A CA  1 
ATOM   578  C  C   . LYS A 1 98  ? 15.245  8.853   0.392   1.00 21.00  ? 127  LYS A C   1 
ATOM   579  O  O   . LYS A 1 98  ? 14.923  9.434   -0.653  1.00 21.18  ? 127  LYS A O   1 
ATOM   580  C  CB  . LYS A 1 98  ? 15.198  10.155  2.544   1.00 26.25  ? 127  LYS A CB  1 
ATOM   581  C  CG  . LYS A 1 98  ? 14.297  10.806  3.582   1.00 30.20  ? 127  LYS A CG  1 
ATOM   582  C  CD  . LYS A 1 98  ? 15.013  11.907  4.348   1.00 34.46  ? 127  LYS A CD  1 
ATOM   583  C  CE  . LYS A 1 98  ? 14.165  12.427  5.500   1.00 38.03  ? 127  LYS A CE  1 
ATOM   584  N  NZ  . LYS A 1 98  ? 12.868  13.012  5.045   1.00 41.85  ? 127  LYS A NZ  1 
ATOM   585  N  N   . ALA A 1 99  ? 16.266  7.991   0.472   1.00 22.04  ? 128  ALA A N   1 
ATOM   586  C  CA  . ALA A 1 99  ? 17.077  7.639   -0.705  1.00 21.74  ? 128  ALA A CA  1 
ATOM   587  C  C   . ALA A 1 99  ? 16.240  6.974   -1.795  1.00 20.74  ? 128  ALA A C   1 
ATOM   588  O  O   . ALA A 1 99  ? 16.358  7.296   -2.976  1.00 19.75  ? 128  ALA A O   1 
ATOM   589  C  CB  . ALA A 1 99  ? 18.226  6.728   -0.308  1.00 22.21  ? 128  ALA A CB  1 
ATOM   590  N  N   . ALA A 1 100 ? 15.413  6.023   -1.391  1.00 19.42  ? 129  ALA A N   1 
ATOM   591  C  CA  . ALA A 1 100 ? 14.543  5.331   -2.320  1.00 18.86  ? 129  ALA A CA  1 
ATOM   592  C  C   . ALA A 1 100 ? 13.543  6.283   -2.973  1.00 19.12  ? 129  ALA A C   1 
ATOM   593  O  O   . ALA A 1 100 ? 13.288  6.183   -4.168  1.00 19.42  ? 129  ALA A O   1 
ATOM   594  C  CB  . ALA A 1 100 ? 13.810  4.199   -1.608  1.00 19.55  ? 129  ALA A CB  1 
ATOM   595  N  N   . CYS A 1 101 ? 12.974  7.204   -2.192  1.00 19.68  ? 130  CYS A N   1 
ATOM   596  C  CA  . CYS A 1 101 ? 12.047  8.183   -2.741  1.00 20.07  ? 130  CYS A CA  1 
ATOM   597  C  C   . CYS A 1 101 ? 12.740  9.132   -3.735  1.00 20.06  ? 130  CYS A C   1 
ATOM   598  O  O   . CYS A 1 101 ? 12.192  9.444   -4.790  1.00 20.01  ? 130  CYS A O   1 
ATOM   599  C  CB  . CYS A 1 101 ? 11.369  8.976   -1.623  1.00 20.47  ? 130  CYS A CB  1 
ATOM   600  S  SG  . CYS A 1 101 ? 10.110  8.013   -0.745  1.00 22.53  ? 130  CYS A SG  1 
ATOM   601  N  N   . TRP A 1 102 ? 13.931  9.594   -3.389  1.00 20.71  ? 131  TRP A N   1 
ATOM   602  C  CA  . TRP A 1 102 ? 14.733  10.359  -4.343  1.00 20.85  ? 131  TRP A CA  1 
ATOM   603  C  C   . TRP A 1 102 ? 14.968  9.551   -5.624  1.00 19.73  ? 131  TRP A C   1 
ATOM   604  O  O   . TRP A 1 102 ? 14.679  10.019  -6.729  1.00 20.09  ? 131  TRP A O   1 
ATOM   605  C  CB  . TRP A 1 102 ? 16.071  10.793  -3.735  1.00 22.06  ? 131  TRP A CB  1 
ATOM   606  C  CG  . TRP A 1 102 ? 16.974  11.280  -4.813  1.00 23.50  ? 131  TRP A CG  1 
ATOM   607  C  CD1 . TRP A 1 102 ? 16.928  12.496  -5.428  1.00 24.78  ? 131  TRP A CD1 1 
ATOM   608  C  CD2 . TRP A 1 102 ? 17.991  10.529  -5.475  1.00 23.49  ? 131  TRP A CD2 1 
ATOM   609  N  NE1 . TRP A 1 102 ? 17.880  12.559  -6.421  1.00 25.99  ? 131  TRP A NE1 1 
ATOM   610  C  CE2 . TRP A 1 102 ? 18.548  11.365  -6.471  1.00 25.54  ? 131  TRP A CE2 1 
ATOM   611  C  CE3 . TRP A 1 102 ? 18.501  9.238   -5.313  1.00 24.20  ? 131  TRP A CE3 1 
ATOM   612  C  CZ2 . TRP A 1 102 ? 19.581  10.946  -7.307  1.00 26.04  ? 131  TRP A CZ2 1 
ATOM   613  C  CZ3 . TRP A 1 102 ? 19.540  8.824   -6.142  1.00 25.73  ? 131  TRP A CZ3 1 
ATOM   614  C  CH2 . TRP A 1 102 ? 20.070  9.676   -7.124  1.00 25.73  ? 131  TRP A CH2 1 
ATOM   615  N  N   . TRP A 1 103 ? 15.454  8.321   -5.480  1.00 21.22  ? 132  TRP A N   1 
ATOM   616  C  CA  . TRP A 1 103 ? 15.783  7.502   -6.650  1.00 18.85  ? 132  TRP A CA  1 
ATOM   617  C  C   . TRP A 1 103 ? 14.581  7.339   -7.586  1.00 20.13  ? 132  TRP A C   1 
ATOM   618  O  O   . TRP A 1 103 ? 14.684  7.544   -8.808  1.00 18.70  ? 132  TRP A O   1 
ATOM   619  C  CB  . TRP A 1 103 ? 16.340  6.133   -6.223  1.00 20.01  ? 132  TRP A CB  1 
ATOM   620  C  CG  . TRP A 1 103 ? 17.080  5.467   -7.338  1.00 19.12  ? 132  TRP A CG  1 
ATOM   621  C  CD1 . TRP A 1 103 ? 18.423  5.514   -7.578  1.00 20.64  ? 132  TRP A CD1 1 
ATOM   622  C  CD2 . TRP A 1 103 ? 16.508  4.692   -8.391  1.00 19.20  ? 132  TRP A CD2 1 
ATOM   623  N  NE1 . TRP A 1 103 ? 18.722  4.803   -8.718  1.00 20.42  ? 132  TRP A NE1 1 
ATOM   624  C  CE2 . TRP A 1 103 ? 17.562  4.297   -9.242  1.00 20.20  ? 132  TRP A CE2 1 
ATOM   625  C  CE3 . TRP A 1 103 ? 15.208  4.295   -8.702  1.00 20.55  ? 132  TRP A CE3 1 
ATOM   626  C  CZ2 . TRP A 1 103 ? 17.349  3.521   -10.382 1.00 19.51  ? 132  TRP A CZ2 1 
ATOM   627  C  CZ3 . TRP A 1 103 ? 14.996  3.533   -9.830  1.00 20.98  ? 132  TRP A CZ3 1 
ATOM   628  C  CH2 . TRP A 1 103 ? 16.067  3.146   -10.656 1.00 20.29  ? 132  TRP A CH2 1 
ATOM   629  N  N   . ALA A 1 104 ? 13.437  6.994   -7.001  1.00 19.65  ? 133  ALA A N   1 
ATOM   630  C  CA  . ALA A 1 104 ? 12.222  6.696   -7.751  1.00 19.99  ? 133  ALA A CA  1 
ATOM   631  C  C   . ALA A 1 104 ? 11.392  7.924   -8.140  1.00 21.02  ? 133  ALA A C   1 
ATOM   632  O  O   . ALA A 1 104 ? 10.361  7.777   -8.789  1.00 22.83  ? 133  ALA A O   1 
ATOM   633  C  CB  . ALA A 1 104 ? 11.358  5.714   -6.957  1.00 19.23  ? 133  ALA A CB  1 
ATOM   634  N  N   . GLY A 1 105 ? 11.817  9.124   -7.751  1.00 21.59  ? 134  GLY A N   1 
ATOM   635  C  CA  . GLY A 1 105 ? 11.060  10.339  -8.080  1.00 22.54  ? 134  GLY A CA  1 
ATOM   636  C  C   . GLY A 1 105 ? 9.757   10.485  -7.310  1.00 23.64  ? 134  GLY A C   1 
ATOM   637  O  O   . GLY A 1 105 ? 8.757   10.979  -7.850  1.00 25.05  ? 134  GLY A O   1 
ATOM   638  N  N   . ILE A 1 106 ? 9.757   10.043  -6.055  1.00 23.87  ? 135  ILE A N   1 
ATOM   639  C  CA  . ILE A 1 106 ? 8.565   10.086  -5.222  1.00 24.20  ? 135  ILE A CA  1 
ATOM   640  C  C   . ILE A 1 106 ? 8.673   11.251  -4.249  1.00 26.02  ? 135  ILE A C   1 
ATOM   641  O  O   . ILE A 1 106 ? 9.700   11.416  -3.592  1.00 23.30  ? 135  ILE A O   1 
ATOM   642  C  CB  . ILE A 1 106 ? 8.395   8.794   -4.398  1.00 23.72  ? 135  ILE A CB  1 
ATOM   643  C  CG1 . ILE A 1 106 ? 8.199   7.588   -5.316  1.00 23.42  ? 135  ILE A CG1 1 
ATOM   644  C  CG2 . ILE A 1 106 ? 7.201   8.893   -3.447  1.00 24.87  ? 135  ILE A CG2 1 
ATOM   645  C  CD1 . ILE A 1 106 ? 8.322   6.268   -4.591  1.00 23.26  ? 135  ILE A CD1 1 
ATOM   646  N  N   A LYS A 1 107 ? 7.606   12.040  -4.159  0.50 27.39  ? 136  LYS A N   1 
ATOM   647  N  N   B LYS A 1 107 ? 7.614   12.052  -4.161  0.50 27.63  ? 136  LYS A N   1 
ATOM   648  C  CA  A LYS A 1 107 ? 7.484   13.070  -3.137  0.50 28.91  ? 136  LYS A CA  1 
ATOM   649  C  CA  B LYS A 1 107 ? 7.512   13.082  -3.134  0.50 29.49  ? 136  LYS A CA  1 
ATOM   650  C  C   A LYS A 1 107 ? 6.978   12.423  -1.858  0.50 29.15  ? 136  LYS A C   1 
ATOM   651  C  C   B LYS A 1 107 ? 6.981   12.444  -1.859  0.50 29.55  ? 136  LYS A C   1 
ATOM   652  O  O   A LYS A 1 107 ? 5.874   11.877  -1.823  0.50 29.03  ? 136  LYS A O   1 
ATOM   653  O  O   B LYS A 1 107 ? 5.861   11.929  -1.830  0.50 29.68  ? 136  LYS A O   1 
ATOM   654  C  CB  A LYS A 1 107 ? 6.515   14.157  -3.594  0.50 30.42  ? 136  LYS A CB  1 
ATOM   655  C  CB  B LYS A 1 107 ? 6.582   14.208  -3.581  0.50 31.48  ? 136  LYS A CB  1 
ATOM   656  C  CG  A LYS A 1 107 ? 6.870   14.759  -4.942  0.50 31.76  ? 136  LYS A CG  1 
ATOM   657  C  CG  B LYS A 1 107 ? 6.440   15.327  -2.560  0.50 33.37  ? 136  LYS A CG  1 
ATOM   658  C  CD  A LYS A 1 107 ? 6.134   16.067  -5.183  0.50 33.76  ? 136  LYS A CD  1 
ATOM   659  C  CD  B LYS A 1 107 ? 5.411   16.353  -3.009  0.50 35.74  ? 136  LYS A CD  1 
ATOM   660  C  CE  A LYS A 1 107 ? 6.692   16.788  -6.396  0.50 33.69  ? 136  LYS A CE  1 
ATOM   661  C  CE  B LYS A 1 107 ? 5.142   17.388  -1.928  0.50 36.93  ? 136  LYS A CE  1 
ATOM   662  N  NZ  A LYS A 1 107 ? 8.135   17.116  -6.224  0.50 33.50  ? 136  LYS A NZ  1 
ATOM   663  N  NZ  B LYS A 1 107 ? 3.852   18.095  -2.155  0.50 37.50  ? 136  LYS A NZ  1 
ATOM   664  N  N   . GLN A 1 108 ? 7.788   12.473  -0.805  1.00 30.29  ? 137  GLN A N   1 
ATOM   665  C  CA  . GLN A 1 108 ? 7.405   11.875  0.456   1.00 31.94  ? 137  GLN A CA  1 
ATOM   666  C  C   . GLN A 1 108 ? 6.609   12.883  1.261   1.00 34.94  ? 137  GLN A C   1 
ATOM   667  O  O   . GLN A 1 108 ? 7.007   14.042  1.379   1.00 36.92  ? 137  GLN A O   1 
ATOM   668  C  CB  . GLN A 1 108 ? 8.633   11.425  1.252   1.00 36.22  ? 137  GLN A CB  1 
ATOM   669  C  CG  . GLN A 1 108 ? 8.412   10.078  1.904   1.00 35.39  ? 137  GLN A CG  1 
ATOM   670  C  CD  . GLN A 1 108 ? 9.272   9.804   3.118   1.00 35.73  ? 137  GLN A CD  1 
ATOM   671  O  OE1 . GLN A 1 108 ? 8.870   9.024   3.977   1.00 36.24  ? 137  GLN A OE1 1 
ATOM   672  N  NE2 . GLN A 1 108 ? 10.448  10.421  3.200   1.00 35.11  ? 137  GLN A NE2 1 
ATOM   673  N  N   . GLU A 1 109 ? 5.484   12.445  1.807   1.00 34.89  ? 138  GLU A N   1 
ATOM   674  C  CA  . GLU A 1 109 ? 4.683   13.296  2.670   1.00 39.09  ? 138  GLU A CA  1 
ATOM   675  C  C   . GLU A 1 109 ? 4.352   12.568  3.958   1.00 42.75  ? 138  GLU A C   1 
ATOM   676  O  O   . GLU A 1 109 ? 4.489   11.346  4.053   1.00 36.42  ? 138  GLU A O   1 
ATOM   677  C  CB  . GLU A 1 109 ? 3.404   13.730  1.956   1.00 39.32  ? 138  GLU A CB  1 
ATOM   678  C  CG  . GLU A 1 109 ? 3.669   14.698  0.814   1.00 40.98  ? 138  GLU A CG  1 
ATOM   679  C  CD  . GLU A 1 109 ? 2.409   15.184  0.128   1.00 41.83  ? 138  GLU A CD  1 
ATOM   680  O  OE1 . GLU A 1 109 ? 1.296   14.808  0.555   1.00 46.79  ? 138  GLU A OE1 1 
ATOM   681  O  OE2 . GLU A 1 109 ? 2.539   15.947  -0.846  1.00 48.57  ? 138  GLU A OE2 1 
ATOM   682  N  N   . ASP A 1 110 ? 3.942   13.330  4.963   1.00 46.17  ? 139  ASP A N   1 
ATOM   683  C  CA  . ASP A 1 110 ? 3.389   12.740  6.179   1.00 52.32  ? 139  ASP A CA  1 
ATOM   684  C  C   . ASP A 1 110 ? 2.047   12.072  5.856   1.00 55.46  ? 139  ASP A C   1 
ATOM   685  O  O   . ASP A 1 110 ? 1.343   12.493  4.943   1.00 56.26  ? 139  ASP A O   1 
ATOM   686  C  CB  . ASP A 1 110 ? 3.212   13.802  7.265   1.00 55.15  ? 139  ASP A CB  1 
ATOM   687  C  CG  . ASP A 1 110 ? 2.495   15.038  6.758   1.00 59.53  ? 139  ASP A CG  1 
ATOM   688  O  OD1 . ASP A 1 110 ? 1.398   14.892  6.183   1.00 64.86  ? 139  ASP A OD1 1 
ATOM   689  O  OD2 . ASP A 1 110 ? 3.039   16.151  6.911   1.00 58.05  ? 139  ASP A OD2 1 
ATOM   690  N  N   . GLY A 1 111 ? 1.717   11.018  6.593   1.00 57.77  ? 140  GLY A N   1 
ATOM   691  C  CA  . GLY A 1 111 ? 0.398   10.390  6.521   1.00 62.28  ? 140  GLY A CA  1 
ATOM   692  C  C   . GLY A 1 111 ? -0.575  10.922  7.557   1.00 68.05  ? 140  GLY A C   1 
ATOM   693  O  O   . GLY A 1 111 ? -1.635  10.328  7.778   1.00 59.68  ? 140  GLY A O   1 
ATOM   694  N  N   . ILE A 1 112 ? -0.214  12.035  8.198   1.00 76.89  ? 141  ILE A N   1 
ATOM   695  C  CA  . ILE A 1 112 ? -1.107  12.722  9.125   1.00 85.89  ? 141  ILE A CA  1 
ATOM   696  C  C   . ILE A 1 112 ? -2.450  12.920  8.427   1.00 93.16  ? 141  ILE A C   1 
ATOM   697  O  O   . ILE A 1 112 ? -2.478  13.338  7.265   1.00 93.69  ? 141  ILE A O   1 
ATOM   698  C  CB  . ILE A 1 112 ? -0.517  14.091  9.566   1.00 85.67  ? 141  ILE A CB  1 
ATOM   699  C  CG1 . ILE A 1 112 ? -1.367  14.751  10.645  1.00 86.26  ? 141  ILE A CG1 1 
ATOM   700  C  CG2 . ILE A 1 112 ? -0.419  15.063  8.402   1.00 85.75  ? 141  ILE A CG2 1 
ATOM   701  C  CD1 . ILE A 1 112 ? -1.618  13.892  11.853  1.00 87.44  ? 141  ILE A CD1 1 
ATOM   702  N  N   . PRO A 1 113 ? -3.569  12.586  9.102   1.00 101.50 ? 142  PRO A N   1 
ATOM   703  C  CA  . PRO A 1 113 ? -4.824  12.867  8.414   1.00 106.29 ? 142  PRO A CA  1 
ATOM   704  C  C   . PRO A 1 113 ? -5.064  14.372  8.220   1.00 111.08 ? 142  PRO A C   1 
ATOM   705  O  O   . PRO A 1 113 ? -5.881  14.973  8.924   1.00 107.84 ? 142  PRO A O   1 
ATOM   706  C  CB  . PRO A 1 113 ? -5.880  12.219  9.325   1.00 105.36 ? 142  PRO A CB  1 
ATOM   707  C  CG  . PRO A 1 113 ? -5.134  11.166  10.070  1.00 103.31 ? 142  PRO A CG  1 
ATOM   708  C  CD  . PRO A 1 113 ? -3.793  11.782  10.319  1.00 102.48 ? 142  PRO A CD  1 
ATOM   709  N  N   . TYR A 1 114 ? -4.329  14.967  7.277   1.00 116.50 ? 143  TYR A N   1 
ATOM   710  C  CA  . TYR A 1 114 ? -4.673  16.280  6.739   1.00 118.97 ? 143  TYR A CA  1 
ATOM   711  C  C   . TYR A 1 114 ? -6.084  16.153  6.178   1.00 121.74 ? 143  TYR A C   1 
ATOM   712  O  O   . TYR A 1 114 ? -6.884  17.088  6.248   1.00 122.86 ? 143  TYR A O   1 
ATOM   713  C  CB  . TYR A 1 114 ? -3.714  16.707  5.615   1.00 117.56 ? 143  TYR A CB  1 
ATOM   714  C  CG  . TYR A 1 114 ? -2.335  17.197  6.038   1.00 116.51 ? 143  TYR A CG  1 
ATOM   715  C  CD1 . TYR A 1 114 ? -2.135  17.875  7.242   1.00 113.94 ? 143  TYR A CD1 1 
ATOM   716  C  CD2 . TYR A 1 114 ? -1.235  17.023  5.198   1.00 116.29 ? 143  TYR A CD2 1 
ATOM   717  C  CE1 . TYR A 1 114 ? -0.876  18.327  7.609   1.00 113.67 ? 143  TYR A CE1 1 
ATOM   718  C  CE2 . TYR A 1 114 ? 0.025   17.478  5.554   1.00 115.16 ? 143  TYR A CE2 1 
ATOM   719  C  CZ  . TYR A 1 114 ? 0.198   18.127  6.761   1.00 114.85 ? 143  TYR A CZ  1 
ATOM   720  O  OH  . TYR A 1 114 ? 1.446   18.580  7.120   1.00 114.29 ? 143  TYR A OH  1 
ATOM   721  N  N   . ASN A 1 115 ? -6.364  14.977  5.615   1.00 123.50 ? 144  ASN A N   1 
ATOM   722  C  CA  . ASN A 1 115 ? -7.704  14.576  5.229   1.00 122.91 ? 144  ASN A CA  1 
ATOM   723  C  C   . ASN A 1 115 ? -8.196  13.465  6.168   1.00 124.07 ? 144  ASN A C   1 
ATOM   724  O  O   . ASN A 1 115 ? -7.532  12.433  6.306   1.00 123.94 ? 144  ASN A O   1 
ATOM   725  C  CB  . ASN A 1 115 ? -7.693  14.084  3.784   1.00 120.62 ? 144  ASN A CB  1 
ATOM   726  C  CG  . ASN A 1 115 ? -9.081  13.988  3.192   1.00 119.77 ? 144  ASN A CG  1 
ATOM   727  O  OD1 . ASN A 1 115 ? -9.770  12.988  3.364   1.00 117.31 ? 144  ASN A OD1 1 
ATOM   728  N  ND2 . ASN A 1 115 ? -9.498  15.030  2.479   1.00 119.23 ? 144  ASN A ND2 1 
ATOM   729  N  N   . PRO A 1 116 ? -9.363  13.669  6.814   1.00 122.58 ? 145  PRO A N   1 
ATOM   730  C  CA  . PRO A 1 116 ? -9.875  12.709  7.792   1.00 120.56 ? 145  PRO A CA  1 
ATOM   731  C  C   . PRO A 1 116 ? -10.532 11.477  7.169   1.00 117.95 ? 145  PRO A C   1 
ATOM   732  O  O   . PRO A 1 116 ? -10.773 10.492  7.868   1.00 113.61 ? 145  PRO A O   1 
ATOM   733  C  CB  . PRO A 1 116 ? -10.931 13.520  8.532   1.00 120.87 ? 145  PRO A CB  1 
ATOM   734  C  CG  . PRO A 1 116 ? -11.468 14.447  7.501   1.00 120.33 ? 145  PRO A CG  1 
ATOM   735  C  CD  . PRO A 1 116 ? -10.316 14.774  6.590   1.00 120.68 ? 145  PRO A CD  1 
ATOM   736  N  N   . GLN A 1 117 ? -10.815 11.533  5.869   1.00 116.71 ? 146  GLN A N   1 
ATOM   737  C  CA  . GLN A 1 117 ? -11.490 10.435  5.176   1.00 114.10 ? 146  GLN A CA  1 
ATOM   738  C  C   . GLN A 1 117 ? -10.566 9.231   4.985   1.00 111.40 ? 146  GLN A C   1 
ATOM   739  O  O   . GLN A 1 117 ? -11.022 8.165   4.580   1.00 109.52 ? 146  GLN A O   1 
ATOM   740  C  CB  . GLN A 1 117 ? -12.022 10.889  3.806   1.00 113.37 ? 146  GLN A CB  1 
ATOM   741  C  CG  . GLN A 1 117 ? -12.824 12.187  3.808   1.00 112.59 ? 146  GLN A CG  1 
ATOM   742  C  CD  . GLN A 1 117 ? -14.082 12.108  4.654   1.00 111.20 ? 146  GLN A CD  1 
ATOM   743  O  OE1 . GLN A 1 117 ? -14.800 11.108  4.623   1.00 110.31 ? 146  GLN A OE1 1 
ATOM   744  N  NE2 . GLN A 1 117 ? -14.361 13.167  5.408   1.00 108.11 ? 146  GLN A NE2 1 
ATOM   745  N  N   . SER A 1 118 ? -9.275  9.403   5.273   1.00 107.17 ? 147  SER A N   1 
ATOM   746  C  CA  . SER A 1 118 ? -8.288  8.347   5.070   1.00 104.08 ? 147  SER A CA  1 
ATOM   747  C  C   . SER A 1 118 ? -8.073  7.482   6.318   1.00 102.33 ? 147  SER A C   1 
ATOM   748  O  O   . SER A 1 118 ? -8.141  6.255   6.235   1.00 103.86 ? 147  SER A O   1 
ATOM   749  C  CB  . SER A 1 118 ? -6.960  8.955   4.617   1.00 101.90 ? 147  SER A CB  1 
ATOM   750  O  OG  . SER A 1 118 ? -6.191  8.003   3.909   1.00 98.18  ? 147  SER A OG  1 
ATOM   751  N  N   . GLN A 1 119 ? -7.824  8.118   7.464   1.00 97.26  ? 148  GLN A N   1 
ATOM   752  C  CA  . GLN A 1 119 ? -7.420  7.401   8.694   1.00 92.01  ? 148  GLN A CA  1 
ATOM   753  C  C   . GLN A 1 119 ? -8.429  6.340   9.164   1.00 87.28  ? 148  GLN A C   1 
ATOM   754  O  O   . GLN A 1 119 ? -8.033  5.270   9.634   1.00 83.28  ? 148  GLN A O   1 
ATOM   755  C  CB  . GLN A 1 119 ? -7.082  8.386   9.838   1.00 92.51  ? 148  GLN A CB  1 
ATOM   756  C  CG  . GLN A 1 119 ? -7.982  8.352   11.080  1.00 92.24  ? 148  GLN A CG  1 
ATOM   757  C  CD  . GLN A 1 119 ? -9.151  9.334   11.062  1.00 90.81  ? 148  GLN A CD  1 
ATOM   758  O  OE1 . GLN A 1 119 ? -9.548  9.832   12.115  1.00 86.75  ? 148  GLN A OE1 1 
ATOM   759  N  NE2 . GLN A 1 119 ? -9.710  9.611   9.887   1.00 90.42  ? 148  GLN A NE2 1 
ATOM   760  N  N   . GLY A 1 120 ? -9.721  6.642   9.045   1.00 82.23  ? 149  GLY A N   1 
ATOM   761  C  CA  . GLY A 1 120 ? -10.776 5.718   9.453   1.00 74.90  ? 149  GLY A CA  1 
ATOM   762  C  C   . GLY A 1 120 ? -10.977 4.638   8.408   1.00 68.82  ? 149  GLY A C   1 
ATOM   763  O  O   . GLY A 1 120 ? -11.265 3.487   8.740   1.00 61.37  ? 149  GLY A O   1 
ATOM   764  N  N   . VAL A 1 121 ? -10.825 5.022   7.142   1.00 66.59  ? 150  VAL A N   1 
ATOM   765  C  CA  . VAL A 1 121 ? -10.881 4.079   6.022   1.00 67.15  ? 150  VAL A CA  1 
ATOM   766  C  C   . VAL A 1 121 ? -9.716  3.078   6.076   1.00 62.57  ? 150  VAL A C   1 
ATOM   767  O  O   . VAL A 1 121 ? -9.860  1.940   5.631   1.00 64.34  ? 150  VAL A O   1 
ATOM   768  C  CB  . VAL A 1 121 ? -10.924 4.832   4.667   1.00 68.99  ? 150  VAL A CB  1 
ATOM   769  C  CG1 . VAL A 1 121 ? -10.641 3.904   3.489   1.00 69.79  ? 150  VAL A CG1 1 
ATOM   770  C  CG2 . VAL A 1 121 ? -12.282 5.501   4.494   1.00 69.17  ? 150  VAL A CG2 1 
ATOM   771  N  N   . ILE A 1 122 ? -8.579  3.503   6.629   1.00 59.14  ? 151  ILE A N   1 
ATOM   772  C  CA  . ILE A 1 122 ? -7.411  2.629   6.806   1.00 56.83  ? 151  ILE A CA  1 
ATOM   773  C  C   . ILE A 1 122 ? -7.664  1.601   7.902   1.00 53.68  ? 151  ILE A C   1 
ATOM   774  O  O   . ILE A 1 122 ? -7.434  0.407   7.706   1.00 49.24  ? 151  ILE A O   1 
ATOM   775  C  CB  . ILE A 1 122 ? -6.145  3.444   7.148   1.00 58.66  ? 151  ILE A CB  1 
ATOM   776  C  CG1 . ILE A 1 122 ? -5.687  4.226   5.921   1.00 58.90  ? 151  ILE A CG1 1 
ATOM   777  C  CG2 . ILE A 1 122 ? -5.006  2.542   7.619   1.00 57.42  ? 151  ILE A CG2 1 
ATOM   778  C  CD1 . ILE A 1 122 ? -4.836  5.423   6.260   1.00 60.86  ? 151  ILE A CD1 1 
ATOM   779  N  N   . GLU A 1 123 ? -8.118  2.078   9.059   1.00 52.13  ? 152  GLU A N   1 
ATOM   780  C  CA  . GLU A 1 123 ? -8.529  1.203   10.156  1.00 53.05  ? 152  GLU A CA  1 
ATOM   781  C  C   . GLU A 1 123 ? -9.486  0.127   9.643   1.00 49.52  ? 152  GLU A C   1 
ATOM   782  O  O   . GLU A 1 123 ? -9.311  -1.057  9.930   1.00 45.50  ? 152  GLU A O   1 
ATOM   783  C  CB  . GLU A 1 123 ? -9.187  2.027   11.277  1.00 59.21  ? 152  GLU A CB  1 
ATOM   784  C  CG  . GLU A 1 123 ? -9.944  1.215   12.326  1.00 65.40  ? 152  GLU A CG  1 
ATOM   785  C  CD  . GLU A 1 123 ? -10.293 2.020   13.572  1.00 72.86  ? 152  GLU A CD  1 
ATOM   786  O  OE1 . GLU A 1 123 ? -10.349 3.270   13.498  1.00 75.05  ? 152  GLU A OE1 1 
ATOM   787  O  OE2 . GLU A 1 123 ? -10.517 1.397   14.632  1.00 72.85  ? 152  GLU A OE2 1 
ATOM   788  N  N   . SER A 1 124 ? -10.483 0.549   8.867   1.00 48.91  ? 153  SER A N   1 
ATOM   789  C  CA  . SER A 1 124 ? -11.486 -0.366  8.336   1.00 46.76  ? 153  SER A CA  1 
ATOM   790  C  C   . SER A 1 124 ? -10.909 -1.259  7.234   1.00 43.80  ? 153  SER A C   1 
ATOM   791  O  O   . SER A 1 124 ? -11.291 -2.420  7.116   1.00 40.99  ? 153  SER A O   1 
ATOM   792  C  CB  . SER A 1 124 ? -12.717 0.403   7.831   1.00 49.24  ? 153  SER A CB  1 
ATOM   793  O  OG  . SER A 1 124 ? -12.426 1.153   6.668   1.00 51.58  ? 153  SER A OG  1 
ATOM   794  N  N   . MET A 1 125 ? -9.994  -0.720  6.432   1.00 43.96  ? 154  MET A N   1 
ATOM   795  C  CA  . MET A 1 125 ? -9.291  -1.527  5.426   1.00 43.35  ? 154  MET A CA  1 
ATOM   796  C  C   . MET A 1 125 ? -8.471  -2.627  6.090   1.00 36.89  ? 154  MET A C   1 
ATOM   797  O  O   . MET A 1 125 ? -8.488  -3.772  5.640   1.00 37.84  ? 154  MET A O   1 
ATOM   798  C  CB  . MET A 1 125 ? -8.373  -0.658  4.569   1.00 45.51  ? 154  MET A CB  1 
ATOM   799  C  CG  . MET A 1 125 ? -7.679  -1.415  3.445   1.00 48.83  ? 154  MET A CG  1 
ATOM   800  S  SD  . MET A 1 125 ? -6.368  -0.433  2.708   1.00 50.06  ? 154  MET A SD  1 
ATOM   801  C  CE  . MET A 1 125 ? -5.139  -0.501  4.014   1.00 48.99  ? 154  MET A CE  1 
ATOM   802  N  N   . ASN A 1 126 ? -7.751  -2.282  7.153   1.00 32.15  ? 155  ASN A N   1 
ATOM   803  C  CA  . ASN A 1 126 ? -7.015  -3.293  7.914   1.00 32.54  ? 155  ASN A CA  1 
ATOM   804  C  C   . ASN A 1 126 ? -7.942  -4.373  8.464   1.00 33.03  ? 155  ASN A C   1 
ATOM   805  O  O   . ASN A 1 126 ? -7.636  -5.559  8.380   1.00 29.85  ? 155  ASN A O   1 
ATOM   806  C  CB  . ASN A 1 126 ? -6.207  -2.653  9.040   1.00 33.25  ? 155  ASN A CB  1 
ATOM   807  C  CG  . ASN A 1 126 ? -5.016  -1.877  8.523   1.00 33.69  ? 155  ASN A CG  1 
ATOM   808  O  OD1 . ASN A 1 126 ? -4.564  -2.097  7.396   1.00 32.77  ? 155  ASN A OD1 1 
ATOM   809  N  ND2 . ASN A 1 126 ? -4.492  -0.967  9.346   1.00 32.58  ? 155  ASN A ND2 1 
ATOM   810  N  N   . LYS A 1 127 ? -9.085  -3.959  9.006   1.00 35.43  ? 156  LYS A N   1 
ATOM   811  C  CA  . LYS A 1 127 ? -10.089 -4.908  9.482   1.00 37.32  ? 156  LYS A CA  1 
ATOM   812  C  C   . LYS A 1 127 ? -10.603 -5.787  8.337   1.00 34.71  ? 156  LYS A C   1 
ATOM   813  O  O   . LYS A 1 127 ? -10.687 -7.008  8.470   1.00 33.51  ? 156  LYS A O   1 
ATOM   814  C  CB  . LYS A 1 127 ? -11.259 -4.170  10.150  1.00 42.87  ? 156  LYS A CB  1 
ATOM   815  C  CG  . LYS A 1 127 ? -12.112 -5.057  11.043  1.00 46.67  ? 156  LYS A CG  1 
ATOM   816  C  CD  . LYS A 1 127 ? -13.187 -4.267  11.775  1.00 50.57  ? 156  LYS A CD  1 
ATOM   817  C  CE  . LYS A 1 127 ? -14.343 -3.899  10.855  1.00 54.23  ? 156  LYS A CE  1 
ATOM   818  N  NZ  . LYS A 1 127 ? -15.454 -3.234  11.597  1.00 59.45  ? 156  LYS A NZ  1 
ATOM   819  N  N   . GLU A 1 128 ? -10.939 -5.162  7.213   1.00 36.18  ? 157  GLU A N   1 
ATOM   820  C  CA  . GLU A 1 128 ? -11.437 -5.894  6.050   1.00 38.36  ? 157  GLU A CA  1 
ATOM   821  C  C   . GLU A 1 128 ? -10.381 -6.836  5.469   1.00 35.76  ? 157  GLU A C   1 
ATOM   822  O  O   . GLU A 1 128 ? -10.692 -7.959  5.087   1.00 34.75  ? 157  GLU A O   1 
ATOM   823  C  CB  . GLU A 1 128 ? -11.930 -4.922  4.968   1.00 44.17  ? 157  GLU A CB  1 
ATOM   824  C  CG  . GLU A 1 128 ? -12.637 -5.590  3.790   1.00 49.22  ? 157  GLU A CG  1 
ATOM   825  C  CD  . GLU A 1 128 ? -13.817 -6.462  4.211   1.00 55.25  ? 157  GLU A CD  1 
ATOM   826  O  OE1 . GLU A 1 128 ? -14.567 -6.065  5.134   1.00 60.12  ? 157  GLU A OE1 1 
ATOM   827  O  OE2 . GLU A 1 128 ? -14.000 -7.549  3.618   1.00 59.15  ? 157  GLU A OE2 1 
ATOM   828  N  N   . LEU A 1 129 ? -9.135  -6.379  5.403   1.00 33.95  ? 158  LEU A N   1 
ATOM   829  C  CA  . LEU A 1 129 ? -8.047  -7.219  4.906   1.00 30.62  ? 158  LEU A CA  1 
ATOM   830  C  C   . LEU A 1 129 ? -7.835  -8.409  5.831   1.00 28.40  ? 158  LEU A C   1 
ATOM   831  O  O   . LEU A 1 129 ? -7.664  -9.539  5.374   1.00 25.06  ? 158  LEU A O   1 
ATOM   832  C  CB  . LEU A 1 129 ? -6.753  -6.400  4.767   1.00 31.17  ? 158  LEU A CB  1 
ATOM   833  C  CG  . LEU A 1 129 ? -5.570  -7.080  4.078   1.00 34.18  ? 158  LEU A CG  1 
ATOM   834  C  CD1 . LEU A 1 129 ? -5.917  -7.536  2.665   1.00 35.31  ? 158  LEU A CD1 1 
ATOM   835  C  CD2 . LEU A 1 129 ? -4.374  -6.142  4.048   1.00 36.13  ? 158  LEU A CD2 1 
ATOM   836  N  N   . LYS A 1 130 ? -7.865  -8.166  7.142   1.00 26.45  ? 159  LYS A N   1 
ATOM   837  C  CA  . LYS A 1 130 ? -7.711  -9.253  8.103   1.00 26.44  ? 159  LYS A CA  1 
ATOM   838  C  C   . LYS A 1 130 ? -8.863  -10.261 8.020   1.00 25.60  ? 159  LYS A C   1 
ATOM   839  O  O   . LYS A 1 130 ? -8.660  -11.455 8.208   1.00 26.36  ? 159  LYS A O   1 
ATOM   840  C  CB  . LYS A 1 130 ? -7.569  -8.707  9.531   1.00 27.94  ? 159  LYS A CB  1 
ATOM   841  C  CG  . LYS A 1 130 ? -6.193  -8.122  9.800   1.00 29.48  ? 159  LYS A CG  1 
ATOM   842  C  CD  . LYS A 1 130 ? -6.078  -7.527  11.200  1.00 31.07  ? 159  LYS A CD  1 
ATOM   843  C  CE  . LYS A 1 130 ? -4.676  -6.998  11.413  1.00 31.84  ? 159  LYS A CE  1 
ATOM   844  N  NZ  . LYS A 1 130 ? -4.446  -6.451  12.780  1.00 33.16  ? 159  LYS A NZ  1 
ATOM   845  N  N   . LYS A 1 131 ? -10.057 -9.767  7.725   1.00 27.88  ? 160  LYS A N   1 
ATOM   846  C  CA  . LYS A 1 131 ? -11.222 -10.632 7.538   1.00 30.81  ? 160  LYS A CA  1 
ATOM   847  C  C   . LYS A 1 131 ? -10.995 -11.557 6.345   1.00 27.70  ? 160  LYS A C   1 
ATOM   848  O  O   . LYS A 1 131 ? -11.188 -12.761 6.446   1.00 26.99  ? 160  LYS A O   1 
ATOM   849  C  CB  . LYS A 1 131 ? -12.475 -9.790  7.319   1.00 33.48  ? 160  LYS A CB  1 
ATOM   850  C  CG  . LYS A 1 131 ? -13.762 -10.585 7.154   1.00 37.90  ? 160  LYS A CG  1 
ATOM   851  C  CD  . LYS A 1 131 ? -14.937 -9.641  6.984   1.00 42.55  ? 160  LYS A CD  1 
ATOM   852  C  CE  . LYS A 1 131 ? -16.238 -10.394 6.761   1.00 46.99  ? 160  LYS A CE  1 
ATOM   853  N  NZ  . LYS A 1 131 ? -17.392 -9.451  6.707   1.00 49.53  ? 160  LYS A NZ  1 
ATOM   854  N  N   . ILE A 1 132 ? -10.559 -10.992 5.224   1.00 28.18  ? 161  ILE A N   1 
ATOM   855  C  CA  . ILE A 1 132 ? -10.293 -11.803 4.026   1.00 26.30  ? 161  ILE A CA  1 
ATOM   856  C  C   . ILE A 1 132 ? -9.162  -12.791 4.308   1.00 25.40  ? 161  ILE A C   1 
ATOM   857  O  O   . ILE A 1 132 ? -9.245  -13.966 3.936   1.00 24.48  ? 161  ILE A O   1 
ATOM   858  C  CB  . ILE A 1 132 ? -9.952  -10.941 2.789   1.00 28.01  ? 161  ILE A CB  1 
ATOM   859  C  CG1 . ILE A 1 132 ? -11.098 -9.986  2.449   1.00 28.98  ? 161  ILE A CG1 1 
ATOM   860  C  CG2 . ILE A 1 132 ? -9.648  -11.837 1.591   1.00 27.33  ? 161  ILE A CG2 1 
ATOM   861  C  CD1 . ILE A 1 132 ? -10.732 -8.902  1.460   1.00 30.45  ? 161  ILE A CD1 1 
ATOM   862  N  N   . ILE A 1 133 ? -8.104  -12.334 4.979   1.00 24.93  ? 162  ILE A N   1 
ATOM   863  C  CA  . ILE A 1 133 ? -7.014  -13.238 5.359   1.00 22.97  ? 162  ILE A CA  1 
ATOM   864  C  C   . ILE A 1 133 ? -7.543  -14.436 6.159   1.00 24.57  ? 162  ILE A C   1 
ATOM   865  O  O   . ILE A 1 133 ? -7.170  -15.580 5.902   1.00 24.31  ? 162  ILE A O   1 
ATOM   866  C  CB  . ILE A 1 133 ? -5.892  -12.518 6.154   1.00 22.58  ? 162  ILE A CB  1 
ATOM   867  C  CG1 . ILE A 1 133 ? -5.126  -11.556 5.239   1.00 22.87  ? 162  ILE A CG1 1 
ATOM   868  C  CG2 . ILE A 1 133 ? -4.941  -13.541 6.756   1.00 22.13  ? 162  ILE A CG2 1 
ATOM   869  C  CD1 . ILE A 1 133 ? -4.235  -10.556 5.955   1.00 23.08  ? 162  ILE A CD1 1 
ATOM   870  N  N   . GLY A 1 134 ? -8.407  -14.183 7.135   1.00 26.76  ? 163  GLY A N   1 
ATOM   871  C  CA  . GLY A 1 134 ? -9.006  -15.282 7.904   1.00 26.99  ? 163  GLY A CA  1 
ATOM   872  C  C   . GLY A 1 134 ? -9.801  -16.248 7.031   1.00 27.79  ? 163  GLY A C   1 
ATOM   873  O  O   . GLY A 1 134 ? -9.782  -17.452 7.266   1.00 31.18  ? 163  GLY A O   1 
ATOM   874  N  N   . GLN A 1 135 ? -10.488 -15.714 6.024   1.00 29.28  ? 164  GLN A N   1 
ATOM   875  C  CA  . GLN A 1 135 ? -11.287 -16.531 5.094   1.00 31.89  ? 164  GLN A CA  1 
ATOM   876  C  C   . GLN A 1 135 ? -10.448 -17.441 4.190   1.00 32.65  ? 164  GLN A C   1 
ATOM   877  O  O   . GLN A 1 135 ? -10.918 -18.506 3.797   1.00 31.50  ? 164  GLN A O   1 
ATOM   878  C  CB  . GLN A 1 135 ? -12.178 -15.646 4.222   1.00 34.45  ? 164  GLN A CB  1 
ATOM   879  C  CG  . GLN A 1 135 ? -13.320 -14.973 4.964   1.00 37.46  ? 164  GLN A CG  1 
ATOM   880  C  CD  . GLN A 1 135 ? -14.088 -14.003 4.082   1.00 42.47  ? 164  GLN A CD  1 
ATOM   881  O  OE1 . GLN A 1 135 ? -13.786 -13.849 2.898   1.00 46.19  ? 164  GLN A OE1 1 
ATOM   882  N  NE2 . GLN A 1 135 ? -15.090 -13.347 4.655   1.00 44.71  ? 164  GLN A NE2 1 
ATOM   883  N  N   . VAL A 1 136 ? -9.220  -17.031 3.865   1.00 29.14  ? 165  VAL A N   1 
ATOM   884  C  CA  . VAL A 1 136 ? -8.337  -17.838 3.012   1.00 29.84  ? 165  VAL A CA  1 
ATOM   885  C  C   . VAL A 1 136 ? -7.244  -18.566 3.786   1.00 29.39  ? 165  VAL A C   1 
ATOM   886  O  O   . VAL A 1 136 ? -6.526  -19.394 3.215   1.00 29.42  ? 165  VAL A O   1 
ATOM   887  C  CB  . VAL A 1 136 ? -7.647  -16.989 1.910   1.00 28.05  ? 165  VAL A CB  1 
ATOM   888  C  CG1 . VAL A 1 136 ? -8.666  -16.314 1.022   1.00 27.75  ? 165  VAL A CG1 1 
ATOM   889  C  CG2 . VAL A 1 136 ? -6.692  -15.961 2.505   1.00 27.83  ? 165  VAL A CG2 1 
ATOM   890  N  N   . ARG A 1 137 ? -7.120  -18.272 5.081   1.00 31.46  ? 166  ARG A N   1 
ATOM   891  C  CA  . ARG A 1 137 ? -5.934  -18.660 5.847   1.00 30.26  ? 166  ARG A CA  1 
ATOM   892  C  C   . ARG A 1 137 ? -5.632  -20.149 5.814   1.00 29.15  ? 166  ARG A C   1 
ATOM   893  O  O   . ARG A 1 137 ? -4.476  -20.537 5.731   1.00 27.82  ? 166  ARG A O   1 
ATOM   894  C  CB  . ARG A 1 137 ? -6.039  -18.216 7.311   1.00 31.59  ? 166  ARG A CB  1 
ATOM   895  C  CG  . ARG A 1 137 ? -4.747  -18.398 8.107   1.00 31.50  ? 166  ARG A CG  1 
ATOM   896  C  CD  . ARG A 1 137 ? -3.604  -17.572 7.529   1.00 30.50  ? 166  ARG A CD  1 
ATOM   897  N  NE  . ARG A 1 137 ? -2.319  -17.827 8.179   1.00 29.52  ? 166  ARG A NE  1 
ATOM   898  C  CZ  . ARG A 1 137 ? -1.435  -18.755 7.812   1.00 29.77  ? 166  ARG A CZ  1 
ATOM   899  N  NH1 . ARG A 1 137 ? -1.675  -19.578 6.792   1.00 31.79  ? 166  ARG A NH1 1 
ATOM   900  N  NH2 . ARG A 1 137 ? -0.295  -18.872 8.485   1.00 30.65  ? 166  ARG A NH2 1 
ATOM   901  N  N   . ASP A 1 138 ? -6.665  -20.978 5.905   1.00 30.40  ? 167  ASP A N   1 
ATOM   902  C  CA  . ASP A 1 138 ? -6.476  -22.434 5.896   1.00 33.03  ? 167  ASP A CA  1 
ATOM   903  C  C   . ASP A 1 138 ? -6.095  -23.012 4.521   1.00 32.02  ? 167  ASP A C   1 
ATOM   904  O  O   . ASP A 1 138 ? -5.770  -24.191 4.420   1.00 31.81  ? 167  ASP A O   1 
ATOM   905  C  CB  . ASP A 1 138 ? -7.730  -23.147 6.437   1.00 38.80  ? 167  ASP A CB  1 
ATOM   906  C  CG  . ASP A 1 138 ? -8.992  -22.846 5.627   1.00 42.84  ? 167  ASP A CG  1 
ATOM   907  O  OD1 . ASP A 1 138 ? -8.903  -22.362 4.480   1.00 47.56  ? 167  ASP A OD1 1 
ATOM   908  O  OD2 . ASP A 1 138 ? -10.099 -23.105 6.142   1.00 50.04  ? 167  ASP A OD2 1 
ATOM   909  N  N   . GLN A 1 139 ? -6.140  -22.199 3.468   1.00 30.22  ? 168  GLN A N   1 
ATOM   910  C  CA  . GLN A 1 139 ? -5.776  -22.670 2.114   1.00 28.63  ? 168  GLN A CA  1 
ATOM   911  C  C   . GLN A 1 139 ? -4.279  -22.569 1.816   1.00 28.07  ? 168  GLN A C   1 
ATOM   912  O  O   . GLN A 1 139 ? -3.806  -23.095 0.801   1.00 28.04  ? 168  GLN A O   1 
ATOM   913  C  CB  . GLN A 1 139 ? -6.555  -21.888 1.066   1.00 29.40  ? 168  GLN A CB  1 
ATOM   914  C  CG  . GLN A 1 139 ? -8.060  -22.044 1.198   1.00 30.62  ? 168  GLN A CG  1 
ATOM   915  C  CD  . GLN A 1 139 ? -8.823  -21.195 0.209   1.00 30.61  ? 168  GLN A CD  1 
ATOM   916  O  OE1 . GLN A 1 139 ? -8.481  -21.144 -0.972  1.00 30.54  ? 168  GLN A OE1 1 
ATOM   917  N  NE2 . GLN A 1 139 ? -9.866  -20.517 0.681   1.00 32.48  ? 168  GLN A NE2 1 
ATOM   918  N  N   . ALA A 1 140 ? -3.543  -21.889 2.691   1.00 27.10  ? 169  ALA A N   1 
ATOM   919  C  CA  . ALA A 1 140 ? -2.095  -21.720 2.545   1.00 27.51  ? 169  ALA A CA  1 
ATOM   920  C  C   . ALA A 1 140 ? -1.378  -22.058 3.837   1.00 27.71  ? 169  ALA A C   1 
ATOM   921  O  O   . ALA A 1 140 ? -1.899  -21.810 4.927   1.00 28.30  ? 169  ALA A O   1 
ATOM   922  C  CB  . ALA A 1 140 ? -1.777  -20.294 2.145   1.00 27.23  ? 169  ALA A CB  1 
ATOM   923  N  N   . GLU A 1 141 ? -0.182  -22.619 3.703   1.00 29.20  ? 170  GLU A N   1 
ATOM   924  C  CA  . GLU A 1 141 ? 0.686   -22.879 4.843   1.00 30.91  ? 170  GLU A CA  1 
ATOM   925  C  C   . GLU A 1 141 ? 1.196   -21.575 5.456   1.00 30.56  ? 170  GLU A C   1 
ATOM   926  O  O   . GLU A 1 141 ? 1.137   -21.387 6.677   1.00 28.84  ? 170  GLU A O   1 
ATOM   927  C  CB  . GLU A 1 141 ? 1.869   -23.754 4.417   1.00 33.96  ? 170  GLU A CB  1 
ATOM   928  C  CG  . GLU A 1 141 ? 2.817   -24.105 5.556   1.00 39.28  ? 170  GLU A CG  1 
ATOM   929  C  CD  . GLU A 1 141 ? 4.022   -24.915 5.118   1.00 44.54  ? 170  GLU A CD  1 
ATOM   930  O  OE1 . GLU A 1 141 ? 4.075   -25.352 3.947   1.00 49.50  ? 170  GLU A OE1 1 
ATOM   931  O  OE2 . GLU A 1 141 ? 4.925   -25.121 5.959   1.00 50.81  ? 170  GLU A OE2 1 
ATOM   932  N  N   . HIS A 1 142 ? 1.696   -20.677 4.608   1.00 28.32  ? 171  HIS A N   1 
ATOM   933  C  CA  . HIS A 1 142 ? 2.399   -19.483 5.074   1.00 27.49  ? 171  HIS A CA  1 
ATOM   934  C  C   . HIS A 1 142 ? 1.538   -18.237 4.995   1.00 25.23  ? 171  HIS A C   1 
ATOM   935  O  O   . HIS A 1 142 ? 0.773   -18.056 4.043   1.00 23.90  ? 171  HIS A O   1 
ATOM   936  C  CB  . HIS A 1 142 ? 3.692   -19.281 4.278   1.00 29.08  ? 171  HIS A CB  1 
ATOM   937  C  CG  . HIS A 1 142 ? 4.629   -20.449 4.359   1.00 30.98  ? 171  HIS A CG  1 
ATOM   938  N  ND1 . HIS A 1 142 ? 4.956   -21.218 3.264   1.00 31.83  ? 171  HIS A ND1 1 
ATOM   939  C  CD2 . HIS A 1 142 ? 5.279   -20.998 5.412   1.00 31.98  ? 171  HIS A CD2 1 
ATOM   940  C  CE1 . HIS A 1 142 ? 5.785   -22.177 3.637   1.00 32.05  ? 171  HIS A CE1 1 
ATOM   941  N  NE2 . HIS A 1 142 ? 5.991   -22.070 4.936   1.00 32.93  ? 171  HIS A NE2 1 
ATOM   942  N  N   . LEU A 1 143 ? 1.691   -17.365 5.991   1.00 23.52  ? 172  LEU A N   1 
ATOM   943  C  CA  . LEU A 1 143 ? 0.950   -16.115 6.040   1.00 23.60  ? 172  LEU A CA  1 
ATOM   944  C  C   . LEU A 1 143 ? 1.146   -15.290 4.783   1.00 21.27  ? 172  LEU A C   1 
ATOM   945  O  O   . LEU A 1 143 ? 0.205   -14.681 4.302   1.00 20.05  ? 172  LEU A O   1 
ATOM   946  C  CB  . LEU A 1 143 ? 1.354   -15.272 7.259   1.00 24.51  ? 172  LEU A CB  1 
ATOM   947  C  CG  . LEU A 1 143 ? 0.576   -13.958 7.428   1.00 25.53  ? 172  LEU A CG  1 
ATOM   948  C  CD1 . LEU A 1 143 ? -0.911  -14.190 7.623   1.00 26.62  ? 172  LEU A CD1 1 
ATOM   949  C  CD2 . LEU A 1 143 ? 1.120   -13.132 8.583   1.00 28.19  ? 172  LEU A CD2 1 
ATOM   950  N  N   . LYS A 1 144 ? 2.371   -15.243 4.269   1.00 20.83  ? 173  LYS A N   1 
ATOM   951  C  CA  . LYS A 1 144 ? 2.648   -14.395 3.103   1.00 22.12  ? 173  LYS A CA  1 
ATOM   952  C  C   . LYS A 1 144 ? 1.749   -14.779 1.933   1.00 20.44  ? 173  LYS A C   1 
ATOM   953  O  O   . LYS A 1 144 ? 1.246   -13.921 1.211   1.00 21.93  ? 173  LYS A O   1 
ATOM   954  C  CB  . LYS A 1 144 ? 4.127   -14.440 2.711   1.00 23.05  ? 173  LYS A CB  1 
ATOM   955  C  CG  . LYS A 1 144 ? 4.633   -15.774 2.179   1.00 25.93  ? 173  LYS A CG  1 
ATOM   956  C  CD  . LYS A 1 144 ? 6.118   -15.691 1.815   1.00 29.66  ? 173  LYS A CD  1 
ATOM   957  C  CE  . LYS A 1 144 ? 6.462   -16.672 0.701   1.00 33.97  ? 173  LYS A CE  1 
ATOM   958  N  NZ  . LYS A 1 144 ? 7.907   -16.651 0.349   1.00 36.44  ? 173  LYS A NZ  1 
ATOM   959  N  N   . THR A 1 145 ? 1.529   -16.076 1.764   1.00 20.13  ? 174  THR A N   1 
ATOM   960  C  CA  . THR A 1 145 ? 0.661   -16.578 0.703   1.00 19.97  ? 174  THR A CA  1 
ATOM   961  C  C   . THR A 1 145 ? -0.784  -16.145 0.920   1.00 19.75  ? 174  THR A C   1 
ATOM   962  O  O   . THR A 1 145 ? -1.435  -15.659 -0.005  1.00 18.95  ? 174  THR A O   1 
ATOM   963  C  CB  . THR A 1 145 ? 0.758   -18.110 0.599   1.00 20.66  ? 174  THR A CB  1 
ATOM   964  O  OG1 . THR A 1 145 ? 2.134   -18.495 0.485   1.00 22.03  ? 174  THR A OG1 1 
ATOM   965  C  CG2 . THR A 1 145 ? -0.015  -18.624 -0.602  1.00 21.55  ? 174  THR A CG2 1 
ATOM   966  N  N   . ALA A 1 146 ? -1.277  -16.292 2.149   1.00 19.69  ? 175  ALA A N   1 
ATOM   967  C  CA  . ALA A 1 146 ? -2.629  -15.857 2.498   1.00 19.10  ? 175  ALA A CA  1 
ATOM   968  C  C   . ALA A 1 146 ? -2.818  -14.377 2.257   1.00 18.62  ? 175  ALA A C   1 
ATOM   969  O  O   . ALA A 1 146 ? -3.871  -13.956 1.784   1.00 19.17  ? 175  ALA A O   1 
ATOM   970  C  CB  . ALA A 1 146 ? -2.951  -16.204 3.947   1.00 19.72  ? 175  ALA A CB  1 
ATOM   971  N  N   . VAL A 1 147 ? -1.799  -13.579 2.581   1.00 18.33  ? 176  VAL A N   1 
ATOM   972  C  CA  . VAL A 1 147 ? -1.852  -12.146 2.313   1.00 18.46  ? 176  VAL A CA  1 
ATOM   973  C  C   . VAL A 1 147 ? -2.000  -11.877 0.811   1.00 17.62  ? 176  VAL A C   1 
ATOM   974  O  O   . VAL A 1 147 ? -2.796  -11.039 0.422   1.00 17.53  ? 176  VAL A O   1 
ATOM   975  C  CB  . VAL A 1 147 ? -0.630  -11.403 2.902   1.00 18.75  ? 176  VAL A CB  1 
ATOM   976  C  CG1 . VAL A 1 147 ? -0.520  -9.990  2.347   1.00 19.00  ? 176  VAL A CG1 1 
ATOM   977  C  CG2 . VAL A 1 147 ? -0.731  -11.380 4.418   1.00 20.04  ? 176  VAL A CG2 1 
ATOM   978  N  N   . GLN A 1 148 ? -1.246  -12.580 -0.036  1.00 17.49  ? 177  GLN A N   1 
ATOM   979  C  CA  . GLN A 1 148 ? -1.365  -12.361 -1.493  1.00 17.99  ? 177  GLN A CA  1 
ATOM   980  C  C   . GLN A 1 148 ? -2.740  -12.783 -2.034  1.00 17.27  ? 177  GLN A C   1 
ATOM   981  O  O   . GLN A 1 148 ? -3.292  -12.133 -2.920  1.00 18.99  ? 177  GLN A O   1 
ATOM   982  C  CB  . GLN A 1 148 ? -0.233  -13.056 -2.256  1.00 18.43  ? 177  GLN A CB  1 
ATOM   983  C  CG  . GLN A 1 148 ? 1.149   -12.547 -1.860  1.00 18.99  ? 177  GLN A CG  1 
ATOM   984  C  CD  . GLN A 1 148 ? 1.262   -11.031 -1.931  1.00 20.20  ? 177  GLN A CD  1 
ATOM   985  O  OE1 . GLN A 1 148 ? 0.794   -10.404 -2.883  1.00 21.58  ? 177  GLN A OE1 1 
ATOM   986  N  NE2 . GLN A 1 148 ? 1.919   -10.439 -0.938  1.00 21.85  ? 177  GLN A NE2 1 
ATOM   987  N  N   . MET A 1 149 ? -3.286  -13.859 -1.485  1.00 18.34  ? 178  MET A N   1 
ATOM   988  C  CA  . MET A 1 149 ? -4.652  -14.268 -1.802  1.00 19.13  ? 178  MET A CA  1 
ATOM   989  C  C   . MET A 1 149 ? -5.645  -13.176 -1.416  1.00 19.84  ? 178  MET A C   1 
ATOM   990  O  O   . MET A 1 149 ? -6.574  -12.864 -2.162  1.00 18.68  ? 178  MET A O   1 
ATOM   991  C  CB  . MET A 1 149 ? -5.003  -15.567 -1.080  1.00 20.51  ? 178  MET A CB  1 
ATOM   992  C  CG  . MET A 1 149 ? -4.286  -16.784 -1.617  1.00 22.22  ? 178  MET A CG  1 
ATOM   993  S  SD  . MET A 1 149 ? -4.600  -18.217 -0.566  1.00 26.52  ? 178  MET A SD  1 
ATOM   994  C  CE  . MET A 1 149 ? -4.090  -19.551 -1.629  1.00 27.14  ? 178  MET A CE  1 
ATOM   995  N  N   . ALA A 1 150 ? -5.445  -12.584 -0.244  1.00 19.83  ? 179  ALA A N   1 
ATOM   996  C  CA  . ALA A 1 150 ? -6.309  -11.502 0.221   1.00 20.34  ? 179  ALA A CA  1 
ATOM   997  C  C   . ALA A 1 150 ? -6.181  -10.250 -0.660  1.00 19.87  ? 179  ALA A C   1 
ATOM   998  O  O   . ALA A 1 150 ? -7.176  -9.594  -0.957  1.00 22.19  ? 179  ALA A O   1 
ATOM   999  C  CB  . ALA A 1 150 ? -5.994  -11.185 1.679   1.00 20.32  ? 179  ALA A CB  1 
ATOM   1000 N  N   . VAL A 1 151 ? -4.967  -9.928  -1.098  1.00 17.77  ? 180  VAL A N   1 
ATOM   1001 C  CA  . VAL A 1 151 ? -4.756  -8.825  -2.034  1.00 18.78  ? 180  VAL A CA  1 
ATOM   1002 C  C   . VAL A 1 151 ? -5.569  -9.088  -3.315  1.00 18.35  ? 180  VAL A C   1 
ATOM   1003 O  O   . VAL A 1 151 ? -6.284  -8.211  -3.806  1.00 17.77  ? 180  VAL A O   1 
ATOM   1004 C  CB  . VAL A 1 151 ? -3.254  -8.644  -2.360  1.00 20.10  ? 180  VAL A CB  1 
ATOM   1005 C  CG1 . VAL A 1 151 ? -3.048  -7.736  -3.563  1.00 19.44  ? 180  VAL A CG1 1 
ATOM   1006 C  CG2 . VAL A 1 151 ? -2.506  -8.121  -1.135  1.00 20.64  ? 180  VAL A CG2 1 
ATOM   1007 N  N   . PHE A 1 152 ? -5.461  -10.307 -3.827  1.00 18.84  ? 181  PHE A N   1 
ATOM   1008 C  CA  . PHE A 1 152 ? -6.200  -10.731 -5.021  1.00 18.80  ? 181  PHE A CA  1 
ATOM   1009 C  C   . PHE A 1 152 ? -7.704  -10.484 -4.852  1.00 19.55  ? 181  PHE A C   1 
ATOM   1010 O  O   . PHE A 1 152 ? -8.320  -9.803  -5.667  1.00 19.56  ? 181  PHE A O   1 
ATOM   1011 C  CB  . PHE A 1 152 ? -5.927  -12.215 -5.277  1.00 19.64  ? 181  PHE A CB  1 
ATOM   1012 C  CG  . PHE A 1 152 ? -6.565  -12.770 -6.532  1.00 19.90  ? 181  PHE A CG  1 
ATOM   1013 C  CD1 . PHE A 1 152 ? -7.898  -13.158 -6.542  1.00 20.63  ? 181  PHE A CD1 1 
ATOM   1014 C  CD2 . PHE A 1 152 ? -5.807  -12.995 -7.669  1.00 20.67  ? 181  PHE A CD2 1 
ATOM   1015 C  CE1 . PHE A 1 152 ? -8.482  -13.677 -7.693  1.00 22.62  ? 181  PHE A CE1 1 
ATOM   1016 C  CE2 . PHE A 1 152 ? -6.376  -13.526 -8.812  1.00 21.25  ? 181  PHE A CE2 1 
ATOM   1017 C  CZ  . PHE A 1 152 ? -7.719  -13.867 -8.826  1.00 21.88  ? 181  PHE A CZ  1 
ATOM   1018 N  N   . ILE A 1 153 ? -8.264  -11.024 -3.777  1.00 20.54  ? 182  ILE A N   1 
ATOM   1019 C  CA  . ILE A 1 153 ? -9.703  -10.927 -3.532  1.00 21.72  ? 182  ILE A CA  1 
ATOM   1020 C  C   . ILE A 1 153 ? -10.091 -9.465  -3.383  1.00 22.80  ? 182  ILE A C   1 
ATOM   1021 O  O   . ILE A 1 153 ? -11.058 -9.014  -4.008  1.00 22.25  ? 182  ILE A O   1 
ATOM   1022 C  CB  . ILE A 1 153 ? -10.131 -11.764 -2.313  1.00 22.72  ? 182  ILE A CB  1 
ATOM   1023 C  CG1 . ILE A 1 153 ? -10.014 -13.258 -2.648  1.00 23.28  ? 182  ILE A CG1 1 
ATOM   1024 C  CG2 . ILE A 1 153 ? -11.555 -11.410 -1.885  1.00 22.04  ? 182  ILE A CG2 1 
ATOM   1025 C  CD1 . ILE A 1 153 ? -10.090 -14.184 -1.453  1.00 24.11  ? 182  ILE A CD1 1 
ATOM   1026 N  N   . HIS A 1 154 ? -9.317  -8.713  -2.594  1.00 22.61  ? 183  HIS A N   1 
ATOM   1027 C  CA  . HIS A 1 154 ? -9.594  -7.283  -2.396  1.00 23.79  ? 183  HIS A CA  1 
ATOM   1028 C  C   . HIS A 1 154 ? -9.644  -6.525  -3.720  1.00 24.24  ? 183  HIS A C   1 
ATOM   1029 O  O   . HIS A 1 154 ? -10.593 -5.771  -3.982  1.00 26.83  ? 183  HIS A O   1 
ATOM   1030 C  CB  . HIS A 1 154 ? -8.539  -6.626  -1.495  1.00 24.26  ? 183  HIS A CB  1 
ATOM   1031 C  CG  . HIS A 1 154 ? -8.713  -5.145  -1.354  1.00 27.12  ? 183  HIS A CG  1 
ATOM   1032 N  ND1 . HIS A 1 154 ? -9.390  -4.574  -0.298  1.00 30.52  ? 183  HIS A ND1 1 
ATOM   1033 C  CD2 . HIS A 1 154 ? -8.327  -4.119  -2.151  1.00 27.35  ? 183  HIS A CD2 1 
ATOM   1034 C  CE1 . HIS A 1 154 ? -9.400  -3.259  -0.442  1.00 30.31  ? 183  HIS A CE1 1 
ATOM   1035 N  NE2 . HIS A 1 154 ? -8.768  -2.957  -1.561  1.00 29.91  ? 183  HIS A NE2 1 
ATOM   1036 N  N   . ASN A 1 155 ? -8.627  -6.724  -4.552  1.00 21.84  ? 184  ASN A N   1 
ATOM   1037 C  CA  . ASN A 1 155 ? -8.486  -5.962  -5.785  1.00 21.32  ? 184  ASN A CA  1 
ATOM   1038 C  C   . ASN A 1 155 ? -9.494  -6.337  -6.876  1.00 23.76  ? 184  ASN A C   1 
ATOM   1039 O  O   . ASN A 1 155 ? -9.770  -5.520  -7.743  1.00 23.88  ? 184  ASN A O   1 
ATOM   1040 C  CB  . ASN A 1 155 ? -7.059  -6.045  -6.335  1.00 20.34  ? 184  ASN A CB  1 
ATOM   1041 C  CG  . ASN A 1 155 ? -6.065  -5.226  -5.511  1.00 20.20  ? 184  ASN A CG  1 
ATOM   1042 O  OD1 . ASN A 1 155 ? -6.452  -4.308  -4.775  1.00 19.37  ? 184  ASN A OD1 1 
ATOM   1043 N  ND2 . ASN A 1 155 ? -4.784  -5.533  -5.658  1.00 18.92  ? 184  ASN A ND2 1 
ATOM   1044 N  N   A HIS A 1 156 ? -10.008 -7.567  -6.811  0.60 23.96  ? 185  HIS A N   1 
ATOM   1045 N  N   B HIS A 1 156 ? -10.049 -7.543  -6.821  0.40 25.25  ? 185  HIS A N   1 
ATOM   1046 C  CA  A HIS A 1 156 ? -10.950 -8.112  -7.805  0.60 26.11  ? 185  HIS A CA  1 
ATOM   1047 C  CA  B HIS A 1 156 ? -10.995 -7.995  -7.850  0.40 27.77  ? 185  HIS A CA  1 
ATOM   1048 C  C   A HIS A 1 156 ? -12.425 -7.904  -7.442  0.60 29.07  ? 185  HIS A C   1 
ATOM   1049 C  C   B HIS A 1 156 ? -12.453 -7.930  -7.437  0.40 30.10  ? 185  HIS A C   1 
ATOM   1050 O  O   A HIS A 1 156 ? -13.291 -8.014  -8.311  0.60 29.26  ? 185  HIS A O   1 
ATOM   1051 O  O   B HIS A 1 156 ? -13.338 -8.167  -8.260  0.40 30.40  ? 185  HIS A O   1 
ATOM   1052 C  CB  A HIS A 1 156 ? -10.721 -9.617  -7.989  0.60 25.88  ? 185  HIS A CB  1 
ATOM   1053 C  CB  B HIS A 1 156 ? -10.667 -9.415  -8.259  0.40 28.20  ? 185  HIS A CB  1 
ATOM   1054 C  CG  A HIS A 1 156 ? -9.570  -9.950  -8.881  0.60 25.04  ? 185  HIS A CG  1 
ATOM   1055 C  CG  B HIS A 1 156 ? -9.273  -9.569  -8.756  0.40 28.22  ? 185  HIS A CG  1 
ATOM   1056 N  ND1 A HIS A 1 156 ? -8.264  -9.969  -8.438  0.60 24.27  ? 185  HIS A ND1 1 
ATOM   1057 N  ND1 B HIS A 1 156 ? -8.617  -10.776 -8.761  0.40 29.49  ? 185  HIS A ND1 1 
ATOM   1058 C  CD2 A HIS A 1 156 ? -9.530  -10.305 -10.188 0.60 24.48  ? 185  HIS A CD2 1 
ATOM   1059 C  CD2 B HIS A 1 156 ? -8.396  -8.659  -9.235  0.40 28.47  ? 185  HIS A CD2 1 
ATOM   1060 C  CE1 A HIS A 1 156 ? -7.469  -10.299 -9.439  0.60 24.46  ? 185  HIS A CE1 1 
ATOM   1061 C  CE1 B HIS A 1 156 ? -7.401  -10.609 -9.248  0.40 28.73  ? 185  HIS A CE1 1 
ATOM   1062 N  NE2 A HIS A 1 156 ? -8.211  -10.508 -10.513 0.60 23.27  ? 185  HIS A NE2 1 
ATOM   1063 N  NE2 B HIS A 1 156 ? -7.239  -9.331  -9.540  0.40 28.80  ? 185  HIS A NE2 1 
ATOM   1064 N  N   . LYS A 1 157 ? -12.707 -7.623  -6.171  1.00 32.12  ? 186  LYS A N   1 
ATOM   1065 C  CA  . LYS A 1 157 ? -14.084 -7.521  -5.677  1.00 36.11  ? 186  LYS A CA  1 
ATOM   1066 C  C   . LYS A 1 157 ? -14.809 -6.335  -6.297  1.00 37.15  ? 186  LYS A C   1 
ATOM   1067 O  O   . LYS A 1 157 ? -14.386 -5.189  -6.157  1.00 31.54  ? 186  LYS A O   1 
ATOM   1068 C  CB  . LYS A 1 157 ? -14.104 -7.398  -4.155  1.00 40.32  ? 186  LYS A CB  1 
ATOM   1069 C  CG  . LYS A 1 157 ? -15.498 -7.450  -3.544  1.00 45.39  ? 186  LYS A CG  1 
ATOM   1070 C  CD  . LYS A 1 157 ? -15.421 -7.397  -2.028  1.00 50.90  ? 186  LYS A CD  1 
ATOM   1071 C  CE  . LYS A 1 157 ? -16.798 -7.299  -1.393  1.00 54.64  ? 186  LYS A CE  1 
ATOM   1072 N  NZ  . LYS A 1 157 ? -16.706 -7.324  0.093   1.00 55.73  ? 186  LYS A NZ  1 
ATOM   1073 N  N   . ARG A 1 158 ? -15.924 -6.625  -6.959  1.00 42.47  ? 187  ARG A N   1 
ATOM   1074 C  CA  . ARG A 1 158 ? -16.699 -5.615  -7.673  1.00 47.41  ? 187  ARG A CA  1 
ATOM   1075 C  C   . ARG A 1 158 ? -17.561 -4.863  -6.664  1.00 46.82  ? 187  ARG A C   1 
ATOM   1076 O  O   . ARG A 1 158 ? -18.263 -5.487  -5.876  1.00 48.01  ? 187  ARG A O   1 
ATOM   1077 C  CB  . ARG A 1 158 ? -17.587 -6.276  -8.740  1.00 50.43  ? 187  ARG A CB  1 
ATOM   1078 C  CG  . ARG A 1 158 ? -16.945 -7.474  -9.434  1.00 55.63  ? 187  ARG A CG  1 
ATOM   1079 C  CD  . ARG A 1 158 ? -17.743 -7.964  -10.636 1.00 58.41  ? 187  ARG A CD  1 
ATOM   1080 N  NE  . ARG A 1 158 ? -16.862 -8.317  -11.748 1.00 60.73  ? 187  ARG A NE  1 
ATOM   1081 C  CZ  . ARG A 1 158 ? -16.193 -7.435  -12.492 1.00 59.79  ? 187  ARG A CZ  1 
ATOM   1082 N  NH1 . ARG A 1 158 ? -16.291 -6.127  -12.253 1.00 57.80  ? 187  ARG A NH1 1 
ATOM   1083 N  NH2 . ARG A 1 158 ? -15.415 -7.859  -13.482 1.00 59.55  ? 187  ARG A NH2 1 
ATOM   1084 N  N   . LYS A 1 159 ? -17.499 -3.533  -6.686  1.00 50.85  ? 188  LYS A N   1 
ATOM   1085 C  CA  . LYS A 1 159 ? -18.280 -2.704  -5.762  1.00 55.44  ? 188  LYS A CA  1 
ATOM   1086 C  C   . LYS A 1 159 ? -19.750 -2.672  -6.176  1.00 59.49  ? 188  LYS A C   1 
ATOM   1087 O  O   . LYS A 1 159 ? -20.355 -1.602  -6.285  1.00 63.99  ? 188  LYS A O   1 
ATOM   1088 C  CB  . LYS A 1 159 ? -17.718 -1.276  -5.700  1.00 53.95  ? 188  LYS A CB  1 
ATOM   1089 N  N   . TYR A 1 165 ? -17.471 -1.347  -10.453 1.00 41.63  ? 194  TYR A N   1 
ATOM   1090 C  CA  . TYR A 1 165 ? -16.086 -1.661  -10.778 1.00 40.53  ? 194  TYR A CA  1 
ATOM   1091 C  C   . TYR A 1 165 ? -15.306 -2.159  -9.562  1.00 36.55  ? 194  TYR A C   1 
ATOM   1092 O  O   . TYR A 1 165 ? -15.679 -1.893  -8.418  1.00 34.64  ? 194  TYR A O   1 
ATOM   1093 C  CB  . TYR A 1 165 ? -15.387 -0.435  -11.366 1.00 43.82  ? 194  TYR A CB  1 
ATOM   1094 C  CG  . TYR A 1 165 ? -15.938 -0.010  -12.704 1.00 49.46  ? 194  TYR A CG  1 
ATOM   1095 C  CD1 . TYR A 1 165 ? -15.673 -0.752  -13.854 1.00 53.04  ? 194  TYR A CD1 1 
ATOM   1096 C  CD2 . TYR A 1 165 ? -16.730 1.129   -12.825 1.00 52.78  ? 194  TYR A CD2 1 
ATOM   1097 C  CE1 . TYR A 1 165 ? -16.177 -0.370  -15.087 1.00 58.74  ? 194  TYR A CE1 1 
ATOM   1098 C  CE2 . TYR A 1 165 ? -17.239 1.523   -14.055 1.00 56.26  ? 194  TYR A CE2 1 
ATOM   1099 C  CZ  . TYR A 1 165 ? -16.961 0.769   -15.182 1.00 59.41  ? 194  TYR A CZ  1 
ATOM   1100 O  OH  . TYR A 1 165 ? -17.460 1.149   -16.407 1.00 63.08  ? 194  TYR A OH  1 
ATOM   1101 N  N   . SER A 1 166 ? -14.231 -2.893  -9.832  1.00 31.86  ? 195  SER A N   1 
ATOM   1102 C  CA  . SER A 1 166 ? -13.302 -3.326  -8.796  1.00 28.69  ? 195  SER A CA  1 
ATOM   1103 C  C   . SER A 1 166 ? -12.215 -2.284  -8.652  1.00 26.90  ? 195  SER A C   1 
ATOM   1104 O  O   . SER A 1 166 ? -12.033 -1.437  -9.523  1.00 26.91  ? 195  SER A O   1 
ATOM   1105 C  CB  . SER A 1 166 ? -12.677 -4.668  -9.164  1.00 28.31  ? 195  SER A CB  1 
ATOM   1106 O  OG  . SER A 1 166 ? -11.788 -4.514  -10.255 1.00 28.27  ? 195  SER A OG  1 
ATOM   1107 N  N   . ALA A 1 167 ? -11.483 -2.353  -7.543  1.00 26.24  ? 196  ALA A N   1 
ATOM   1108 C  CA  . ALA A 1 167 ? -10.356 -1.459  -7.322  1.00 25.20  ? 196  ALA A CA  1 
ATOM   1109 C  C   . ALA A 1 167 ? -9.327  -1.590  -8.449  1.00 23.16  ? 196  ALA A C   1 
ATOM   1110 O  O   . ALA A 1 167 ? -8.749  -0.599  -8.872  1.00 23.66  ? 196  ALA A O   1 
ATOM   1111 C  CB  . ALA A 1 167 ? -9.722  -1.743  -5.967  1.00 24.56  ? 196  ALA A CB  1 
ATOM   1112 N  N   . GLY A 1 168 ? -9.096  -2.816  -8.919  1.00 23.98  ? 197  GLY A N   1 
ATOM   1113 C  CA  . GLY A 1 168 ? -8.173  -3.067  -10.026 1.00 25.55  ? 197  GLY A CA  1 
ATOM   1114 C  C   . GLY A 1 168 ? -8.602  -2.365  -11.300 1.00 26.40  ? 197  GLY A C   1 
ATOM   1115 O  O   . GLY A 1 168 ? -7.790  -1.769  -12.011 1.00 25.22  ? 197  GLY A O   1 
ATOM   1116 N  N   . GLU A 1 169 ? -9.895  -2.430  -11.589 1.00 26.68  ? 198  GLU A N   1 
ATOM   1117 C  CA  . GLU A 1 169 ? -10.444 -1.715  -12.733 1.00 28.42  ? 198  GLU A CA  1 
ATOM   1118 C  C   . GLU A 1 169 ? -10.350 -0.197  -12.551 1.00 27.06  ? 198  GLU A C   1 
ATOM   1119 O  O   . GLU A 1 169 ? -9.985  0.511   -13.488 1.00 28.67  ? 198  GLU A O   1 
ATOM   1120 C  CB  . GLU A 1 169 ? -11.887 -2.162  -12.990 1.00 30.34  ? 198  GLU A CB  1 
ATOM   1121 C  CG  . GLU A 1 169 ? -11.963 -3.595  -13.502 1.00 31.83  ? 198  GLU A CG  1 
ATOM   1122 C  CD  . GLU A 1 169 ? -13.382 -4.138  -13.615 1.00 35.08  ? 198  GLU A CD  1 
ATOM   1123 O  OE1 . GLU A 1 169 ? -14.250 -3.767  -12.798 1.00 34.41  ? 198  GLU A OE1 1 
ATOM   1124 O  OE2 . GLU A 1 169 ? -13.618 -4.963  -14.521 1.00 36.14  ? 198  GLU A OE2 1 
ATOM   1125 N  N   . ARG A 1 170 ? -10.645 0.283   -11.342 1.00 27.47  ? 199  ARG A N   1 
ATOM   1126 C  CA  . ARG A 1 170 ? -10.628 1.722   -11.043 1.00 27.97  ? 199  ARG A CA  1 
ATOM   1127 C  C   . ARG A 1 170 ? -9.243  2.345   -11.176 1.00 26.54  ? 199  ARG A C   1 
ATOM   1128 O  O   . ARG A 1 170 ? -9.088  3.392   -11.801 1.00 25.31  ? 199  ARG A O   1 
ATOM   1129 C  CB  . ARG A 1 170 ? -11.195 1.995   -9.650  1.00 31.27  ? 199  ARG A CB  1 
ATOM   1130 C  CG  . ARG A 1 170 ? -12.711 1.854   -9.572  1.00 35.10  ? 199  ARG A CG  1 
ATOM   1131 C  CD  . ARG A 1 170 ? -13.277 2.409   -8.275  1.00 39.00  ? 199  ARG A CD  1 
ATOM   1132 N  NE  . ARG A 1 170 ? -12.758 1.725   -7.085  1.00 42.51  ? 199  ARG A NE  1 
ATOM   1133 C  CZ  . ARG A 1 170 ? -13.281 0.630   -6.524  1.00 45.85  ? 199  ARG A CZ  1 
ATOM   1134 N  NH1 . ARG A 1 170 ? -14.363 0.036   -7.025  1.00 45.14  ? 199  ARG A NH1 1 
ATOM   1135 N  NH2 . ARG A 1 170 ? -12.707 0.120   -5.438  1.00 46.71  ? 199  ARG A NH2 1 
ATOM   1136 N  N   . ILE A 1 171 ? -8.221  1.703   -10.615 1.00 24.34  ? 200  ILE A N   1 
ATOM   1137 C  CA  . ILE A 1 171 ? -6.876  2.266   -10.744 1.00 23.16  ? 200  ILE A CA  1 
ATOM   1138 C  C   . ILE A 1 171 ? -6.441  2.365   -12.216 1.00 23.09  ? 200  ILE A C   1 
ATOM   1139 O  O   . ILE A 1 171 ? -5.874  3.363   -12.621 1.00 24.81  ? 200  ILE A O   1 
ATOM   1140 C  CB  . ILE A 1 171 ? -5.816  1.522   -9.887  1.00 21.70  ? 200  ILE A CB  1 
ATOM   1141 C  CG1 . ILE A 1 171 ? -4.505  2.314   -9.907  1.00 22.67  ? 200  ILE A CG1 1 
ATOM   1142 C  CG2 . ILE A 1 171 ? -5.607  0.089   -10.369 1.00 23.12  ? 200  ILE A CG2 1 
ATOM   1143 C  CD1 . ILE A 1 171 ? -3.472  1.832   -8.908  1.00 21.75  ? 200  ILE A CD1 1 
ATOM   1144 N  N   . VAL A 1 172 ? -6.732  1.341   -13.009 1.00 25.80  ? 201  VAL A N   1 
ATOM   1145 C  CA  . VAL A 1 172 ? -6.351  1.334   -14.420 1.00 28.00  ? 201  VAL A CA  1 
ATOM   1146 C  C   . VAL A 1 172 ? -7.047  2.472   -15.180 1.00 28.89  ? 201  VAL A C   1 
ATOM   1147 O  O   . VAL A 1 172 ? -6.412  3.196   -15.949 1.00 27.91  ? 201  VAL A O   1 
ATOM   1148 C  CB  . VAL A 1 172 ? -6.648  -0.040  -15.057 1.00 30.00  ? 201  VAL A CB  1 
ATOM   1149 C  CG1 . VAL A 1 172 ? -6.577  0.034   -16.577 1.00 33.21  ? 201  VAL A CG1 1 
ATOM   1150 C  CG2 . VAL A 1 172 ? -5.668  -1.082  -14.532 1.00 29.61  ? 201  VAL A CG2 1 
ATOM   1151 N  N   . ASP A 1 173 ? -8.343  2.636   -14.941 1.00 33.13  ? 202  ASP A N   1 
ATOM   1152 C  CA  . ASP A 1 173 ? -9.126  3.705   -15.581 1.00 34.61  ? 202  ASP A CA  1 
ATOM   1153 C  C   . ASP A 1 173 ? -8.613  5.088   -15.184 1.00 33.23  ? 202  ASP A C   1 
ATOM   1154 O  O   . ASP A 1 173 ? -8.451  5.964   -16.036 1.00 31.97  ? 202  ASP A O   1 
ATOM   1155 C  CB  . ASP A 1 173 ? -10.615 3.574   -15.226 1.00 36.51  ? 202  ASP A CB  1 
ATOM   1156 C  CG  . ASP A 1 173 ? -11.278 2.355   -15.873 1.00 43.10  ? 202  ASP A CG  1 
ATOM   1157 O  OD1 . ASP A 1 173 ? -10.784 1.877   -16.918 1.00 48.22  ? 202  ASP A OD1 1 
ATOM   1158 O  OD2 . ASP A 1 173 ? -12.302 1.870   -15.335 1.00 47.07  ? 202  ASP A OD2 1 
ATOM   1159 N  N   . ILE A 1 174 ? -8.337  5.273   -13.893 1.00 32.84  ? 203  ILE A N   1 
ATOM   1160 C  CA  . ILE A 1 174 ? -7.805  6.536   -13.388 1.00 32.49  ? 203  ILE A CA  1 
ATOM   1161 C  C   . ILE A 1 174 ? -6.476  6.906   -14.044 1.00 32.22  ? 203  ILE A C   1 
ATOM   1162 O  O   . ILE A 1 174 ? -6.293  8.042   -14.486 1.00 32.68  ? 203  ILE A O   1 
ATOM   1163 C  CB  . ILE A 1 174 ? -7.652  6.511   -11.848 1.00 31.44  ? 203  ILE A CB  1 
ATOM   1164 C  CG1 . ILE A 1 174 ? -9.030  6.550   -11.185 1.00 32.00  ? 203  ILE A CG1 1 
ATOM   1165 C  CG2 . ILE A 1 174 ? -6.807  7.681   -11.360 1.00 32.92  ? 203  ILE A CG2 1 
ATOM   1166 C  CD1 . ILE A 1 174 ? -9.018  6.217   -9.707  1.00 32.74  ? 203  ILE A CD1 1 
ATOM   1167 N  N   A ILE A 1 175 ? -5.555  5.950   -14.113 0.50 30.98  ? 204  ILE A N   1 
ATOM   1168 N  N   B ILE A 1 175 ? -5.554  5.946   -14.098 0.50 31.54  ? 204  ILE A N   1 
ATOM   1169 C  CA  A ILE A 1 175 ? -4.231  6.202   -14.671 0.50 30.97  ? 204  ILE A CA  1 
ATOM   1170 C  CA  B ILE A 1 175 ? -4.228  6.169   -14.673 0.50 32.00  ? 204  ILE A CA  1 
ATOM   1171 C  C   A ILE A 1 175 ? -4.261  6.360   -16.194 0.50 33.34  ? 204  ILE A C   1 
ATOM   1172 C  C   B ILE A 1 175 ? -4.284  6.375   -16.186 0.50 33.96  ? 204  ILE A C   1 
ATOM   1173 O  O   A ILE A 1 175 ? -3.527  7.180   -16.746 0.50 35.14  ? 204  ILE A O   1 
ATOM   1174 O  O   B ILE A 1 175 ? -3.591  7.242   -16.722 0.50 35.73  ? 204  ILE A O   1 
ATOM   1175 C  CB  A ILE A 1 175 ? -3.253  5.086   -14.268 0.50 30.21  ? 204  ILE A CB  1 
ATOM   1176 C  CB  B ILE A 1 175 ? -3.281  4.989   -14.370 0.50 31.96  ? 204  ILE A CB  1 
ATOM   1177 C  CG1 A ILE A 1 175 ? -3.058  5.111   -12.751 0.50 29.51  ? 204  ILE A CG1 1 
ATOM   1178 C  CG1 B ILE A 1 175 ? -3.047  4.869   -12.864 0.50 32.14  ? 204  ILE A CG1 1 
ATOM   1179 C  CG2 A ILE A 1 175 ? -1.922  5.256   -14.976 0.50 30.68  ? 204  ILE A CG2 1 
ATOM   1180 C  CG2 B ILE A 1 175 ? -1.955  5.171   -15.086 0.50 32.47  ? 204  ILE A CG2 1 
ATOM   1181 C  CD1 A ILE A 1 175 ? -2.331  3.904   -12.213 0.50 28.77  ? 204  ILE A CD1 1 
ATOM   1182 C  CD1 B ILE A 1 175 ? -2.590  6.156   -12.218 0.50 32.15  ? 204  ILE A CD1 1 
ATOM   1183 N  N   . ALA A 1 176 ? -5.106  5.579   -16.866 1.00 34.68  ? 205  ALA A N   1 
ATOM   1184 C  CA  . ALA A 1 176 ? -5.266  5.686   -18.327 1.00 37.00  ? 205  ALA A CA  1 
ATOM   1185 C  C   . ALA A 1 176 ? -5.779  7.072   -18.723 1.00 38.36  ? 205  ALA A C   1 
ATOM   1186 O  O   . ALA A 1 176 ? -5.272  7.681   -19.663 1.00 39.74  ? 205  ALA A O   1 
ATOM   1187 C  CB  . ALA A 1 176 ? -6.197  4.607   -18.847 1.00 35.90  ? 205  ALA A CB  1 
ATOM   1188 N  N   . THR A 1 177 ? -6.764  7.569   -17.982 1.00 40.17  ? 206  THR A N   1 
ATOM   1189 C  CA  . THR A 1 177 ? -7.282  8.924   -18.189 1.00 44.26  ? 206  THR A CA  1 
ATOM   1190 C  C   . THR A 1 177 ? -6.181  9.972   -17.995 1.00 46.76  ? 206  THR A C   1 
ATOM   1191 O  O   . THR A 1 177 ? -6.061  10.913  -18.786 1.00 45.96  ? 206  THR A O   1 
ATOM   1192 C  CB  . THR A 1 177 ? -8.456  9.216   -17.237 1.00 45.21  ? 206  THR A CB  1 
ATOM   1193 O  OG1 . THR A 1 177 ? -9.463  8.207   -17.402 1.00 46.54  ? 206  THR A OG1 1 
ATOM   1194 C  CG2 . THR A 1 177 ? -9.067  10.584  -17.521 1.00 48.03  ? 206  THR A CG2 1 
ATOM   1195 N  N   . ASP A 1 178 ? -5.365  9.789   -16.957 1.00 47.10  ? 207  ASP A N   1 
ATOM   1196 C  CA  . ASP A 1 178 ? -4.273  10.714  -16.655 1.00 47.41  ? 207  ASP A CA  1 
ATOM   1197 C  C   . ASP A 1 178 ? -3.159  10.743  -17.710 1.00 48.74  ? 207  ASP A C   1 
ATOM   1198 O  O   . ASP A 1 178 ? -2.507  11.775  -17.892 1.00 48.11  ? 207  ASP A O   1 
ATOM   1199 C  CB  . ASP A 1 178 ? -3.662  10.391  -15.295 1.00 47.64  ? 207  ASP A CB  1 
ATOM   1200 C  CG  . ASP A 1 178 ? -2.632  11.411  -14.871 1.00 50.94  ? 207  ASP A CG  1 
ATOM   1201 O  OD1 . ASP A 1 178 ? -3.001  12.593  -14.699 1.00 54.04  ? 207  ASP A OD1 1 
ATOM   1202 O  OD2 . ASP A 1 178 ? -1.454  11.038  -14.715 1.00 52.00  ? 207  ASP A OD2 1 
ATOM   1203 N  N   . ILE A 1 179 ? -2.925  9.624   -18.393 1.00 48.93  ? 208  ILE A N   1 
ATOM   1204 C  CA  . ILE A 1 179 ? -1.918  9.585   -19.458 1.00 50.94  ? 208  ILE A CA  1 
ATOM   1205 C  C   . ILE A 1 179 ? -2.317  10.533  -20.593 1.00 55.21  ? 208  ILE A C   1 
ATOM   1206 O  O   . ILE A 1 179 ? -1.459  11.175  -21.201 1.00 53.08  ? 208  ILE A O   1 
ATOM   1207 C  CB  . ILE A 1 179 ? -1.688  8.146   -19.977 1.00 51.19  ? 208  ILE A CB  1 
ATOM   1208 C  CG1 . ILE A 1 179 ? -0.960  7.322   -18.905 1.00 50.78  ? 208  ILE A CG1 1 
ATOM   1209 C  CG2 . ILE A 1 179 ? -0.873  8.152   -21.270 1.00 49.82  ? 208  ILE A CG2 1 
ATOM   1210 C  CD1 . ILE A 1 179 ? -1.165  5.824   -19.019 1.00 48.96  ? 208  ILE A CD1 1 
ATOM   1211 N  N   . GLN A 1 180 ? -3.620  10.626  -20.849 1.00 60.10  ? 209  GLN A N   1 
ATOM   1212 C  CA  . GLN A 1 180 ? -4.174  11.583  -21.809 1.00 68.36  ? 209  GLN A CA  1 
ATOM   1213 C  C   . GLN A 1 180 ? -4.376  12.968  -21.167 1.00 69.53  ? 209  GLN A C   1 
ATOM   1214 O  O   . GLN A 1 180 ? -5.505  13.462  -21.088 1.00 72.60  ? 209  GLN A O   1 
ATOM   1215 C  CB  . GLN A 1 180 ? -5.512  11.064  -22.357 1.00 69.57  ? 209  GLN A CB  1 
ATOM   1216 C  CG  . GLN A 1 180 ? -5.448  9.680   -22.987 1.00 74.56  ? 209  GLN A CG  1 
ATOM   1217 C  CD  . GLN A 1 180 ? -4.687  9.663   -24.299 1.00 79.18  ? 209  GLN A CD  1 
ATOM   1218 O  OE1 . GLN A 1 180 ? -3.581  9.127   -24.382 1.00 82.49  ? 209  GLN A OE1 1 
ATOM   1219 N  NE2 . GLN A 1 180 ? -5.275  10.257  -25.334 1.00 80.95  ? 209  GLN A NE2 1 
ATOM   1220 N  N   . THR A 1 181 ? -3.287  13.589  -20.711 1.00 67.97  ? 210  THR A N   1 
ATOM   1221 C  CA  . THR A 1 181 ? -3.345  14.914  -20.081 1.00 66.30  ? 210  THR A CA  1 
ATOM   1222 C  C   . THR A 1 181 ? -1.975  15.592  -20.048 1.00 67.22  ? 210  THR A C   1 
ATOM   1223 O  O   . THR A 1 181 ? -0.945  14.958  -20.284 1.00 67.66  ? 210  THR A O   1 
ATOM   1224 C  CB  . THR A 1 181 ? -3.912  14.809  -18.671 1.00 64.54  ? 210  THR A CB  1 
HETATM 1225 S  S   . SO4 B 2 .   ? 4.663   -18.606 8.166   1.00 39.18  ? 1211 SO4 A S   1 
HETATM 1226 O  O1  . SO4 B 2 .   ? 3.312   -18.004 8.215   1.00 36.06  ? 1211 SO4 A O1  1 
HETATM 1227 O  O2  . SO4 B 2 .   ? 4.502   -20.071 8.166   1.00 40.71  ? 1211 SO4 A O2  1 
HETATM 1228 O  O3  . SO4 B 2 .   ? 5.419   -18.193 6.963   1.00 41.09  ? 1211 SO4 A O3  1 
HETATM 1229 O  O4  . SO4 B 2 .   ? 5.416   -18.192 9.372   1.00 43.96  ? 1211 SO4 A O4  1 
HETATM 1230 S  S   . SO4 C 2 .   ? 17.572  3.543   8.057   0.80 43.53  ? 1212 SO4 A S   1 
HETATM 1231 O  O1  . SO4 C 2 .   ? 18.118  2.173   7.994   0.80 42.79  ? 1212 SO4 A O1  1 
HETATM 1232 O  O2  . SO4 C 2 .   ? 17.916  4.292   6.831   0.80 40.54  ? 1212 SO4 A O2  1 
HETATM 1233 O  O3  . SO4 C 2 .   ? 18.159  4.230   9.229   0.80 47.19  ? 1212 SO4 A O3  1 
HETATM 1234 O  O4  . SO4 C 2 .   ? 16.102  3.484   8.228   0.80 43.49  ? 1212 SO4 A O4  1 
HETATM 1235 S  S   . SO4 D 2 .   ? -2.488  -3.133  14.047  1.00 40.21  ? 1213 SO4 A S   1 
HETATM 1236 O  O1  . SO4 D 2 .   ? -3.296  -2.819  15.248  1.00 48.21  ? 1213 SO4 A O1  1 
HETATM 1237 O  O2  . SO4 D 2 .   ? -2.343  -4.604  13.942  1.00 40.29  ? 1213 SO4 A O2  1 
HETATM 1238 O  O3  . SO4 D 2 .   ? -3.171  -2.575  12.863  1.00 39.59  ? 1213 SO4 A O3  1 
HETATM 1239 O  O4  . SO4 D 2 .   ? -1.143  -2.538  14.194  1.00 43.31  ? 1213 SO4 A O4  1 
HETATM 1240 CL CL  . CL  E 3 .   ? -6.550  -7.149  -11.204 1.00 77.66  ? 1214 CL  A CL  1 
HETATM 1241 C  C   . ACT F 4 .   ? 10.720  -9.581  -3.120  1.00 28.16  ? 1215 ACT A C   1 
HETATM 1242 O  O   . ACT F 4 .   ? 10.082  -9.009  -2.208  1.00 37.94  ? 1215 ACT A O   1 
HETATM 1243 O  OXT . ACT F 4 .   ? 11.196  -8.946  -4.090  1.00 27.60  ? 1215 ACT A OXT 1 
HETATM 1244 C  CH3 . ACT F 4 .   ? 10.917  -11.066 -3.027  1.00 26.13  ? 1215 ACT A CH3 1 
HETATM 1245 O  O1  . 9PA G 5 .   ? 1.820   -20.955 1.690   1.00 23.89  ? 1216 9PA A O1  1 
HETATM 1246 C  C2  . 9PA G 5 .   ? 1.613   -21.855 0.832   1.00 26.04  ? 1216 9PA A C2  1 
HETATM 1247 O  O3  . 9PA G 5 .   ? 1.046   -22.957 1.072   1.00 27.31  ? 1216 9PA A O3  1 
HETATM 1248 C  C4  . 9PA G 5 .   ? 2.112   -21.612 -0.554  1.00 26.03  ? 1216 9PA A C4  1 
HETATM 1249 C  C5  . 9PA G 5 .   ? 3.405   -21.163 -0.709  1.00 27.50  ? 1216 9PA A C5  1 
HETATM 1250 O  O6  . 9PA G 5 .   ? 4.292   -20.903 0.299   1.00 31.31  ? 1216 9PA A O6  1 
HETATM 1251 C  C7  . 9PA G 5 .   ? 5.270   -20.163 -0.439  1.00 31.75  ? 1216 9PA A C7  1 
HETATM 1252 O  O8  . 9PA G 5 .   ? 5.243   -20.459 -1.836  1.00 30.68  ? 1216 9PA A O8  1 
HETATM 1253 C  C9  . 9PA G 5 .   ? 3.953   -20.905 -1.928  1.00 28.37  ? 1216 9PA A C9  1 
HETATM 1254 C  C10 . 9PA G 5 .   ? 3.236   -21.090 -3.083  1.00 27.06  ? 1216 9PA A C10 1 
HETATM 1255 C  C11 . 9PA G 5 .   ? 1.940   -21.543 -2.953  1.00 26.05  ? 1216 9PA A C11 1 
HETATM 1256 C  C12 . 9PA G 5 .   ? 1.374   -21.810 -1.711  1.00 25.15  ? 1216 9PA A C12 1 
HETATM 1257 C  C13 . 9PA G 5 .   ? -0.051  -22.274 -1.682  1.00 25.47  ? 1216 9PA A C13 1 
HETATM 1258 C  C14 . 9PA G 5 .   ? -0.381  -23.460 -2.559  1.00 27.46  ? 1216 9PA A C14 1 
HETATM 1259 C  C15 . 9PA G 5 .   ? 0.356   -24.698 -2.086  1.00 29.54  ? 1216 9PA A C15 1 
HETATM 1260 N  N16 . 9PA G 5 .   ? 0.146   -24.965 -0.680  1.00 30.74  ? 1216 9PA A N16 1 
HETATM 1261 C  C17 . 9PA G 5 .   ? -0.481  -26.127 -0.284  1.00 34.76  ? 1216 9PA A C17 1 
HETATM 1262 O  O18 . 9PA G 5 .   ? -0.921  -26.979 -1.043  1.00 33.72  ? 1216 9PA A O18 1 
HETATM 1263 C  C19 . 9PA G 5 .   ? -0.562  -26.268 1.206   1.00 36.55  ? 1216 9PA A C19 1 
HETATM 1264 C  C20 . 9PA G 5 .   ? -2.009  -26.219 1.632   1.00 38.60  ? 1216 9PA A C20 1 
HETATM 1265 C  C21 . 9PA G 5 .   ? -2.074  -26.012 3.128   1.00 41.51  ? 1216 9PA A C21 1 
HETATM 1266 C  C22 . 9PA G 5 .   ? -3.399  -26.516 3.650   1.00 46.00  ? 1216 9PA A C22 1 
HETATM 1267 N  N23 . 9PA G 5 .   ? -3.451  -26.294 5.120   1.00 47.20  ? 1216 9PA A N23 1 
HETATM 1268 C  C24 . 9PA G 5 .   ? -1.877  -23.732 -2.515  1.00 27.44  ? 1216 9PA A C24 1 
HETATM 1269 C  C25 . 9PA G 5 .   ? -2.759  -22.579 -2.985  1.00 28.24  ? 1216 9PA A C25 1 
HETATM 1270 C  C26 . 9PA G 5 .   ? -2.371  -22.097 -4.372  1.00 28.74  ? 1216 9PA A C26 1 
HETATM 1271 C  C27 . 9PA G 5 .   ? -4.209  -23.040 -2.983  1.00 29.17  ? 1216 9PA A C27 1 
HETATM 1272 O  O   . HOH H 6 .   ? -4.755  8.130   -5.346  1.00 24.12  ? 2001 HOH A O   1 
HETATM 1273 O  O   . HOH H 6 .   ? -8.976  10.727  -4.254  1.00 49.52  ? 2002 HOH A O   1 
HETATM 1274 O  O   . HOH H 6 .   ? -0.085  5.745   -9.291  1.00 27.17  ? 2003 HOH A O   1 
HETATM 1275 O  O   . HOH H 6 .   ? 0.543   9.115   -11.642 1.00 33.57  ? 2004 HOH A O   1 
HETATM 1276 O  O   . HOH H 6 .   ? -0.063  2.307   9.535   1.00 36.47  ? 2005 HOH A O   1 
HETATM 1277 O  O   . HOH H 6 .   ? 0.588   -10.138 15.674  1.00 37.36  ? 2006 HOH A O   1 
HETATM 1278 O  O   . HOH H 6 .   ? -2.564  -12.797 15.054  1.00 36.33  ? 2007 HOH A O   1 
HETATM 1279 O  O   . HOH H 6 .   ? 2.801   -16.595 10.677  1.00 41.43  ? 2008 HOH A O   1 
HETATM 1280 O  O   . HOH H 6 .   ? -4.252  -15.676 11.546  1.00 46.40  ? 2009 HOH A O   1 
HETATM 1281 O  O   . HOH H 6 .   ? 2.900   -14.509 17.782  1.00 56.59  ? 2010 HOH A O   1 
HETATM 1282 O  O   . HOH H 6 .   ? -4.601  -14.307 13.833  1.00 39.63  ? 2011 HOH A O   1 
HETATM 1283 O  O   . HOH H 6 .   ? 5.537   -5.475  -5.553  1.00 43.86  ? 2012 HOH A O   1 
HETATM 1284 O  O   . HOH H 6 .   ? 4.039   -5.565  -3.302  1.00 50.55  ? 2013 HOH A O   1 
HETATM 1285 O  O   . HOH H 6 .   ? 1.968   -4.449  -9.709  0.50 33.96  ? 2014 HOH A O   1 
HETATM 1286 O  O   . HOH H 6 .   ? 10.463  -4.893  1.736   1.00 20.41  ? 2015 HOH A O   1 
HETATM 1287 O  O   . HOH H 6 .   ? 8.435   -8.920  2.034   1.00 24.92  ? 2016 HOH A O   1 
HETATM 1288 O  O   . HOH H 6 .   ? 5.356   -11.152 1.536   1.00 22.54  ? 2017 HOH A O   1 
HETATM 1289 O  O   . HOH H 6 .   ? 7.126   -14.003 5.383   1.00 32.40  ? 2018 HOH A O   1 
HETATM 1290 O  O   . HOH H 6 .   ? 2.695   -11.496 1.423   1.00 26.69  ? 2019 HOH A O   1 
HETATM 1291 O  O   . HOH H 6 .   ? 7.183   -12.321 2.981   1.00 31.49  ? 2020 HOH A O   1 
HETATM 1292 O  O   . HOH H 6 .   ? 6.807   -2.385  16.791  1.00 59.77  ? 2021 HOH A O   1 
HETATM 1293 O  O   . HOH H 6 .   ? 8.485   -12.223 7.108   1.00 32.97  ? 2022 HOH A O   1 
HETATM 1294 O  O   . HOH H 6 .   ? 7.471   -3.402  13.289  1.00 33.45  ? 2023 HOH A O   1 
HETATM 1295 O  O   . HOH H 6 .   ? 15.537  -4.439  7.402   1.00 30.13  ? 2024 HOH A O   1 
HETATM 1296 O  O   . HOH H 6 .   ? 16.477  0.097   8.247   1.00 34.56  ? 2025 HOH A O   1 
HETATM 1297 O  O   . HOH H 6 .   ? 14.796  1.102   10.385  1.00 42.21  ? 2026 HOH A O   1 
HETATM 1298 O  O   . HOH H 6 .   ? 14.511  -5.952  1.796   1.00 50.60  ? 2027 HOH A O   1 
HETATM 1299 O  O   . HOH H 6 .   ? 11.113  -8.500  2.483   1.00 30.41  ? 2028 HOH A O   1 
HETATM 1300 O  O   . HOH H 6 .   ? 10.491  -1.681  -9.389  1.00 18.49  ? 2029 HOH A O   1 
HETATM 1301 O  O   . HOH H 6 .   ? 11.671  9.290   -12.127 1.00 38.63  ? 2030 HOH A O   1 
HETATM 1302 O  O   . HOH H 6 .   ? 6.664   5.433   -10.783 1.00 24.29  ? 2031 HOH A O   1 
HETATM 1303 O  O   . HOH H 6 .   ? 7.875   7.151   -9.029  1.00 29.84  ? 2032 HOH A O   1 
HETATM 1304 O  O   . HOH H 6 .   ? -9.447  -6.955  12.929  1.00 46.87  ? 2033 HOH A O   1 
HETATM 1305 O  O   . HOH H 6 .   ? -1.339  14.174  -1.305  1.00 43.61  ? 2034 HOH A O   1 
HETATM 1306 O  O   . HOH H 6 .   ? 1.447   6.457   12.457  1.00 21.80  ? 2035 HOH A O   1 
HETATM 1307 O  O   . HOH H 6 .   ? -0.462  5.643   9.529   1.00 38.99  ? 2036 HOH A O   1 
HETATM 1308 O  O   . HOH H 6 .   ? 2.771   2.584   10.962  1.00 42.01  ? 2037 HOH A O   1 
HETATM 1309 O  O   . HOH H 6 .   ? 14.046  6.522   11.289  1.00 37.67  ? 2038 HOH A O   1 
HETATM 1310 O  O   . HOH H 6 .   ? 11.694  4.035   15.341  1.00 35.52  ? 2039 HOH A O   1 
HETATM 1311 O  O   . HOH H 6 .   ? 17.930  6.761   8.967   1.00 31.78  ? 2040 HOH A O   1 
HETATM 1312 O  O   . HOH H 6 .   ? 18.871  9.588   2.377   1.00 32.57  ? 2041 HOH A O   1 
HETATM 1313 O  O   . HOH H 6 .   ? 21.515  6.871   8.768   1.00 48.42  ? 2042 HOH A O   1 
HETATM 1314 O  O   . HOH H 6 .   ? 13.734  11.937  -0.665  1.00 30.78  ? 2043 HOH A O   1 
HETATM 1315 O  O   . HOH H 6 .   ? 11.893  12.988  -4.961  1.00 41.17  ? 2044 HOH A O   1 
HETATM 1316 O  O   . HOH H 6 .   ? 13.974  7.934   -11.554 1.00 23.18  ? 2045 HOH A O   1 
HETATM 1317 O  O   . HOH H 6 .   ? 10.287  13.688  -0.667  1.00 46.18  ? 2046 HOH A O   1 
HETATM 1318 O  O   . HOH H 6 .   ? -5.552  -0.880  11.921  1.00 45.36  ? 2047 HOH A O   1 
HETATM 1319 O  O   . HOH H 6 .   ? -10.992 -8.174  11.008  1.00 31.76  ? 2048 HOH A O   1 
HETATM 1320 O  O   . HOH H 6 .   ? -12.436 -13.876 8.504   1.00 31.07  ? 2049 HOH A O   1 
HETATM 1321 O  O   . HOH H 6 .   ? -6.104  -15.362 9.660   1.00 34.95  ? 2050 HOH A O   1 
HETATM 1322 O  O   . HOH H 6 .   ? -10.904 -21.128 3.130   1.00 37.85  ? 2051 HOH A O   1 
HETATM 1323 O  O   . HOH H 6 .   ? -2.639  -22.876 7.444   1.00 39.98  ? 2052 HOH A O   1 
HETATM 1324 O  O   . HOH H 6 .   ? 4.676   -15.747 5.877   1.00 30.55  ? 2053 HOH A O   1 
HETATM 1325 O  O   . HOH H 6 .   ? 9.820   -15.803 3.370   1.00 49.43  ? 2054 HOH A O   1 
HETATM 1326 O  O   . HOH H 6 .   ? -13.086 -10.621 -5.187  1.00 32.98  ? 2055 HOH A O   1 
HETATM 1327 O  O   . HOH H 6 .   ? -12.232 -4.127  -5.308  1.00 23.94  ? 2056 HOH A O   1 
HETATM 1328 O  O   . HOH H 6 .   ? -10.517 -6.633  -11.096 1.00 33.18  ? 2057 HOH A O   1 
HETATM 1329 O  O   . HOH H 6 .   ? -13.010 -8.408  -11.152 1.00 41.35  ? 2058 HOH A O   1 
HETATM 1330 O  O   . HOH H 6 .   ? -6.001  13.147  -14.907 1.00 55.24  ? 2059 HOH A O   1 
HETATM 1331 O  O   . HOH H 6 .   ? -0.324  8.528   -14.251 1.00 39.96  ? 2060 HOH A O   1 
HETATM 1332 O  O   . HOH H 6 .   ? 0.564   -1.276  16.341  1.00 46.08  ? 2061 HOH A O   1 
HETATM 1333 O  O   . HOH H 6 .   ? 12.195  -8.945  -0.058  1.00 30.60  ? 2062 HOH A O   1 
# 
loop_
_pdbx_poly_seq_scheme.asym_id 
_pdbx_poly_seq_scheme.entity_id 
_pdbx_poly_seq_scheme.seq_id 
_pdbx_poly_seq_scheme.mon_id 
_pdbx_poly_seq_scheme.ndb_seq_num 
_pdbx_poly_seq_scheme.pdb_seq_num 
_pdbx_poly_seq_scheme.auth_seq_num 
_pdbx_poly_seq_scheme.pdb_mon_id 
_pdbx_poly_seq_scheme.auth_mon_id 
_pdbx_poly_seq_scheme.pdb_strand_id 
_pdbx_poly_seq_scheme.pdb_ins_code 
_pdbx_poly_seq_scheme.hetero 
A 1 1   MET 1   30  ?   ?   ?   A . n 
A 1 2   GLY 2   31  ?   ?   ?   A . n 
A 1 3   SER 3   32  ?   ?   ?   A . n 
A 1 4   SER 4   33  ?   ?   ?   A . n 
A 1 5   HIS 5   34  ?   ?   ?   A . n 
A 1 6   HIS 6   35  ?   ?   ?   A . n 
A 1 7   HIS 7   36  ?   ?   ?   A . n 
A 1 8   HIS 8   37  ?   ?   ?   A . n 
A 1 9   HIS 9   38  ?   ?   ?   A . n 
A 1 10  HIS 10  39  ?   ?   ?   A . n 
A 1 11  SER 11  40  ?   ?   ?   A . n 
A 1 12  SER 12  41  ?   ?   ?   A . n 
A 1 13  GLY 13  42  ?   ?   ?   A . n 
A 1 14  LEU 14  43  ?   ?   ?   A . n 
A 1 15  VAL 15  44  ?   ?   ?   A . n 
A 1 16  PRO 16  45  ?   ?   ?   A . n 
A 1 17  ARG 17  46  ?   ?   ?   A . n 
A 1 18  GLY 18  47  ?   ?   ?   A . n 
A 1 19  SER 19  48  ?   ?   ?   A . n 
A 1 20  HIS 20  49  ?   ?   ?   A . n 
A 1 21  MET 21  50  ?   ?   ?   A . n 
A 1 22  HIS 22  51  ?   ?   ?   A . n 
A 1 23  GLY 23  52  ?   ?   ?   A . n 
A 1 24  GLN 24  53  ?   ?   ?   A . n 
A 1 25  VAL 25  54  ?   ?   ?   A . n 
A 1 26  ASP 26  55  ?   ?   ?   A . n 
A 1 27  SER 27  56  ?   ?   ?   A . n 
A 1 28  SER 28  57  57  SER SER A . n 
A 1 29  PRO 29  58  58  PRO PRO A . n 
A 1 30  GLY 30  59  59  GLY GLY A . n 
A 1 31  ILE 31  60  60  ILE ILE A . n 
A 1 32  TRP 32  61  61  TRP TRP A . n 
A 1 33  GLN 33  62  62  GLN GLN A . n 
A 1 34  LEU 34  63  63  LEU LEU A . n 
A 1 35  ASP 35  64  64  ASP ASP A . n 
A 1 36  CYS 36  65  65  CYS CYS A . n 
A 1 37  THR 37  66  66  THR THR A . n 
A 1 38  HIS 38  67  67  HIS HIS A . n 
A 1 39  LEU 39  68  68  LEU LEU A . n 
A 1 40  GLU 40  69  69  GLU GLU A . n 
A 1 41  GLY 41  70  70  GLY GLY A . n 
A 1 42  LYS 42  71  71  LYS LYS A . n 
A 1 43  VAL 43  72  72  VAL VAL A . n 
A 1 44  ILE 44  73  73  ILE ILE A . n 
A 1 45  LEU 45  74  74  LEU LEU A . n 
A 1 46  VAL 46  75  75  VAL VAL A . n 
A 1 47  ALA 47  76  76  ALA ALA A . n 
A 1 48  VAL 48  77  77  VAL VAL A . n 
A 1 49  HIS 49  78  78  HIS HIS A . n 
A 1 50  VAL 50  79  79  VAL VAL A . n 
A 1 51  ALA 51  80  80  ALA ALA A . n 
A 1 52  SER 52  81  81  SER SER A . n 
A 1 53  GLY 53  82  82  GLY GLY A . n 
A 1 54  TYR 54  83  83  TYR TYR A . n 
A 1 55  ILE 55  84  84  ILE ILE A . n 
A 1 56  GLU 56  85  85  GLU GLU A . n 
A 1 57  ALA 57  86  86  ALA ALA A . n 
A 1 58  GLU 58  87  87  GLU GLU A . n 
A 1 59  VAL 59  88  88  VAL VAL A . n 
A 1 60  ILE 60  89  89  ILE ILE A . n 
A 1 61  PRO 61  90  90  PRO PRO A . n 
A 1 62  ALA 62  91  91  ALA ALA A . n 
A 1 63  GLU 63  92  92  GLU GLU A . n 
A 1 64  THR 64  93  93  THR THR A . n 
A 1 65  GLY 65  94  94  GLY GLY A . n 
A 1 66  GLN 66  95  95  GLN GLN A . n 
A 1 67  GLU 67  96  96  GLU GLU A . n 
A 1 68  THR 68  97  97  THR THR A . n 
A 1 69  ALA 69  98  98  ALA ALA A . n 
A 1 70  TYR 70  99  99  TYR TYR A . n 
A 1 71  PHE 71  100 100 PHE PHE A . n 
A 1 72  LEU 72  101 101 LEU LEU A . n 
A 1 73  LEU 73  102 102 LEU LEU A . n 
A 1 74  LYS 74  103 103 LYS LYS A . n 
A 1 75  LEU 75  104 104 LEU LEU A . n 
A 1 76  ALA 76  105 105 ALA ALA A . n 
A 1 77  GLY 77  106 106 GLY GLY A . n 
A 1 78  ARG 78  107 107 ARG ARG A . n 
A 1 79  TRP 79  108 108 TRP TRP A . n 
A 1 80  PRO 80  109 109 PRO PRO A . n 
A 1 81  VAL 81  110 110 VAL VAL A . n 
A 1 82  LYS 82  111 111 LYS LYS A . n 
A 1 83  THR 83  112 112 THR THR A . n 
A 1 84  VAL 84  113 113 VAL VAL A . n 
A 1 85  HIS 85  114 114 HIS HIS A . n 
A 1 86  THR 86  115 115 THR THR A . n 
A 1 87  ASP 87  116 116 ASP ASP A . n 
A 1 88  ASN 88  117 117 ASN ASN A . n 
A 1 89  GLY 89  118 118 GLY GLY A . n 
A 1 90  SER 90  119 119 SER SER A . n 
A 1 91  ASN 91  120 120 ASN ASN A . n 
A 1 92  PHE 92  121 121 PHE PHE A . n 
A 1 93  THR 93  122 122 THR THR A . n 
A 1 94  SER 94  123 123 SER SER A . n 
A 1 95  THR 95  124 124 THR THR A . n 
A 1 96  THR 96  125 125 THR THR A . n 
A 1 97  VAL 97  126 126 VAL VAL A . n 
A 1 98  LYS 98  127 127 LYS LYS A . n 
A 1 99  ALA 99  128 128 ALA ALA A . n 
A 1 100 ALA 100 129 129 ALA ALA A . n 
A 1 101 CYS 101 130 130 CYS CYS A . n 
A 1 102 TRP 102 131 131 TRP TRP A . n 
A 1 103 TRP 103 132 132 TRP TRP A . n 
A 1 104 ALA 104 133 133 ALA ALA A . n 
A 1 105 GLY 105 134 134 GLY GLY A . n 
A 1 106 ILE 106 135 135 ILE ILE A . n 
A 1 107 LYS 107 136 136 LYS LYS A . n 
A 1 108 GLN 108 137 137 GLN GLN A . n 
A 1 109 GLU 109 138 138 GLU GLU A . n 
A 1 110 ASP 110 139 139 ASP ASP A . n 
A 1 111 GLY 111 140 140 GLY GLY A . n 
A 1 112 ILE 112 141 141 ILE ILE A . n 
A 1 113 PRO 113 142 142 PRO PRO A . n 
A 1 114 TYR 114 143 143 TYR TYR A . n 
A 1 115 ASN 115 144 144 ASN ASN A . n 
A 1 116 PRO 116 145 145 PRO PRO A . n 
A 1 117 GLN 117 146 146 GLN GLN A . n 
A 1 118 SER 118 147 147 SER SER A . n 
A 1 119 GLN 119 148 148 GLN GLN A . n 
A 1 120 GLY 120 149 149 GLY GLY A . n 
A 1 121 VAL 121 150 150 VAL VAL A . n 
A 1 122 ILE 122 151 151 ILE ILE A . n 
A 1 123 GLU 123 152 152 GLU GLU A . n 
A 1 124 SER 124 153 153 SER SER A . n 
A 1 125 MET 125 154 154 MET MET A . n 
A 1 126 ASN 126 155 155 ASN ASN A . n 
A 1 127 LYS 127 156 156 LYS LYS A . n 
A 1 128 GLU 128 157 157 GLU GLU A . n 
A 1 129 LEU 129 158 158 LEU LEU A . n 
A 1 130 LYS 130 159 159 LYS LYS A . n 
A 1 131 LYS 131 160 160 LYS LYS A . n 
A 1 132 ILE 132 161 161 ILE ILE A . n 
A 1 133 ILE 133 162 162 ILE ILE A . n 
A 1 134 GLY 134 163 163 GLY GLY A . n 
A 1 135 GLN 135 164 164 GLN GLN A . n 
A 1 136 VAL 136 165 165 VAL VAL A . n 
A 1 137 ARG 137 166 166 ARG ARG A . n 
A 1 138 ASP 138 167 167 ASP ASP A . n 
A 1 139 GLN 139 168 168 GLN GLN A . n 
A 1 140 ALA 140 169 169 ALA ALA A . n 
A 1 141 GLU 141 170 170 GLU GLU A . n 
A 1 142 HIS 142 171 171 HIS HIS A . n 
A 1 143 LEU 143 172 172 LEU LEU A . n 
A 1 144 LYS 144 173 173 LYS LYS A . n 
A 1 145 THR 145 174 174 THR THR A . n 
A 1 146 ALA 146 175 175 ALA ALA A . n 
A 1 147 VAL 147 176 176 VAL VAL A . n 
A 1 148 GLN 148 177 177 GLN GLN A . n 
A 1 149 MET 149 178 178 MET MET A . n 
A 1 150 ALA 150 179 179 ALA ALA A . n 
A 1 151 VAL 151 180 180 VAL VAL A . n 
A 1 152 PHE 152 181 181 PHE PHE A . n 
A 1 153 ILE 153 182 182 ILE ILE A . n 
A 1 154 HIS 154 183 183 HIS HIS A . n 
A 1 155 ASN 155 184 184 ASN ASN A . n 
A 1 156 HIS 156 185 185 HIS HIS A . n 
A 1 157 LYS 157 186 186 LYS LYS A . n 
A 1 158 ARG 158 187 187 ARG ARG A . n 
A 1 159 LYS 159 188 188 LYS LYS A . n 
A 1 160 GLY 160 189 ?   ?   ?   A . n 
A 1 161 GLY 161 190 ?   ?   ?   A . n 
A 1 162 ILE 162 191 ?   ?   ?   A . n 
A 1 163 GLY 163 192 ?   ?   ?   A . n 
A 1 164 GLY 164 193 ?   ?   ?   A . n 
A 1 165 TYR 165 194 194 TYR TYR A . n 
A 1 166 SER 166 195 195 SER SER A . n 
A 1 167 ALA 167 196 196 ALA ALA A . n 
A 1 168 GLY 168 197 197 GLY GLY A . n 
A 1 169 GLU 169 198 198 GLU GLU A . n 
A 1 170 ARG 170 199 199 ARG ARG A . n 
A 1 171 ILE 171 200 200 ILE ILE A . n 
A 1 172 VAL 172 201 201 VAL VAL A . n 
A 1 173 ASP 173 202 202 ASP ASP A . n 
A 1 174 ILE 174 203 203 ILE ILE A . n 
A 1 175 ILE 175 204 204 ILE ILE A . n 
A 1 176 ALA 176 205 205 ALA ALA A . n 
A 1 177 THR 177 206 206 THR THR A . n 
A 1 178 ASP 178 207 207 ASP ASP A . n 
A 1 179 ILE 179 208 208 ILE ILE A . n 
A 1 180 GLN 180 209 209 GLN GLN A . n 
A 1 181 THR 181 210 210 THR THR A . n 
A 1 182 LYS 182 211 ?   ?   ?   A . n 
A 1 183 GLU 183 212 ?   ?   ?   A . n 
# 
loop_
_pdbx_nonpoly_scheme.asym_id 
_pdbx_nonpoly_scheme.entity_id 
_pdbx_nonpoly_scheme.mon_id 
_pdbx_nonpoly_scheme.ndb_seq_num 
_pdbx_nonpoly_scheme.pdb_seq_num 
_pdbx_nonpoly_scheme.auth_seq_num 
_pdbx_nonpoly_scheme.pdb_mon_id 
_pdbx_nonpoly_scheme.auth_mon_id 
_pdbx_nonpoly_scheme.pdb_strand_id 
_pdbx_nonpoly_scheme.pdb_ins_code 
B 2 SO4 1  1211 1211 SO4 SO4 A . 
C 2 SO4 1  1212 1212 SO4 SO4 A . 
D 2 SO4 1  1213 1213 SO4 SO4 A . 
E 3 CL  1  1214 1214 CL  CL  A . 
F 4 ACT 1  1215 1215 ACT ACT A . 
G 5 9PA 1  1216 1216 9PA 9PA A . 
H 6 HOH 1  2001 2001 HOH HOH A . 
H 6 HOH 2  2002 2002 HOH HOH A . 
H 6 HOH 3  2003 2003 HOH HOH A . 
H 6 HOH 4  2004 2004 HOH HOH A . 
H 6 HOH 5  2005 2005 HOH HOH A . 
H 6 HOH 6  2006 2006 HOH HOH A . 
H 6 HOH 7  2007 2007 HOH HOH A . 
H 6 HOH 8  2008 2008 HOH HOH A . 
H 6 HOH 9  2009 2009 HOH HOH A . 
H 6 HOH 10 2010 2010 HOH HOH A . 
H 6 HOH 11 2011 2011 HOH HOH A . 
H 6 HOH 12 2012 2012 HOH HOH A . 
H 6 HOH 13 2013 2013 HOH HOH A . 
H 6 HOH 14 2014 2014 HOH HOH A . 
H 6 HOH 15 2015 2015 HOH HOH A . 
H 6 HOH 16 2016 2016 HOH HOH A . 
H 6 HOH 17 2017 2017 HOH HOH A . 
H 6 HOH 18 2018 2018 HOH HOH A . 
H 6 HOH 19 2019 2019 HOH HOH A . 
H 6 HOH 20 2020 2020 HOH HOH A . 
H 6 HOH 21 2021 2021 HOH HOH A . 
H 6 HOH 22 2022 2022 HOH HOH A . 
H 6 HOH 23 2023 2023 HOH HOH A . 
H 6 HOH 24 2024 2024 HOH HOH A . 
H 6 HOH 25 2025 2025 HOH HOH A . 
H 6 HOH 26 2026 2026 HOH HOH A . 
H 6 HOH 27 2027 2027 HOH HOH A . 
H 6 HOH 28 2028 2028 HOH HOH A . 
H 6 HOH 29 2029 2029 HOH HOH A . 
H 6 HOH 30 2030 2030 HOH HOH A . 
H 6 HOH 31 2031 2031 HOH HOH A . 
H 6 HOH 32 2032 2032 HOH HOH A . 
H 6 HOH 33 2033 2033 HOH HOH A . 
H 6 HOH 34 2034 2034 HOH HOH A . 
H 6 HOH 35 2035 2035 HOH HOH A . 
H 6 HOH 36 2036 2036 HOH HOH A . 
H 6 HOH 37 2037 2037 HOH HOH A . 
H 6 HOH 38 2038 2038 HOH HOH A . 
H 6 HOH 39 2039 2039 HOH HOH A . 
H 6 HOH 40 2040 2040 HOH HOH A . 
H 6 HOH 41 2041 2041 HOH HOH A . 
H 6 HOH 42 2042 2042 HOH HOH A . 
H 6 HOH 43 2043 2043 HOH HOH A . 
H 6 HOH 44 2044 2044 HOH HOH A . 
H 6 HOH 45 2045 2045 HOH HOH A . 
H 6 HOH 46 2046 2046 HOH HOH A . 
H 6 HOH 47 2047 2047 HOH HOH A . 
H 6 HOH 48 2048 2048 HOH HOH A . 
H 6 HOH 49 2049 2049 HOH HOH A . 
H 6 HOH 50 2050 2050 HOH HOH A . 
H 6 HOH 51 2051 2051 HOH HOH A . 
H 6 HOH 52 2052 2052 HOH HOH A . 
H 6 HOH 53 2053 2053 HOH HOH A . 
H 6 HOH 54 2054 2054 HOH HOH A . 
H 6 HOH 55 2055 2055 HOH HOH A . 
H 6 HOH 56 2056 2056 HOH HOH A . 
H 6 HOH 57 2057 2057 HOH HOH A . 
H 6 HOH 58 2058 2058 HOH HOH A . 
H 6 HOH 59 2059 2059 HOH HOH A . 
H 6 HOH 60 2060 2060 HOH HOH A . 
H 6 HOH 61 2061 2061 HOH HOH A . 
H 6 HOH 62 2062 2062 HOH HOH A . 
# 
_pdbx_struct_assembly.id                   1 
_pdbx_struct_assembly.details              author_and_software_defined_assembly 
_pdbx_struct_assembly.method_details       PISA 
_pdbx_struct_assembly.oligomeric_details   dimeric 
_pdbx_struct_assembly.oligomeric_count     2 
# 
_pdbx_struct_assembly_gen.assembly_id       1 
_pdbx_struct_assembly_gen.oper_expression   1,2 
_pdbx_struct_assembly_gen.asym_id_list      A,B,C,D,E,F,G,H 
# 
loop_
_pdbx_struct_assembly_prop.biol_id 
_pdbx_struct_assembly_prop.type 
_pdbx_struct_assembly_prop.value 
_pdbx_struct_assembly_prop.details 
1 'ABSA (A^2)' 4840   ? 
1 MORE         -117.6 ? 
1 'SSA (A^2)'  13800  ? 
# 
loop_
_pdbx_struct_oper_list.id 
_pdbx_struct_oper_list.type 
_pdbx_struct_oper_list.name 
_pdbx_struct_oper_list.symmetry_operation 
_pdbx_struct_oper_list.matrix[1][1] 
_pdbx_struct_oper_list.matrix[1][2] 
_pdbx_struct_oper_list.matrix[1][3] 
_pdbx_struct_oper_list.vector[1] 
_pdbx_struct_oper_list.matrix[2][1] 
_pdbx_struct_oper_list.matrix[2][2] 
_pdbx_struct_oper_list.matrix[2][3] 
_pdbx_struct_oper_list.vector[2] 
_pdbx_struct_oper_list.matrix[3][1] 
_pdbx_struct_oper_list.matrix[3][2] 
_pdbx_struct_oper_list.matrix[3][3] 
_pdbx_struct_oper_list.vector[3] 
1 'identity operation'         1_555 x,y,z          1.0000000000  0.0000000000  0.0000000000 0.0000000000 0.0000000000  1.0000000000  0.0000000000  0.0000000000   0.0000000000 0.0000000000  1.0000000000  0.0000000000   
2 'crystal symmetry operation' 6_554 -x,-x+y,-z-2/3 -0.2875739969 -0.5938068488 0.7514616575 7.1878637976 -0.5938068488 -0.5050621789 -0.6263430544 -11.6101795367 0.7514616575 -0.6263430544 -0.2073638242 -15.9888732596 
# 
_pdbx_struct_special_symmetry.id              1 
_pdbx_struct_special_symmetry.PDB_model_num   1 
_pdbx_struct_special_symmetry.auth_asym_id    A 
_pdbx_struct_special_symmetry.auth_comp_id    HOH 
_pdbx_struct_special_symmetry.auth_seq_id     2014 
_pdbx_struct_special_symmetry.PDB_ins_code    ? 
_pdbx_struct_special_symmetry.label_asym_id   H 
_pdbx_struct_special_symmetry.label_comp_id   HOH 
_pdbx_struct_special_symmetry.label_seq_id    . 
# 
loop_
_pdbx_audit_revision_history.ordinal 
_pdbx_audit_revision_history.data_content_type 
_pdbx_audit_revision_history.major_revision 
_pdbx_audit_revision_history.minor_revision 
_pdbx_audit_revision_history.revision_date 
1 'Structure model' 1 0 2014-01-08 
2 'Structure model' 1 1 2014-02-26 
3 'Structure model' 1 2 2014-06-25 
4 'Structure model' 1 3 2023-12-20 
# 
_pdbx_audit_revision_details.ordinal             1 
_pdbx_audit_revision_details.revision_ordinal    1 
_pdbx_audit_revision_details.data_content_type   'Structure model' 
_pdbx_audit_revision_details.provider            repository 
_pdbx_audit_revision_details.type                'Initial release' 
_pdbx_audit_revision_details.description         ? 
_pdbx_audit_revision_details.details             ? 
# 
loop_
_pdbx_audit_revision_group.ordinal 
_pdbx_audit_revision_group.revision_ordinal 
_pdbx_audit_revision_group.data_content_type 
_pdbx_audit_revision_group.group 
1 2 'Structure model' 'Database references'    
2 3 'Structure model' 'Database references'    
3 4 'Structure model' 'Data collection'        
4 4 'Structure model' 'Database references'    
5 4 'Structure model' 'Derived calculations'   
6 4 'Structure model' Other                    
7 4 'Structure model' 'Refinement description' 
# 
loop_
_pdbx_audit_revision_category.ordinal 
_pdbx_audit_revision_category.revision_ordinal 
_pdbx_audit_revision_category.data_content_type 
_pdbx_audit_revision_category.category 
1 4 'Structure model' chem_comp_atom                
2 4 'Structure model' chem_comp_bond                
3 4 'Structure model' citation                      
4 4 'Structure model' database_2                    
5 4 'Structure model' pdbx_database_status          
6 4 'Structure model' pdbx_initial_refinement_model 
7 4 'Structure model' struct_site                   
# 
loop_
_pdbx_audit_revision_item.ordinal 
_pdbx_audit_revision_item.revision_ordinal 
_pdbx_audit_revision_item.data_content_type 
_pdbx_audit_revision_item.item 
1 4 'Structure model' '_citation.country'                    
2 4 'Structure model' '_database_2.pdbx_DOI'                 
3 4 'Structure model' '_database_2.pdbx_database_accession'  
4 4 'Structure model' '_pdbx_database_status.status_code_sf' 
5 4 'Structure model' '_struct_site.pdbx_auth_asym_id'       
6 4 'Structure model' '_struct_site.pdbx_auth_comp_id'       
7 4 'Structure model' '_struct_site.pdbx_auth_seq_id'        
# 
loop_
_software.name 
_software.classification 
_software.version 
_software.citation_id 
_software.pdbx_ordinal 
REFMAC refinement       5.7.0032 ? 1 
XDS    'data reduction' .        ? 2 
SCALA  'data scaling'   .        ? 3 
PHASER phasing          .        ? 4 
# 
_pdbx_validate_torsion.id              1 
_pdbx_validate_torsion.PDB_model_num   1 
_pdbx_validate_torsion.auth_comp_id    PRO 
_pdbx_validate_torsion.auth_asym_id    A 
_pdbx_validate_torsion.auth_seq_id     142 
_pdbx_validate_torsion.PDB_ins_code    ? 
_pdbx_validate_torsion.label_alt_id    ? 
_pdbx_validate_torsion.phi             -65.94 
_pdbx_validate_torsion.psi             74.46 
# 
loop_
_pdbx_unobs_or_zero_occ_atoms.id 
_pdbx_unobs_or_zero_occ_atoms.PDB_model_num 
_pdbx_unobs_or_zero_occ_atoms.polymer_flag 
_pdbx_unobs_or_zero_occ_atoms.occupancy_flag 
_pdbx_unobs_or_zero_occ_atoms.auth_asym_id 
_pdbx_unobs_or_zero_occ_atoms.auth_comp_id 
_pdbx_unobs_or_zero_occ_atoms.auth_seq_id 
_pdbx_unobs_or_zero_occ_atoms.PDB_ins_code 
_pdbx_unobs_or_zero_occ_atoms.auth_atom_id 
_pdbx_unobs_or_zero_occ_atoms.label_alt_id 
_pdbx_unobs_or_zero_occ_atoms.label_asym_id 
_pdbx_unobs_or_zero_occ_atoms.label_comp_id 
_pdbx_unobs_or_zero_occ_atoms.label_seq_id 
_pdbx_unobs_or_zero_occ_atoms.label_atom_id 
1 1 Y 1 A LYS 188 ? CG  ? A LYS 159 CG  
2 1 Y 1 A LYS 188 ? CD  ? A LYS 159 CD  
3 1 Y 1 A LYS 188 ? CE  ? A LYS 159 CE  
4 1 Y 1 A LYS 188 ? NZ  ? A LYS 159 NZ  
5 1 Y 1 A THR 210 ? OG1 ? A THR 181 OG1 
6 1 Y 1 A THR 210 ? CG2 ? A THR 181 CG2 
# 
loop_
_pdbx_unobs_or_zero_occ_residues.id 
_pdbx_unobs_or_zero_occ_residues.PDB_model_num 
_pdbx_unobs_or_zero_occ_residues.polymer_flag 
_pdbx_unobs_or_zero_occ_residues.occupancy_flag 
_pdbx_unobs_or_zero_occ_residues.auth_asym_id 
_pdbx_unobs_or_zero_occ_residues.auth_comp_id 
_pdbx_unobs_or_zero_occ_residues.auth_seq_id 
_pdbx_unobs_or_zero_occ_residues.PDB_ins_code 
_pdbx_unobs_or_zero_occ_residues.label_asym_id 
_pdbx_unobs_or_zero_occ_residues.label_comp_id 
_pdbx_unobs_or_zero_occ_residues.label_seq_id 
1  1 Y 1 A MET 30  ? A MET 1   
2  1 Y 1 A GLY 31  ? A GLY 2   
3  1 Y 1 A SER 32  ? A SER 3   
4  1 Y 1 A SER 33  ? A SER 4   
5  1 Y 1 A HIS 34  ? A HIS 5   
6  1 Y 1 A HIS 35  ? A HIS 6   
7  1 Y 1 A HIS 36  ? A HIS 7   
8  1 Y 1 A HIS 37  ? A HIS 8   
9  1 Y 1 A HIS 38  ? A HIS 9   
10 1 Y 1 A HIS 39  ? A HIS 10  
11 1 Y 1 A SER 40  ? A SER 11  
12 1 Y 1 A SER 41  ? A SER 12  
13 1 Y 1 A GLY 42  ? A GLY 13  
14 1 Y 1 A LEU 43  ? A LEU 14  
15 1 Y 1 A VAL 44  ? A VAL 15  
16 1 Y 1 A PRO 45  ? A PRO 16  
17 1 Y 1 A ARG 46  ? A ARG 17  
18 1 Y 1 A GLY 47  ? A GLY 18  
19 1 Y 1 A SER 48  ? A SER 19  
20 1 Y 1 A HIS 49  ? A HIS 20  
21 1 Y 1 A MET 50  ? A MET 21  
22 1 Y 1 A HIS 51  ? A HIS 22  
23 1 Y 1 A GLY 52  ? A GLY 23  
24 1 Y 1 A GLN 53  ? A GLN 24  
25 1 Y 1 A VAL 54  ? A VAL 25  
26 1 Y 1 A ASP 55  ? A ASP 26  
27 1 Y 1 A SER 56  ? A SER 27  
28 1 Y 1 A GLY 189 ? A GLY 160 
29 1 Y 1 A GLY 190 ? A GLY 161 
30 1 Y 1 A ILE 191 ? A ILE 162 
31 1 Y 1 A GLY 192 ? A GLY 163 
32 1 Y 1 A GLY 193 ? A GLY 164 
33 1 Y 1 A LYS 211 ? A LYS 182 
34 1 Y 1 A GLU 212 ? A GLU 183 
# 
loop_
_chem_comp_atom.comp_id 
_chem_comp_atom.atom_id 
_chem_comp_atom.type_symbol 
_chem_comp_atom.pdbx_aromatic_flag 
_chem_comp_atom.pdbx_stereo_config 
_chem_comp_atom.pdbx_ordinal 
9PA O1   O  N N 1   
9PA C2   C  N N 2   
9PA O3   O  N N 3   
9PA C4   C  Y N 4   
9PA C5   C  Y N 5   
9PA O6   O  N N 6   
9PA C7   C  N N 7   
9PA O8   O  N N 8   
9PA C9   C  Y N 9   
9PA C10  C  Y N 10  
9PA C11  C  Y N 11  
9PA C12  C  Y N 12  
9PA C13  C  N N 13  
9PA C14  C  N S 14  
9PA C15  C  N N 15  
9PA N16  N  N N 16  
9PA C17  C  N N 17  
9PA O18  O  N N 18  
9PA C19  C  N N 19  
9PA C20  C  N N 20  
9PA C21  C  N N 21  
9PA C22  C  N N 22  
9PA N23  N  N N 23  
9PA C24  C  N N 24  
9PA C25  C  N N 25  
9PA C26  C  N N 26  
9PA C27  C  N N 27  
9PA HO1  H  N N 28  
9PA H7   H  N N 29  
9PA H7A  H  N N 30  
9PA H10  H  N N 31  
9PA H11  H  N N 32  
9PA H13  H  N N 33  
9PA H13A H  N N 34  
9PA H14  H  N N 35  
9PA H15  H  N N 36  
9PA H15A H  N N 37  
9PA HN16 H  N N 38  
9PA H19  H  N N 39  
9PA H19A H  N N 40  
9PA H20  H  N N 41  
9PA H20A H  N N 42  
9PA H21  H  N N 43  
9PA H21A H  N N 44  
9PA H22  H  N N 45  
9PA H22A H  N N 46  
9PA HN23 H  N N 47  
9PA HN2A H  N N 48  
9PA H24  H  N N 49  
9PA H24A H  N N 50  
9PA H25  H  N N 51  
9PA H26  H  N N 52  
9PA H26A H  N N 53  
9PA H26B H  N N 54  
9PA H27  H  N N 55  
9PA H27A H  N N 56  
9PA H27B H  N N 57  
ACT C    C  N N 58  
ACT O    O  N N 59  
ACT OXT  O  N N 60  
ACT CH3  C  N N 61  
ACT H1   H  N N 62  
ACT H2   H  N N 63  
ACT H3   H  N N 64  
ALA N    N  N N 65  
ALA CA   C  N S 66  
ALA C    C  N N 67  
ALA O    O  N N 68  
ALA CB   C  N N 69  
ALA OXT  O  N N 70  
ALA H    H  N N 71  
ALA H2   H  N N 72  
ALA HA   H  N N 73  
ALA HB1  H  N N 74  
ALA HB2  H  N N 75  
ALA HB3  H  N N 76  
ALA HXT  H  N N 77  
ARG N    N  N N 78  
ARG CA   C  N S 79  
ARG C    C  N N 80  
ARG O    O  N N 81  
ARG CB   C  N N 82  
ARG CG   C  N N 83  
ARG CD   C  N N 84  
ARG NE   N  N N 85  
ARG CZ   C  N N 86  
ARG NH1  N  N N 87  
ARG NH2  N  N N 88  
ARG OXT  O  N N 89  
ARG H    H  N N 90  
ARG H2   H  N N 91  
ARG HA   H  N N 92  
ARG HB2  H  N N 93  
ARG HB3  H  N N 94  
ARG HG2  H  N N 95  
ARG HG3  H  N N 96  
ARG HD2  H  N N 97  
ARG HD3  H  N N 98  
ARG HE   H  N N 99  
ARG HH11 H  N N 100 
ARG HH12 H  N N 101 
ARG HH21 H  N N 102 
ARG HH22 H  N N 103 
ARG HXT  H  N N 104 
ASN N    N  N N 105 
ASN CA   C  N S 106 
ASN C    C  N N 107 
ASN O    O  N N 108 
ASN CB   C  N N 109 
ASN CG   C  N N 110 
ASN OD1  O  N N 111 
ASN ND2  N  N N 112 
ASN OXT  O  N N 113 
ASN H    H  N N 114 
ASN H2   H  N N 115 
ASN HA   H  N N 116 
ASN HB2  H  N N 117 
ASN HB3  H  N N 118 
ASN HD21 H  N N 119 
ASN HD22 H  N N 120 
ASN HXT  H  N N 121 
ASP N    N  N N 122 
ASP CA   C  N S 123 
ASP C    C  N N 124 
ASP O    O  N N 125 
ASP CB   C  N N 126 
ASP CG   C  N N 127 
ASP OD1  O  N N 128 
ASP OD2  O  N N 129 
ASP OXT  O  N N 130 
ASP H    H  N N 131 
ASP H2   H  N N 132 
ASP HA   H  N N 133 
ASP HB2  H  N N 134 
ASP HB3  H  N N 135 
ASP HD2  H  N N 136 
ASP HXT  H  N N 137 
CL  CL   CL N N 138 
CYS N    N  N N 139 
CYS CA   C  N R 140 
CYS C    C  N N 141 
CYS O    O  N N 142 
CYS CB   C  N N 143 
CYS SG   S  N N 144 
CYS OXT  O  N N 145 
CYS H    H  N N 146 
CYS H2   H  N N 147 
CYS HA   H  N N 148 
CYS HB2  H  N N 149 
CYS HB3  H  N N 150 
CYS HG   H  N N 151 
CYS HXT  H  N N 152 
GLN N    N  N N 153 
GLN CA   C  N S 154 
GLN C    C  N N 155 
GLN O    O  N N 156 
GLN CB   C  N N 157 
GLN CG   C  N N 158 
GLN CD   C  N N 159 
GLN OE1  O  N N 160 
GLN NE2  N  N N 161 
GLN OXT  O  N N 162 
GLN H    H  N N 163 
GLN H2   H  N N 164 
GLN HA   H  N N 165 
GLN HB2  H  N N 166 
GLN HB3  H  N N 167 
GLN HG2  H  N N 168 
GLN HG3  H  N N 169 
GLN HE21 H  N N 170 
GLN HE22 H  N N 171 
GLN HXT  H  N N 172 
GLU N    N  N N 173 
GLU CA   C  N S 174 
GLU C    C  N N 175 
GLU O    O  N N 176 
GLU CB   C  N N 177 
GLU CG   C  N N 178 
GLU CD   C  N N 179 
GLU OE1  O  N N 180 
GLU OE2  O  N N 181 
GLU OXT  O  N N 182 
GLU H    H  N N 183 
GLU H2   H  N N 184 
GLU HA   H  N N 185 
GLU HB2  H  N N 186 
GLU HB3  H  N N 187 
GLU HG2  H  N N 188 
GLU HG3  H  N N 189 
GLU HE2  H  N N 190 
GLU HXT  H  N N 191 
GLY N    N  N N 192 
GLY CA   C  N N 193 
GLY C    C  N N 194 
GLY O    O  N N 195 
GLY OXT  O  N N 196 
GLY H    H  N N 197 
GLY H2   H  N N 198 
GLY HA2  H  N N 199 
GLY HA3  H  N N 200 
GLY HXT  H  N N 201 
HIS N    N  N N 202 
HIS CA   C  N S 203 
HIS C    C  N N 204 
HIS O    O  N N 205 
HIS CB   C  N N 206 
HIS CG   C  Y N 207 
HIS ND1  N  Y N 208 
HIS CD2  C  Y N 209 
HIS CE1  C  Y N 210 
HIS NE2  N  Y N 211 
HIS OXT  O  N N 212 
HIS H    H  N N 213 
HIS H2   H  N N 214 
HIS HA   H  N N 215 
HIS HB2  H  N N 216 
HIS HB3  H  N N 217 
HIS HD1  H  N N 218 
HIS HD2  H  N N 219 
HIS HE1  H  N N 220 
HIS HE2  H  N N 221 
HIS HXT  H  N N 222 
HOH O    O  N N 223 
HOH H1   H  N N 224 
HOH H2   H  N N 225 
ILE N    N  N N 226 
ILE CA   C  N S 227 
ILE C    C  N N 228 
ILE O    O  N N 229 
ILE CB   C  N S 230 
ILE CG1  C  N N 231 
ILE CG2  C  N N 232 
ILE CD1  C  N N 233 
ILE OXT  O  N N 234 
ILE H    H  N N 235 
ILE H2   H  N N 236 
ILE HA   H  N N 237 
ILE HB   H  N N 238 
ILE HG12 H  N N 239 
ILE HG13 H  N N 240 
ILE HG21 H  N N 241 
ILE HG22 H  N N 242 
ILE HG23 H  N N 243 
ILE HD11 H  N N 244 
ILE HD12 H  N N 245 
ILE HD13 H  N N 246 
ILE HXT  H  N N 247 
LEU N    N  N N 248 
LEU CA   C  N S 249 
LEU C    C  N N 250 
LEU O    O  N N 251 
LEU CB   C  N N 252 
LEU CG   C  N N 253 
LEU CD1  C  N N 254 
LEU CD2  C  N N 255 
LEU OXT  O  N N 256 
LEU H    H  N N 257 
LEU H2   H  N N 258 
LEU HA   H  N N 259 
LEU HB2  H  N N 260 
LEU HB3  H  N N 261 
LEU HG   H  N N 262 
LEU HD11 H  N N 263 
LEU HD12 H  N N 264 
LEU HD13 H  N N 265 
LEU HD21 H  N N 266 
LEU HD22 H  N N 267 
LEU HD23 H  N N 268 
LEU HXT  H  N N 269 
LYS N    N  N N 270 
LYS CA   C  N S 271 
LYS C    C  N N 272 
LYS O    O  N N 273 
LYS CB   C  N N 274 
LYS CG   C  N N 275 
LYS CD   C  N N 276 
LYS CE   C  N N 277 
LYS NZ   N  N N 278 
LYS OXT  O  N N 279 
LYS H    H  N N 280 
LYS H2   H  N N 281 
LYS HA   H  N N 282 
LYS HB2  H  N N 283 
LYS HB3  H  N N 284 
LYS HG2  H  N N 285 
LYS HG3  H  N N 286 
LYS HD2  H  N N 287 
LYS HD3  H  N N 288 
LYS HE2  H  N N 289 
LYS HE3  H  N N 290 
LYS HZ1  H  N N 291 
LYS HZ2  H  N N 292 
LYS HZ3  H  N N 293 
LYS HXT  H  N N 294 
MET N    N  N N 295 
MET CA   C  N S 296 
MET C    C  N N 297 
MET O    O  N N 298 
MET CB   C  N N 299 
MET CG   C  N N 300 
MET SD   S  N N 301 
MET CE   C  N N 302 
MET OXT  O  N N 303 
MET H    H  N N 304 
MET H2   H  N N 305 
MET HA   H  N N 306 
MET HB2  H  N N 307 
MET HB3  H  N N 308 
MET HG2  H  N N 309 
MET HG3  H  N N 310 
MET HE1  H  N N 311 
MET HE2  H  N N 312 
MET HE3  H  N N 313 
MET HXT  H  N N 314 
PHE N    N  N N 315 
PHE CA   C  N S 316 
PHE C    C  N N 317 
PHE O    O  N N 318 
PHE CB   C  N N 319 
PHE CG   C  Y N 320 
PHE CD1  C  Y N 321 
PHE CD2  C  Y N 322 
PHE CE1  C  Y N 323 
PHE CE2  C  Y N 324 
PHE CZ   C  Y N 325 
PHE OXT  O  N N 326 
PHE H    H  N N 327 
PHE H2   H  N N 328 
PHE HA   H  N N 329 
PHE HB2  H  N N 330 
PHE HB3  H  N N 331 
PHE HD1  H  N N 332 
PHE HD2  H  N N 333 
PHE HE1  H  N N 334 
PHE HE2  H  N N 335 
PHE HZ   H  N N 336 
PHE HXT  H  N N 337 
PRO N    N  N N 338 
PRO CA   C  N S 339 
PRO C    C  N N 340 
PRO O    O  N N 341 
PRO CB   C  N N 342 
PRO CG   C  N N 343 
PRO CD   C  N N 344 
PRO OXT  O  N N 345 
PRO H    H  N N 346 
PRO HA   H  N N 347 
PRO HB2  H  N N 348 
PRO HB3  H  N N 349 
PRO HG2  H  N N 350 
PRO HG3  H  N N 351 
PRO HD2  H  N N 352 
PRO HD3  H  N N 353 
PRO HXT  H  N N 354 
SER N    N  N N 355 
SER CA   C  N S 356 
SER C    C  N N 357 
SER O    O  N N 358 
SER CB   C  N N 359 
SER OG   O  N N 360 
SER OXT  O  N N 361 
SER H    H  N N 362 
SER H2   H  N N 363 
SER HA   H  N N 364 
SER HB2  H  N N 365 
SER HB3  H  N N 366 
SER HG   H  N N 367 
SER HXT  H  N N 368 
SO4 S    S  N N 369 
SO4 O1   O  N N 370 
SO4 O2   O  N N 371 
SO4 O3   O  N N 372 
SO4 O4   O  N N 373 
THR N    N  N N 374 
THR CA   C  N S 375 
THR C    C  N N 376 
THR O    O  N N 377 
THR CB   C  N R 378 
THR OG1  O  N N 379 
THR CG2  C  N N 380 
THR OXT  O  N N 381 
THR H    H  N N 382 
THR H2   H  N N 383 
THR HA   H  N N 384 
THR HB   H  N N 385 
THR HG1  H  N N 386 
THR HG21 H  N N 387 
THR HG22 H  N N 388 
THR HG23 H  N N 389 
THR HXT  H  N N 390 
TRP N    N  N N 391 
TRP CA   C  N S 392 
TRP C    C  N N 393 
TRP O    O  N N 394 
TRP CB   C  N N 395 
TRP CG   C  Y N 396 
TRP CD1  C  Y N 397 
TRP CD2  C  Y N 398 
TRP NE1  N  Y N 399 
TRP CE2  C  Y N 400 
TRP CE3  C  Y N 401 
TRP CZ2  C  Y N 402 
TRP CZ3  C  Y N 403 
TRP CH2  C  Y N 404 
TRP OXT  O  N N 405 
TRP H    H  N N 406 
TRP H2   H  N N 407 
TRP HA   H  N N 408 
TRP HB2  H  N N 409 
TRP HB3  H  N N 410 
TRP HD1  H  N N 411 
TRP HE1  H  N N 412 
TRP HE3  H  N N 413 
TRP HZ2  H  N N 414 
TRP HZ3  H  N N 415 
TRP HH2  H  N N 416 
TRP HXT  H  N N 417 
TYR N    N  N N 418 
TYR CA   C  N S 419 
TYR C    C  N N 420 
TYR O    O  N N 421 
TYR CB   C  N N 422 
TYR CG   C  Y N 423 
TYR CD1  C  Y N 424 
TYR CD2  C  Y N 425 
TYR CE1  C  Y N 426 
TYR CE2  C  Y N 427 
TYR CZ   C  Y N 428 
TYR OH   O  N N 429 
TYR OXT  O  N N 430 
TYR H    H  N N 431 
TYR H2   H  N N 432 
TYR HA   H  N N 433 
TYR HB2  H  N N 434 
TYR HB3  H  N N 435 
TYR HD1  H  N N 436 
TYR HD2  H  N N 437 
TYR HE1  H  N N 438 
TYR HE2  H  N N 439 
TYR HH   H  N N 440 
TYR HXT  H  N N 441 
VAL N    N  N N 442 
VAL CA   C  N S 443 
VAL C    C  N N 444 
VAL O    O  N N 445 
VAL CB   C  N N 446 
VAL CG1  C  N N 447 
VAL CG2  C  N N 448 
VAL OXT  O  N N 449 
VAL H    H  N N 450 
VAL H2   H  N N 451 
VAL HA   H  N N 452 
VAL HB   H  N N 453 
VAL HG11 H  N N 454 
VAL HG12 H  N N 455 
VAL HG13 H  N N 456 
VAL HG21 H  N N 457 
VAL HG22 H  N N 458 
VAL HG23 H  N N 459 
VAL HXT  H  N N 460 
# 
loop_
_chem_comp_bond.comp_id 
_chem_comp_bond.atom_id_1 
_chem_comp_bond.atom_id_2 
_chem_comp_bond.value_order 
_chem_comp_bond.pdbx_aromatic_flag 
_chem_comp_bond.pdbx_stereo_config 
_chem_comp_bond.pdbx_ordinal 
9PA C2  O1   sing N N 1   
9PA O1  HO1  sing N N 2   
9PA C4  C2   sing N N 3   
9PA C2  O3   doub N N 4   
9PA C5  C4   doub Y N 5   
9PA C12 C4   sing Y N 6   
9PA C9  C5   sing Y N 7   
9PA C5  O6   sing N N 8   
9PA C7  O6   sing N N 9   
9PA O8  C7   sing N N 10  
9PA C7  H7   sing N N 11  
9PA C7  H7A  sing N N 12  
9PA O8  C9   sing N N 13  
9PA C10 C9   doub Y N 14  
9PA C10 C11  sing Y N 15  
9PA C10 H10  sing N N 16  
9PA C11 C12  doub Y N 17  
9PA C11 H11  sing N N 18  
9PA C12 C13  sing N N 19  
9PA C14 C13  sing N N 20  
9PA C13 H13  sing N N 21  
9PA C13 H13A sing N N 22  
9PA C15 C14  sing N N 23  
9PA C14 C24  sing N N 24  
9PA C14 H14  sing N N 25  
9PA C15 N16  sing N N 26  
9PA C15 H15  sing N N 27  
9PA C15 H15A sing N N 28  
9PA N16 C17  sing N N 29  
9PA N16 HN16 sing N N 30  
9PA O18 C17  doub N N 31  
9PA C17 C19  sing N N 32  
9PA C19 C20  sing N N 33  
9PA C19 H19  sing N N 34  
9PA C19 H19A sing N N 35  
9PA C20 C21  sing N N 36  
9PA C20 H20  sing N N 37  
9PA C20 H20A sing N N 38  
9PA C21 C22  sing N N 39  
9PA C21 H21  sing N N 40  
9PA C21 H21A sing N N 41  
9PA C22 N23  sing N N 42  
9PA C22 H22  sing N N 43  
9PA C22 H22A sing N N 44  
9PA N23 HN23 sing N N 45  
9PA N23 HN2A sing N N 46  
9PA C24 C25  sing N N 47  
9PA C24 H24  sing N N 48  
9PA C24 H24A sing N N 49  
9PA C26 C25  sing N N 50  
9PA C25 C27  sing N N 51  
9PA C25 H25  sing N N 52  
9PA C26 H26  sing N N 53  
9PA C26 H26A sing N N 54  
9PA C26 H26B sing N N 55  
9PA C27 H27  sing N N 56  
9PA C27 H27A sing N N 57  
9PA C27 H27B sing N N 58  
ACT C   O    doub N N 59  
ACT C   OXT  sing N N 60  
ACT C   CH3  sing N N 61  
ACT CH3 H1   sing N N 62  
ACT CH3 H2   sing N N 63  
ACT CH3 H3   sing N N 64  
ALA N   CA   sing N N 65  
ALA N   H    sing N N 66  
ALA N   H2   sing N N 67  
ALA CA  C    sing N N 68  
ALA CA  CB   sing N N 69  
ALA CA  HA   sing N N 70  
ALA C   O    doub N N 71  
ALA C   OXT  sing N N 72  
ALA CB  HB1  sing N N 73  
ALA CB  HB2  sing N N 74  
ALA CB  HB3  sing N N 75  
ALA OXT HXT  sing N N 76  
ARG N   CA   sing N N 77  
ARG N   H    sing N N 78  
ARG N   H2   sing N N 79  
ARG CA  C    sing N N 80  
ARG CA  CB   sing N N 81  
ARG CA  HA   sing N N 82  
ARG C   O    doub N N 83  
ARG C   OXT  sing N N 84  
ARG CB  CG   sing N N 85  
ARG CB  HB2  sing N N 86  
ARG CB  HB3  sing N N 87  
ARG CG  CD   sing N N 88  
ARG CG  HG2  sing N N 89  
ARG CG  HG3  sing N N 90  
ARG CD  NE   sing N N 91  
ARG CD  HD2  sing N N 92  
ARG CD  HD3  sing N N 93  
ARG NE  CZ   sing N N 94  
ARG NE  HE   sing N N 95  
ARG CZ  NH1  sing N N 96  
ARG CZ  NH2  doub N N 97  
ARG NH1 HH11 sing N N 98  
ARG NH1 HH12 sing N N 99  
ARG NH2 HH21 sing N N 100 
ARG NH2 HH22 sing N N 101 
ARG OXT HXT  sing N N 102 
ASN N   CA   sing N N 103 
ASN N   H    sing N N 104 
ASN N   H2   sing N N 105 
ASN CA  C    sing N N 106 
ASN CA  CB   sing N N 107 
ASN CA  HA   sing N N 108 
ASN C   O    doub N N 109 
ASN C   OXT  sing N N 110 
ASN CB  CG   sing N N 111 
ASN CB  HB2  sing N N 112 
ASN CB  HB3  sing N N 113 
ASN CG  OD1  doub N N 114 
ASN CG  ND2  sing N N 115 
ASN ND2 HD21 sing N N 116 
ASN ND2 HD22 sing N N 117 
ASN OXT HXT  sing N N 118 
ASP N   CA   sing N N 119 
ASP N   H    sing N N 120 
ASP N   H2   sing N N 121 
ASP CA  C    sing N N 122 
ASP CA  CB   sing N N 123 
ASP CA  HA   sing N N 124 
ASP C   O    doub N N 125 
ASP C   OXT  sing N N 126 
ASP CB  CG   sing N N 127 
ASP CB  HB2  sing N N 128 
ASP CB  HB3  sing N N 129 
ASP CG  OD1  doub N N 130 
ASP CG  OD2  sing N N 131 
ASP OD2 HD2  sing N N 132 
ASP OXT HXT  sing N N 133 
CYS N   CA   sing N N 134 
CYS N   H    sing N N 135 
CYS N   H2   sing N N 136 
CYS CA  C    sing N N 137 
CYS CA  CB   sing N N 138 
CYS CA  HA   sing N N 139 
CYS C   O    doub N N 140 
CYS C   OXT  sing N N 141 
CYS CB  SG   sing N N 142 
CYS CB  HB2  sing N N 143 
CYS CB  HB3  sing N N 144 
CYS SG  HG   sing N N 145 
CYS OXT HXT  sing N N 146 
GLN N   CA   sing N N 147 
GLN N   H    sing N N 148 
GLN N   H2   sing N N 149 
GLN CA  C    sing N N 150 
GLN CA  CB   sing N N 151 
GLN CA  HA   sing N N 152 
GLN C   O    doub N N 153 
GLN C   OXT  sing N N 154 
GLN CB  CG   sing N N 155 
GLN CB  HB2  sing N N 156 
GLN CB  HB3  sing N N 157 
GLN CG  CD   sing N N 158 
GLN CG  HG2  sing N N 159 
GLN CG  HG3  sing N N 160 
GLN CD  OE1  doub N N 161 
GLN CD  NE2  sing N N 162 
GLN NE2 HE21 sing N N 163 
GLN NE2 HE22 sing N N 164 
GLN OXT HXT  sing N N 165 
GLU N   CA   sing N N 166 
GLU N   H    sing N N 167 
GLU N   H2   sing N N 168 
GLU CA  C    sing N N 169 
GLU CA  CB   sing N N 170 
GLU CA  HA   sing N N 171 
GLU C   O    doub N N 172 
GLU C   OXT  sing N N 173 
GLU CB  CG   sing N N 174 
GLU CB  HB2  sing N N 175 
GLU CB  HB3  sing N N 176 
GLU CG  CD   sing N N 177 
GLU CG  HG2  sing N N 178 
GLU CG  HG3  sing N N 179 
GLU CD  OE1  doub N N 180 
GLU CD  OE2  sing N N 181 
GLU OE2 HE2  sing N N 182 
GLU OXT HXT  sing N N 183 
GLY N   CA   sing N N 184 
GLY N   H    sing N N 185 
GLY N   H2   sing N N 186 
GLY CA  C    sing N N 187 
GLY CA  HA2  sing N N 188 
GLY CA  HA3  sing N N 189 
GLY C   O    doub N N 190 
GLY C   OXT  sing N N 191 
GLY OXT HXT  sing N N 192 
HIS N   CA   sing N N 193 
HIS N   H    sing N N 194 
HIS N   H2   sing N N 195 
HIS CA  C    sing N N 196 
HIS CA  CB   sing N N 197 
HIS CA  HA   sing N N 198 
HIS C   O    doub N N 199 
HIS C   OXT  sing N N 200 
HIS CB  CG   sing N N 201 
HIS CB  HB2  sing N N 202 
HIS CB  HB3  sing N N 203 
HIS CG  ND1  sing Y N 204 
HIS CG  CD2  doub Y N 205 
HIS ND1 CE1  doub Y N 206 
HIS ND1 HD1  sing N N 207 
HIS CD2 NE2  sing Y N 208 
HIS CD2 HD2  sing N N 209 
HIS CE1 NE2  sing Y N 210 
HIS CE1 HE1  sing N N 211 
HIS NE2 HE2  sing N N 212 
HIS OXT HXT  sing N N 213 
HOH O   H1   sing N N 214 
HOH O   H2   sing N N 215 
ILE N   CA   sing N N 216 
ILE N   H    sing N N 217 
ILE N   H2   sing N N 218 
ILE CA  C    sing N N 219 
ILE CA  CB   sing N N 220 
ILE CA  HA   sing N N 221 
ILE C   O    doub N N 222 
ILE C   OXT  sing N N 223 
ILE CB  CG1  sing N N 224 
ILE CB  CG2  sing N N 225 
ILE CB  HB   sing N N 226 
ILE CG1 CD1  sing N N 227 
ILE CG1 HG12 sing N N 228 
ILE CG1 HG13 sing N N 229 
ILE CG2 HG21 sing N N 230 
ILE CG2 HG22 sing N N 231 
ILE CG2 HG23 sing N N 232 
ILE CD1 HD11 sing N N 233 
ILE CD1 HD12 sing N N 234 
ILE CD1 HD13 sing N N 235 
ILE OXT HXT  sing N N 236 
LEU N   CA   sing N N 237 
LEU N   H    sing N N 238 
LEU N   H2   sing N N 239 
LEU CA  C    sing N N 240 
LEU CA  CB   sing N N 241 
LEU CA  HA   sing N N 242 
LEU C   O    doub N N 243 
LEU C   OXT  sing N N 244 
LEU CB  CG   sing N N 245 
LEU CB  HB2  sing N N 246 
LEU CB  HB3  sing N N 247 
LEU CG  CD1  sing N N 248 
LEU CG  CD2  sing N N 249 
LEU CG  HG   sing N N 250 
LEU CD1 HD11 sing N N 251 
LEU CD1 HD12 sing N N 252 
LEU CD1 HD13 sing N N 253 
LEU CD2 HD21 sing N N 254 
LEU CD2 HD22 sing N N 255 
LEU CD2 HD23 sing N N 256 
LEU OXT HXT  sing N N 257 
LYS N   CA   sing N N 258 
LYS N   H    sing N N 259 
LYS N   H2   sing N N 260 
LYS CA  C    sing N N 261 
LYS CA  CB   sing N N 262 
LYS CA  HA   sing N N 263 
LYS C   O    doub N N 264 
LYS C   OXT  sing N N 265 
LYS CB  CG   sing N N 266 
LYS CB  HB2  sing N N 267 
LYS CB  HB3  sing N N 268 
LYS CG  CD   sing N N 269 
LYS CG  HG2  sing N N 270 
LYS CG  HG3  sing N N 271 
LYS CD  CE   sing N N 272 
LYS CD  HD2  sing N N 273 
LYS CD  HD3  sing N N 274 
LYS CE  NZ   sing N N 275 
LYS CE  HE2  sing N N 276 
LYS CE  HE3  sing N N 277 
LYS NZ  HZ1  sing N N 278 
LYS NZ  HZ2  sing N N 279 
LYS NZ  HZ3  sing N N 280 
LYS OXT HXT  sing N N 281 
MET N   CA   sing N N 282 
MET N   H    sing N N 283 
MET N   H2   sing N N 284 
MET CA  C    sing N N 285 
MET CA  CB   sing N N 286 
MET CA  HA   sing N N 287 
MET C   O    doub N N 288 
MET C   OXT  sing N N 289 
MET CB  CG   sing N N 290 
MET CB  HB2  sing N N 291 
MET CB  HB3  sing N N 292 
MET CG  SD   sing N N 293 
MET CG  HG2  sing N N 294 
MET CG  HG3  sing N N 295 
MET SD  CE   sing N N 296 
MET CE  HE1  sing N N 297 
MET CE  HE2  sing N N 298 
MET CE  HE3  sing N N 299 
MET OXT HXT  sing N N 300 
PHE N   CA   sing N N 301 
PHE N   H    sing N N 302 
PHE N   H2   sing N N 303 
PHE CA  C    sing N N 304 
PHE CA  CB   sing N N 305 
PHE CA  HA   sing N N 306 
PHE C   O    doub N N 307 
PHE C   OXT  sing N N 308 
PHE CB  CG   sing N N 309 
PHE CB  HB2  sing N N 310 
PHE CB  HB3  sing N N 311 
PHE CG  CD1  doub Y N 312 
PHE CG  CD2  sing Y N 313 
PHE CD1 CE1  sing Y N 314 
PHE CD1 HD1  sing N N 315 
PHE CD2 CE2  doub Y N 316 
PHE CD2 HD2  sing N N 317 
PHE CE1 CZ   doub Y N 318 
PHE CE1 HE1  sing N N 319 
PHE CE2 CZ   sing Y N 320 
PHE CE2 HE2  sing N N 321 
PHE CZ  HZ   sing N N 322 
PHE OXT HXT  sing N N 323 
PRO N   CA   sing N N 324 
PRO N   CD   sing N N 325 
PRO N   H    sing N N 326 
PRO CA  C    sing N N 327 
PRO CA  CB   sing N N 328 
PRO CA  HA   sing N N 329 
PRO C   O    doub N N 330 
PRO C   OXT  sing N N 331 
PRO CB  CG   sing N N 332 
PRO CB  HB2  sing N N 333 
PRO CB  HB3  sing N N 334 
PRO CG  CD   sing N N 335 
PRO CG  HG2  sing N N 336 
PRO CG  HG3  sing N N 337 
PRO CD  HD2  sing N N 338 
PRO CD  HD3  sing N N 339 
PRO OXT HXT  sing N N 340 
SER N   CA   sing N N 341 
SER N   H    sing N N 342 
SER N   H2   sing N N 343 
SER CA  C    sing N N 344 
SER CA  CB   sing N N 345 
SER CA  HA   sing N N 346 
SER C   O    doub N N 347 
SER C   OXT  sing N N 348 
SER CB  OG   sing N N 349 
SER CB  HB2  sing N N 350 
SER CB  HB3  sing N N 351 
SER OG  HG   sing N N 352 
SER OXT HXT  sing N N 353 
SO4 S   O1   doub N N 354 
SO4 S   O2   doub N N 355 
SO4 S   O3   sing N N 356 
SO4 S   O4   sing N N 357 
THR N   CA   sing N N 358 
THR N   H    sing N N 359 
THR N   H2   sing N N 360 
THR CA  C    sing N N 361 
THR CA  CB   sing N N 362 
THR CA  HA   sing N N 363 
THR C   O    doub N N 364 
THR C   OXT  sing N N 365 
THR CB  OG1  sing N N 366 
THR CB  CG2  sing N N 367 
THR CB  HB   sing N N 368 
THR OG1 HG1  sing N N 369 
THR CG2 HG21 sing N N 370 
THR CG2 HG22 sing N N 371 
THR CG2 HG23 sing N N 372 
THR OXT HXT  sing N N 373 
TRP N   CA   sing N N 374 
TRP N   H    sing N N 375 
TRP N   H2   sing N N 376 
TRP CA  C    sing N N 377 
TRP CA  CB   sing N N 378 
TRP CA  HA   sing N N 379 
TRP C   O    doub N N 380 
TRP C   OXT  sing N N 381 
TRP CB  CG   sing N N 382 
TRP CB  HB2  sing N N 383 
TRP CB  HB3  sing N N 384 
TRP CG  CD1  doub Y N 385 
TRP CG  CD2  sing Y N 386 
TRP CD1 NE1  sing Y N 387 
TRP CD1 HD1  sing N N 388 
TRP CD2 CE2  doub Y N 389 
TRP CD2 CE3  sing Y N 390 
TRP NE1 CE2  sing Y N 391 
TRP NE1 HE1  sing N N 392 
TRP CE2 CZ2  sing Y N 393 
TRP CE3 CZ3  doub Y N 394 
TRP CE3 HE3  sing N N 395 
TRP CZ2 CH2  doub Y N 396 
TRP CZ2 HZ2  sing N N 397 
TRP CZ3 CH2  sing Y N 398 
TRP CZ3 HZ3  sing N N 399 
TRP CH2 HH2  sing N N 400 
TRP OXT HXT  sing N N 401 
TYR N   CA   sing N N 402 
TYR N   H    sing N N 403 
TYR N   H2   sing N N 404 
TYR CA  C    sing N N 405 
TYR CA  CB   sing N N 406 
TYR CA  HA   sing N N 407 
TYR C   O    doub N N 408 
TYR C   OXT  sing N N 409 
TYR CB  CG   sing N N 410 
TYR CB  HB2  sing N N 411 
TYR CB  HB3  sing N N 412 
TYR CG  CD1  doub Y N 413 
TYR CG  CD2  sing Y N 414 
TYR CD1 CE1  sing Y N 415 
TYR CD1 HD1  sing N N 416 
TYR CD2 CE2  doub Y N 417 
TYR CD2 HD2  sing N N 418 
TYR CE1 CZ   doub Y N 419 
TYR CE1 HE1  sing N N 420 
TYR CE2 CZ   sing Y N 421 
TYR CE2 HE2  sing N N 422 
TYR CZ  OH   sing N N 423 
TYR OH  HH   sing N N 424 
TYR OXT HXT  sing N N 425 
VAL N   CA   sing N N 426 
VAL N   H    sing N N 427 
VAL N   H2   sing N N 428 
VAL CA  C    sing N N 429 
VAL CA  CB   sing N N 430 
VAL CA  HA   sing N N 431 
VAL C   O    doub N N 432 
VAL C   OXT  sing N N 433 
VAL CB  CG1  sing N N 434 
VAL CB  CG2  sing N N 435 
VAL CB  HB   sing N N 436 
VAL CG1 HG11 sing N N 437 
VAL CG1 HG12 sing N N 438 
VAL CG1 HG13 sing N N 439 
VAL CG2 HG21 sing N N 440 
VAL CG2 HG22 sing N N 441 
VAL CG2 HG23 sing N N 442 
VAL OXT HXT  sing N N 443 
# 
loop_
_pdbx_entity_nonpoly.entity_id 
_pdbx_entity_nonpoly.name 
_pdbx_entity_nonpoly.comp_id 
2 'SULFATE ION'                                                                                    SO4 
3 'CHLORIDE ION'                                                                                   CL  
4 'ACETATE ION'                                                                                    ACT 
5 '5-[(2S)-2-{[(5-aminopentanoyl)amino]methyl}-4-methylpentyl]-1,3-benzodioxole-4-carboxylic acid' 9PA 
6 water                                                                                            HOH 
# 
_pdbx_initial_refinement_model.id               1 
_pdbx_initial_refinement_model.entity_id_list   ? 
_pdbx_initial_refinement_model.type             'experimental model' 
_pdbx_initial_refinement_model.source_name      PDB 
_pdbx_initial_refinement_model.accession_code   3ZSQ 
_pdbx_initial_refinement_model.details          'PDB ENTRY 3ZSQ' 
# 
